data_1WF1
#
_entry.id   1WF1
#
_entity_poly.entity_id   1
_entity_poly.type   'polypeptide(L)'
_entity_poly.pdbx_seq_one_letter_code
;GSSGSSGMSLKLQASNVTNKNDPKSINSRVFIGNLNTALVKKSDVETIFSKYGRVAGCSVHKGYAFVQYSNERHARAAVL
GENGRVLAGQTLDINMAGEPKPDRSGPSSG
;
_entity_poly.pdbx_strand_id   A
#
# COMPACT_ATOMS: atom_id res chain seq x y z
N GLY A 1 -21.05 -10.16 -33.41
CA GLY A 1 -20.00 -9.82 -32.47
C GLY A 1 -19.63 -11.02 -31.60
N SER A 2 -18.37 -11.05 -31.20
CA SER A 2 -17.87 -12.13 -30.37
C SER A 2 -16.94 -11.57 -29.29
N SER A 3 -16.85 -12.30 -28.18
CA SER A 3 -16.01 -11.89 -27.08
C SER A 3 -15.43 -13.12 -26.38
N GLY A 4 -14.12 -13.10 -26.16
CA GLY A 4 -13.45 -14.19 -25.50
C GLY A 4 -13.30 -13.93 -24.01
N SER A 5 -12.77 -14.93 -23.30
CA SER A 5 -12.57 -14.81 -21.87
C SER A 5 -11.29 -14.02 -21.59
N SER A 6 -11.42 -13.05 -20.70
CA SER A 6 -10.29 -12.21 -20.33
C SER A 6 -10.00 -12.35 -18.84
N GLY A 7 -11.02 -12.01 -18.04
CA GLY A 7 -10.89 -12.09 -16.60
C GLY A 7 -11.72 -13.24 -16.04
N MET A 8 -11.05 -14.08 -15.26
CA MET A 8 -11.70 -15.23 -14.66
C MET A 8 -10.82 -15.88 -13.59
N SER A 9 -9.67 -16.34 -14.03
CA SER A 9 -8.72 -16.99 -13.13
C SER A 9 -8.47 -16.10 -11.92
N LEU A 10 -8.56 -16.71 -10.74
CA LEU A 10 -8.35 -15.99 -9.50
C LEU A 10 -7.83 -16.96 -8.43
N LYS A 11 -6.52 -17.00 -8.31
CA LYS A 11 -5.88 -17.88 -7.33
C LYS A 11 -5.24 -17.04 -6.23
N LEU A 12 -5.26 -17.57 -5.02
CA LEU A 12 -4.68 -16.88 -3.89
C LEU A 12 -3.27 -17.42 -3.64
N GLN A 13 -3.20 -18.70 -3.31
CA GLN A 13 -1.93 -19.34 -3.04
C GLN A 13 -1.28 -18.74 -1.78
N ALA A 14 -0.24 -19.41 -1.31
CA ALA A 14 0.46 -18.96 -0.12
C ALA A 14 -0.52 -18.89 1.04
N SER A 15 -0.72 -20.03 1.68
CA SER A 15 -1.63 -20.11 2.81
C SER A 15 -1.28 -21.32 3.68
N ASN A 16 -0.31 -21.14 4.55
CA ASN A 16 0.12 -22.20 5.44
C ASN A 16 1.29 -21.71 6.29
N VAL A 17 1.53 -22.41 7.39
CA VAL A 17 2.60 -22.07 8.29
C VAL A 17 2.35 -20.67 8.88
N THR A 18 2.60 -20.55 10.17
CA THR A 18 2.41 -19.28 10.85
C THR A 18 3.38 -18.23 10.31
N ASN A 19 3.16 -17.00 10.75
CA ASN A 19 4.01 -15.90 10.32
C ASN A 19 3.77 -14.69 11.23
N LYS A 20 4.71 -13.75 11.19
CA LYS A 20 4.62 -12.55 12.00
C LYS A 20 4.10 -11.40 11.14
N ASN A 21 2.88 -11.55 10.65
CA ASN A 21 2.27 -10.53 9.82
C ASN A 21 0.82 -10.31 10.27
N ASP A 22 0.29 -9.16 9.89
CA ASP A 22 -1.08 -8.80 10.26
C ASP A 22 -1.96 -8.82 8.99
N PRO A 23 -2.83 -9.86 8.92
CA PRO A 23 -3.72 -10.01 7.79
C PRO A 23 -4.87 -9.00 7.86
N LYS A 24 -4.85 -8.20 8.92
CA LYS A 24 -5.88 -7.20 9.12
C LYS A 24 -5.57 -5.98 8.24
N SER A 25 -6.61 -5.52 7.55
CA SER A 25 -6.46 -4.37 6.67
C SER A 25 -5.58 -4.73 5.48
N ILE A 26 -5.58 -6.01 5.15
CA ILE A 26 -4.77 -6.50 4.03
C ILE A 26 -5.66 -6.62 2.79
N ASN A 27 -6.96 -6.70 3.03
CA ASN A 27 -7.93 -6.81 1.94
C ASN A 27 -7.62 -5.74 0.90
N SER A 28 -7.72 -4.49 1.32
CA SER A 28 -7.46 -3.38 0.42
C SER A 28 -6.45 -2.42 1.06
N ARG A 29 -5.20 -2.57 0.63
CA ARG A 29 -4.14 -1.72 1.16
C ARG A 29 -3.09 -1.47 0.07
N VAL A 30 -2.38 -0.36 0.23
CA VAL A 30 -1.35 0.00 -0.72
C VAL A 30 -0.08 0.42 0.03
N PHE A 31 1.05 0.06 -0.54
CA PHE A 31 2.34 0.39 0.07
C PHE A 31 3.11 1.39 -0.79
N ILE A 32 3.10 2.63 -0.34
CA ILE A 32 3.79 3.70 -1.05
C ILE A 32 5.24 3.76 -0.57
N GLY A 33 6.15 3.39 -1.47
CA GLY A 33 7.56 3.40 -1.15
C GLY A 33 8.29 4.53 -1.89
N ASN A 34 9.60 4.49 -1.82
CA ASN A 34 10.43 5.49 -2.49
C ASN A 34 9.77 6.87 -2.30
N LEU A 35 9.14 7.04 -1.16
CA LEU A 35 8.48 8.30 -0.84
C LEU A 35 9.38 9.15 0.05
N ASN A 36 9.76 10.30 -0.46
CA ASN A 36 10.62 11.21 0.28
C ASN A 36 10.08 11.37 1.70
N THR A 37 8.76 11.34 1.81
CA THR A 37 8.10 11.48 3.09
C THR A 37 8.73 12.63 3.88
N ALA A 38 9.32 13.56 3.14
CA ALA A 38 9.95 14.72 3.75
C ALA A 38 9.08 15.96 3.52
N LEU A 39 8.41 15.96 2.38
CA LEU A 39 7.55 17.07 2.02
C LEU A 39 6.10 16.59 1.94
N VAL A 40 5.94 15.38 1.39
CA VAL A 40 4.63 14.79 1.26
C VAL A 40 4.09 14.41 2.64
N LYS A 41 2.89 14.87 2.93
CA LYS A 41 2.26 14.59 4.20
C LYS A 41 1.21 13.49 4.01
N LYS A 42 0.54 13.15 5.11
CA LYS A 42 -0.49 12.14 5.07
C LYS A 42 -1.80 12.76 4.60
N SER A 43 -2.05 13.98 5.05
CA SER A 43 -3.26 14.68 4.68
C SER A 43 -3.25 14.97 3.17
N ASP A 44 -2.06 15.22 2.66
CA ASP A 44 -1.91 15.50 1.24
C ASP A 44 -2.06 14.20 0.44
N VAL A 45 -1.14 13.30 0.66
CA VAL A 45 -1.17 12.01 -0.02
C VAL A 45 -2.58 11.44 0.03
N GLU A 46 -3.30 11.83 1.07
CA GLU A 46 -4.66 11.36 1.26
C GLU A 46 -5.56 11.88 0.13
N THR A 47 -5.50 13.19 -0.07
CA THR A 47 -6.30 13.82 -1.11
C THR A 47 -5.78 13.43 -2.50
N ILE A 48 -4.57 12.88 -2.50
CA ILE A 48 -3.96 12.47 -3.75
C ILE A 48 -4.55 11.13 -4.19
N PHE A 49 -4.58 10.20 -3.25
CA PHE A 49 -5.13 8.88 -3.52
C PHE A 49 -6.64 8.85 -3.32
N SER A 50 -7.08 9.66 -2.36
CA SER A 50 -8.51 9.74 -2.06
C SER A 50 -9.33 9.69 -3.35
N LYS A 51 -8.72 10.20 -4.41
CA LYS A 51 -9.38 10.22 -5.71
C LYS A 51 -9.87 8.82 -6.05
N TYR A 52 -8.99 7.85 -5.87
CA TYR A 52 -9.32 6.47 -6.16
C TYR A 52 -10.44 5.97 -5.24
N GLY A 53 -10.67 6.73 -4.18
CA GLY A 53 -11.71 6.38 -3.22
C GLY A 53 -11.23 6.61 -1.78
N ARG A 54 -12.15 7.08 -0.96
CA ARG A 54 -11.84 7.35 0.44
C ARG A 54 -11.04 6.18 1.03
N VAL A 55 -9.89 6.52 1.59
CA VAL A 55 -9.03 5.52 2.19
C VAL A 55 -9.50 5.24 3.62
N ALA A 56 -9.65 3.96 3.91
CA ALA A 56 -10.11 3.54 5.23
C ALA A 56 -9.10 4.02 6.28
N GLY A 57 -7.83 4.01 5.88
CA GLY A 57 -6.77 4.43 6.78
C GLY A 57 -5.45 4.63 6.02
N CYS A 58 -4.82 5.76 6.26
CA CYS A 58 -3.56 6.08 5.61
C CYS A 58 -2.51 6.34 6.69
N SER A 59 -1.28 6.01 6.36
CA SER A 59 -0.18 6.21 7.30
C SER A 59 1.09 6.58 6.53
N VAL A 60 1.62 7.76 6.86
CA VAL A 60 2.83 8.25 6.22
C VAL A 60 4.03 7.97 7.12
N HIS A 61 4.99 7.24 6.56
CA HIS A 61 6.19 6.90 7.30
C HIS A 61 7.41 7.54 6.63
N LYS A 62 8.48 7.67 7.41
CA LYS A 62 9.70 8.26 6.90
C LYS A 62 10.38 7.28 5.94
N GLY A 63 10.07 7.46 4.66
CA GLY A 63 10.65 6.60 3.63
C GLY A 63 9.55 5.97 2.77
N TYR A 64 8.37 5.85 3.37
CA TYR A 64 7.24 5.27 2.68
C TYR A 64 5.91 5.65 3.36
N ALA A 65 4.83 5.30 2.71
CA ALA A 65 3.51 5.61 3.23
C ALA A 65 2.54 4.48 2.85
N PHE A 66 1.56 4.28 3.72
CA PHE A 66 0.56 3.24 3.50
C PHE A 66 -0.82 3.85 3.29
N VAL A 67 -1.65 3.12 2.55
CA VAL A 67 -3.00 3.57 2.26
C VAL A 67 -3.95 2.38 2.31
N GLN A 68 -5.04 2.55 3.04
CA GLN A 68 -6.03 1.49 3.16
C GLN A 68 -7.35 1.92 2.50
N TYR A 69 -8.01 0.95 1.89
CA TYR A 69 -9.27 1.21 1.23
C TYR A 69 -10.36 0.24 1.70
N SER A 70 -11.58 0.49 1.25
CA SER A 70 -12.70 -0.34 1.62
C SER A 70 -12.84 -1.51 0.64
N ASN A 71 -12.65 -1.19 -0.63
CA ASN A 71 -12.75 -2.19 -1.68
C ASN A 71 -11.35 -2.52 -2.19
N GLU A 72 -11.24 -3.72 -2.76
CA GLU A 72 -9.96 -4.17 -3.30
C GLU A 72 -9.65 -3.45 -4.61
N ARG A 73 -10.69 -2.86 -5.19
CA ARG A 73 -10.54 -2.14 -6.44
C ARG A 73 -10.02 -0.73 -6.18
N HIS A 74 -10.62 -0.09 -5.19
CA HIS A 74 -10.23 1.27 -4.83
C HIS A 74 -8.72 1.31 -4.58
N ALA A 75 -8.15 0.14 -4.31
CA ALA A 75 -6.73 0.03 -4.05
C ALA A 75 -5.98 -0.07 -5.37
N ARG A 76 -6.26 -1.16 -6.09
CA ARG A 76 -5.63 -1.39 -7.38
C ARG A 76 -5.58 -0.10 -8.19
N ALA A 77 -6.70 0.61 -8.17
CA ALA A 77 -6.79 1.87 -8.90
C ALA A 77 -5.70 2.82 -8.41
N ALA A 78 -5.59 2.93 -7.10
CA ALA A 78 -4.61 3.80 -6.49
C ALA A 78 -3.21 3.19 -6.67
N VAL A 79 -3.20 1.86 -6.76
CA VAL A 79 -1.95 1.15 -6.93
C VAL A 79 -1.31 1.55 -8.26
N LEU A 80 -1.96 1.15 -9.34
CA LEU A 80 -1.47 1.48 -10.66
C LEU A 80 -1.62 2.98 -10.92
N GLY A 81 -2.76 3.50 -10.51
CA GLY A 81 -3.04 4.92 -10.68
C GLY A 81 -1.87 5.77 -10.20
N GLU A 82 -1.26 5.34 -9.10
CA GLU A 82 -0.13 6.04 -8.54
C GLU A 82 1.18 5.40 -8.97
N ASN A 83 1.27 4.10 -8.70
CA ASN A 83 2.46 3.34 -9.05
C ASN A 83 2.98 3.81 -10.41
N GLY A 84 4.19 4.35 -10.40
CA GLY A 84 4.81 4.85 -11.61
C GLY A 84 5.02 6.36 -11.55
N ARG A 85 4.24 7.00 -10.67
CA ARG A 85 4.33 8.44 -10.50
C ARG A 85 5.68 8.81 -9.88
N VAL A 86 6.07 10.06 -10.10
CA VAL A 86 7.32 10.56 -9.57
C VAL A 86 7.03 11.69 -8.58
N LEU A 87 7.86 11.75 -7.55
CA LEU A 87 7.71 12.77 -6.53
C LEU A 87 9.08 13.11 -5.94
N ALA A 88 9.50 14.35 -6.18
CA ALA A 88 10.79 14.81 -5.69
C ALA A 88 11.89 14.42 -6.68
N GLY A 89 11.49 13.60 -7.65
CA GLY A 89 12.43 13.16 -8.67
C GLY A 89 12.45 11.63 -8.76
N GLN A 90 12.03 11.00 -7.66
CA GLN A 90 12.01 9.55 -7.60
C GLN A 90 10.63 9.03 -8.02
N THR A 91 10.63 7.84 -8.61
CA THR A 91 9.39 7.22 -9.05
C THR A 91 8.72 6.48 -7.89
N LEU A 92 7.66 7.09 -7.38
CA LEU A 92 6.92 6.50 -6.28
C LEU A 92 6.68 5.02 -6.56
N ASP A 93 7.34 4.18 -5.76
CA ASP A 93 7.20 2.74 -5.92
C ASP A 93 6.05 2.25 -5.05
N ILE A 94 4.91 2.03 -5.69
CA ILE A 94 3.73 1.56 -4.99
C ILE A 94 3.40 0.14 -5.46
N ASN A 95 2.75 -0.61 -4.58
CA ASN A 95 2.38 -1.98 -4.89
C ASN A 95 1.31 -2.44 -3.90
N MET A 96 0.65 -3.53 -4.26
CA MET A 96 -0.39 -4.09 -3.41
C MET A 96 0.20 -4.69 -2.13
N ALA A 97 -0.51 -4.47 -1.04
CA ALA A 97 -0.07 -4.98 0.26
C ALA A 97 -0.30 -6.49 0.31
N GLY A 98 0.77 -7.20 0.64
CA GLY A 98 0.70 -8.66 0.72
C GLY A 98 1.96 -9.29 0.14
N GLU A 99 3.00 -9.32 0.95
CA GLU A 99 4.26 -9.92 0.53
C GLU A 99 4.63 -11.11 1.42
N PRO A 100 5.20 -12.15 0.78
CA PRO A 100 5.60 -13.35 1.50
C PRO A 100 6.87 -13.10 2.32
N LYS A 101 7.50 -14.20 2.70
CA LYS A 101 8.72 -14.12 3.49
C LYS A 101 9.92 -14.43 2.59
N PRO A 102 11.03 -13.69 2.83
CA PRO A 102 12.25 -13.88 2.05
C PRO A 102 12.97 -15.16 2.47
N ASP A 103 12.45 -16.28 1.99
CA ASP A 103 13.03 -17.57 2.31
C ASP A 103 12.24 -18.67 1.60
N ARG A 104 12.94 -19.77 1.33
CA ARG A 104 12.31 -20.89 0.66
C ARG A 104 12.47 -22.17 1.51
N SER A 105 11.63 -23.15 1.19
CA SER A 105 11.67 -24.41 1.91
C SER A 105 11.08 -25.52 1.03
N GLY A 106 11.32 -26.75 1.46
CA GLY A 106 10.83 -27.91 0.73
C GLY A 106 9.32 -28.07 0.90
N PRO A 107 8.79 -29.17 0.30
CA PRO A 107 7.36 -29.44 0.38
C PRO A 107 6.99 -29.97 1.77
N SER A 108 6.78 -29.03 2.68
CA SER A 108 6.42 -29.39 4.05
C SER A 108 4.91 -29.19 4.25
N SER A 109 4.21 -30.30 4.37
CA SER A 109 2.77 -30.26 4.57
C SER A 109 2.27 -31.62 5.06
N GLY A 110 2.57 -32.65 4.28
CA GLY A 110 2.16 -34.00 4.62
C GLY A 110 2.86 -34.48 5.90
N GLY A 1 6.45 9.37 -28.93
CA GLY A 1 5.75 9.70 -27.70
C GLY A 1 6.72 10.27 -26.65
N SER A 2 6.25 10.26 -25.41
CA SER A 2 7.06 10.78 -24.32
C SER A 2 7.51 9.62 -23.42
N SER A 3 8.51 9.91 -22.60
CA SER A 3 9.04 8.91 -21.68
C SER A 3 9.27 9.54 -20.30
N GLY A 4 9.56 8.67 -19.34
CA GLY A 4 9.80 9.12 -17.97
C GLY A 4 9.87 7.93 -17.01
N SER A 5 11.02 7.80 -16.38
CA SER A 5 11.23 6.71 -15.43
C SER A 5 10.99 5.37 -16.11
N SER A 6 11.41 4.31 -15.43
CA SER A 6 11.23 2.96 -15.96
C SER A 6 11.63 1.94 -14.91
N GLY A 7 10.66 1.56 -14.10
CA GLY A 7 10.89 0.57 -13.04
C GLY A 7 12.24 0.81 -12.37
N MET A 8 12.74 -0.23 -11.72
CA MET A 8 14.02 -0.14 -11.04
C MET A 8 14.59 -1.54 -10.75
N SER A 9 13.78 -2.34 -10.08
CA SER A 9 14.18 -3.70 -9.74
C SER A 9 12.96 -4.53 -9.34
N LEU A 10 13.09 -5.83 -9.51
CA LEU A 10 12.01 -6.75 -9.17
C LEU A 10 12.20 -7.25 -7.73
N LYS A 11 11.10 -7.28 -7.00
CA LYS A 11 11.13 -7.75 -5.63
C LYS A 11 9.72 -8.12 -5.18
N LEU A 12 9.65 -8.89 -4.11
CA LEU A 12 8.37 -9.32 -3.58
C LEU A 12 7.68 -10.23 -4.59
N GLN A 13 6.92 -11.19 -4.08
CA GLN A 13 6.20 -12.11 -4.93
C GLN A 13 4.96 -12.65 -4.20
N ALA A 14 3.91 -12.85 -4.97
CA ALA A 14 2.66 -13.37 -4.42
C ALA A 14 2.87 -14.81 -3.96
N SER A 15 2.87 -14.99 -2.65
CA SER A 15 3.05 -16.31 -2.08
C SER A 15 2.61 -16.31 -0.61
N ASN A 16 1.73 -17.23 -0.29
CA ASN A 16 1.21 -17.35 1.07
C ASN A 16 0.91 -18.81 1.37
N VAL A 17 0.88 -19.12 2.66
CA VAL A 17 0.59 -20.48 3.10
C VAL A 17 0.42 -20.49 4.61
N THR A 18 1.35 -19.85 5.30
CA THR A 18 1.32 -19.79 6.74
C THR A 18 -0.09 -19.40 7.23
N ASN A 19 -0.58 -18.30 6.68
CA ASN A 19 -1.90 -17.81 7.05
C ASN A 19 -1.88 -17.35 8.50
N LYS A 20 -1.64 -16.06 8.68
CA LYS A 20 -1.60 -15.48 10.02
C LYS A 20 -1.99 -14.01 9.93
N ASN A 21 -2.08 -13.38 11.11
CA ASN A 21 -2.44 -11.98 11.18
C ASN A 21 -3.87 -11.80 10.66
N ASP A 22 -4.29 -10.55 10.62
CA ASP A 22 -5.63 -10.23 10.14
C ASP A 22 -5.53 -9.60 8.75
N PRO A 23 -5.92 -10.41 7.73
CA PRO A 23 -5.89 -9.96 6.35
C PRO A 23 -7.04 -9.00 6.06
N LYS A 24 -7.89 -8.83 7.06
CA LYS A 24 -9.03 -7.94 6.93
C LYS A 24 -8.58 -6.60 6.35
N SER A 25 -7.30 -6.31 6.56
CA SER A 25 -6.73 -5.07 6.07
C SER A 25 -5.96 -5.33 4.77
N ILE A 26 -5.40 -6.53 4.68
CA ILE A 26 -4.63 -6.91 3.51
C ILE A 26 -5.55 -6.92 2.28
N ASN A 27 -6.84 -7.08 2.56
CA ASN A 27 -7.83 -7.12 1.50
C ASN A 27 -7.52 -6.00 0.48
N SER A 28 -7.60 -4.77 0.97
CA SER A 28 -7.34 -3.61 0.13
C SER A 28 -6.34 -2.69 0.82
N ARG A 29 -5.09 -2.80 0.42
CA ARG A 29 -4.03 -1.97 0.99
C ARG A 29 -3.00 -1.61 -0.08
N VAL A 30 -2.31 -0.51 0.16
CA VAL A 30 -1.30 -0.04 -0.78
C VAL A 30 -0.06 0.39 0.00
N PHE A 31 1.09 0.06 -0.56
CA PHE A 31 2.36 0.41 0.06
C PHE A 31 3.13 1.44 -0.77
N ILE A 32 3.02 2.68 -0.36
CA ILE A 32 3.70 3.76 -1.06
C ILE A 32 5.14 3.88 -0.56
N GLY A 33 6.06 3.43 -1.39
CA GLY A 33 7.47 3.47 -1.03
C GLY A 33 8.19 4.58 -1.81
N ASN A 34 9.51 4.52 -1.77
CA ASN A 34 10.33 5.50 -2.46
C ASN A 34 9.71 6.88 -2.27
N LEU A 35 9.07 7.07 -1.12
CA LEU A 35 8.43 8.33 -0.81
C LEU A 35 9.36 9.16 0.08
N ASN A 36 9.72 10.33 -0.42
CA ASN A 36 10.61 11.23 0.31
C ASN A 36 10.05 11.44 1.72
N THR A 37 8.72 11.41 1.81
CA THR A 37 8.05 11.60 3.08
C THR A 37 8.68 12.77 3.85
N ALA A 38 9.28 13.67 3.09
CA ALA A 38 9.93 14.83 3.69
C ALA A 38 9.08 16.07 3.40
N LEU A 39 8.46 16.07 2.22
CA LEU A 39 7.62 17.19 1.82
C LEU A 39 6.17 16.72 1.72
N VAL A 40 6.00 15.50 1.22
CA VAL A 40 4.67 14.92 1.08
C VAL A 40 4.11 14.58 2.46
N LYS A 41 2.95 15.15 2.73
CA LYS A 41 2.29 14.91 4.02
C LYS A 41 1.21 13.84 3.84
N LYS A 42 0.52 13.56 4.94
CA LYS A 42 -0.53 12.56 4.93
C LYS A 42 -1.82 13.19 4.40
N SER A 43 -2.07 14.42 4.85
CA SER A 43 -3.26 15.14 4.44
C SER A 43 -3.25 15.33 2.91
N ASP A 44 -2.05 15.47 2.37
CA ASP A 44 -1.90 15.66 0.94
C ASP A 44 -2.04 14.31 0.24
N VAL A 45 -1.07 13.44 0.48
CA VAL A 45 -1.07 12.12 -0.12
C VAL A 45 -2.48 11.52 -0.01
N GLU A 46 -3.20 11.96 0.99
CA GLU A 46 -4.55 11.49 1.21
C GLU A 46 -5.47 11.92 0.06
N THR A 47 -5.51 13.22 -0.16
CA THR A 47 -6.33 13.78 -1.21
C THR A 47 -5.80 13.35 -2.59
N ILE A 48 -4.60 12.79 -2.57
CA ILE A 48 -3.97 12.33 -3.80
C ILE A 48 -4.55 10.98 -4.19
N PHE A 49 -4.59 10.08 -3.22
CA PHE A 49 -5.13 8.75 -3.45
C PHE A 49 -6.63 8.71 -3.18
N SER A 50 -7.07 9.55 -2.26
CA SER A 50 -8.47 9.62 -1.91
C SER A 50 -9.32 9.71 -3.17
N LYS A 51 -8.71 10.19 -4.23
CA LYS A 51 -9.40 10.34 -5.51
C LYS A 51 -9.84 8.96 -5.99
N TYR A 52 -9.04 7.95 -5.64
CA TYR A 52 -9.35 6.58 -6.04
C TYR A 52 -10.47 6.00 -5.18
N GLY A 53 -10.71 6.65 -4.05
CA GLY A 53 -11.75 6.21 -3.13
C GLY A 53 -11.30 6.37 -1.68
N ARG A 54 -12.21 6.87 -0.86
CA ARG A 54 -11.92 7.07 0.55
C ARG A 54 -11.08 5.91 1.09
N VAL A 55 -9.99 6.27 1.74
CA VAL A 55 -9.10 5.28 2.31
C VAL A 55 -9.56 4.94 3.73
N ALA A 56 -9.55 3.65 4.04
CA ALA A 56 -9.95 3.19 5.34
C ALA A 56 -8.95 3.67 6.39
N GLY A 57 -7.68 3.60 6.02
CA GLY A 57 -6.61 4.02 6.90
C GLY A 57 -5.40 4.52 6.11
N CYS A 58 -4.73 5.51 6.68
CA CYS A 58 -3.55 6.08 6.05
C CYS A 58 -2.44 6.20 7.10
N SER A 59 -1.23 5.88 6.66
CA SER A 59 -0.08 5.94 7.55
C SER A 59 1.17 6.35 6.76
N VAL A 60 1.61 7.57 7.00
CA VAL A 60 2.79 8.09 6.32
C VAL A 60 4.01 7.90 7.22
N HIS A 61 5.01 7.22 6.68
CA HIS A 61 6.24 6.97 7.42
C HIS A 61 7.42 7.63 6.70
N LYS A 62 8.50 7.81 7.44
CA LYS A 62 9.69 8.43 6.88
C LYS A 62 10.36 7.44 5.93
N GLY A 63 9.96 7.53 4.66
CA GLY A 63 10.52 6.66 3.64
C GLY A 63 9.40 6.03 2.80
N TYR A 64 8.23 5.95 3.41
CA TYR A 64 7.08 5.37 2.73
C TYR A 64 5.78 5.76 3.42
N ALA A 65 4.68 5.33 2.83
CA ALA A 65 3.36 5.63 3.37
C ALA A 65 2.38 4.54 2.95
N PHE A 66 1.47 4.23 3.88
CA PHE A 66 0.47 3.20 3.61
C PHE A 66 -0.89 3.83 3.32
N VAL A 67 -1.73 3.07 2.63
CA VAL A 67 -3.06 3.54 2.28
C VAL A 67 -4.01 2.34 2.20
N GLN A 68 -4.94 2.31 3.14
CA GLN A 68 -5.91 1.22 3.19
C GLN A 68 -7.23 1.67 2.56
N TYR A 69 -7.88 0.73 1.89
CA TYR A 69 -9.15 1.00 1.24
C TYR A 69 -10.23 0.03 1.71
N SER A 70 -11.45 0.31 1.29
CA SER A 70 -12.58 -0.53 1.65
C SER A 70 -12.75 -1.65 0.62
N ASN A 71 -12.57 -1.28 -0.64
CA ASN A 71 -12.71 -2.24 -1.72
C ASN A 71 -11.32 -2.57 -2.27
N GLU A 72 -11.24 -3.74 -2.90
CA GLU A 72 -9.98 -4.19 -3.47
C GLU A 72 -9.71 -3.47 -4.81
N ARG A 73 -10.74 -2.79 -5.29
CA ARG A 73 -10.63 -2.06 -6.54
C ARG A 73 -10.13 -0.64 -6.28
N HIS A 74 -10.68 -0.04 -5.23
CA HIS A 74 -10.30 1.31 -4.86
C HIS A 74 -8.79 1.38 -4.62
N ALA A 75 -8.21 0.21 -4.42
CA ALA A 75 -6.77 0.12 -4.19
C ALA A 75 -6.05 -0.01 -5.53
N ARG A 76 -6.32 -1.13 -6.20
CA ARG A 76 -5.70 -1.40 -7.49
C ARG A 76 -5.66 -0.12 -8.33
N ALA A 77 -6.70 0.70 -8.18
CA ALA A 77 -6.79 1.94 -8.91
C ALA A 77 -5.67 2.89 -8.45
N ALA A 78 -5.57 3.03 -7.13
CA ALA A 78 -4.55 3.89 -6.56
C ALA A 78 -3.18 3.24 -6.71
N VAL A 79 -3.20 1.91 -6.80
CA VAL A 79 -1.96 1.16 -6.95
C VAL A 79 -1.31 1.52 -8.28
N LEU A 80 -1.96 1.12 -9.37
CA LEU A 80 -1.45 1.40 -10.69
C LEU A 80 -1.56 2.91 -10.97
N GLY A 81 -2.70 3.46 -10.62
CA GLY A 81 -2.94 4.88 -10.82
C GLY A 81 -1.75 5.71 -10.34
N GLU A 82 -1.21 5.30 -9.20
CA GLU A 82 -0.06 5.99 -8.63
C GLU A 82 1.24 5.31 -9.05
N ASN A 83 1.31 4.02 -8.76
CA ASN A 83 2.49 3.24 -9.09
C ASN A 83 3.03 3.69 -10.46
N GLY A 84 4.23 4.25 -10.42
CA GLY A 84 4.87 4.74 -11.64
C GLY A 84 5.10 6.24 -11.58
N ARG A 85 4.31 6.89 -10.72
CA ARG A 85 4.43 8.33 -10.55
C ARG A 85 5.76 8.69 -9.89
N VAL A 86 6.20 9.91 -10.16
CA VAL A 86 7.46 10.38 -9.60
C VAL A 86 7.18 11.54 -8.62
N LEU A 87 8.00 11.60 -7.59
CA LEU A 87 7.85 12.64 -6.58
C LEU A 87 9.21 12.97 -5.99
N ALA A 88 9.66 14.19 -6.24
CA ALA A 88 10.95 14.64 -5.74
C ALA A 88 12.04 14.25 -6.73
N GLY A 89 11.67 13.40 -7.68
CA GLY A 89 12.59 12.95 -8.69
C GLY A 89 12.63 11.42 -8.76
N GLN A 90 12.14 10.80 -7.70
CA GLN A 90 12.10 9.35 -7.62
C GLN A 90 10.72 8.83 -8.03
N THR A 91 10.71 7.65 -8.62
CA THR A 91 9.47 7.04 -9.06
C THR A 91 8.79 6.32 -7.89
N LEU A 92 7.76 6.95 -7.37
CA LEU A 92 7.01 6.39 -6.25
C LEU A 92 6.75 4.91 -6.51
N ASP A 93 7.34 4.07 -5.67
CA ASP A 93 7.19 2.64 -5.80
C ASP A 93 5.99 2.18 -4.98
N ILE A 94 4.88 1.96 -5.67
CA ILE A 94 3.66 1.53 -5.02
C ILE A 94 3.30 0.13 -5.50
N ASN A 95 2.71 -0.64 -4.59
CA ASN A 95 2.31 -2.00 -4.91
C ASN A 95 1.30 -2.49 -3.87
N MET A 96 0.65 -3.59 -4.21
CA MET A 96 -0.35 -4.17 -3.31
C MET A 96 0.31 -4.79 -2.08
N ALA A 97 -0.32 -4.56 -0.94
CA ALA A 97 0.20 -5.08 0.32
C ALA A 97 -0.01 -6.59 0.35
N GLY A 98 1.10 -7.31 0.46
CA GLY A 98 1.07 -8.75 0.51
C GLY A 98 2.46 -9.34 0.76
N GLU A 99 2.97 -9.07 1.95
CA GLU A 99 4.29 -9.55 2.33
C GLU A 99 4.17 -10.83 3.15
N PRO A 100 4.92 -11.88 2.73
CA PRO A 100 4.90 -13.15 3.42
C PRO A 100 5.69 -13.08 4.72
N LYS A 101 6.05 -14.25 5.23
CA LYS A 101 6.80 -14.34 6.47
C LYS A 101 5.96 -13.76 7.61
N PRO A 102 5.40 -14.67 8.44
CA PRO A 102 4.58 -14.27 9.57
C PRO A 102 5.45 -13.71 10.71
N ASP A 103 5.84 -12.46 10.55
CA ASP A 103 6.66 -11.81 11.55
C ASP A 103 5.90 -10.62 12.15
N ARG A 104 6.10 -10.43 13.45
CA ARG A 104 5.43 -9.34 14.14
C ARG A 104 5.92 -9.26 15.59
N SER A 105 5.83 -8.05 16.14
CA SER A 105 6.27 -7.83 17.51
C SER A 105 5.09 -8.02 18.48
N GLY A 106 4.90 -9.28 18.88
CA GLY A 106 3.82 -9.60 19.79
C GLY A 106 2.95 -10.73 19.22
N PRO A 107 2.77 -11.79 20.05
CA PRO A 107 1.96 -12.94 19.64
C PRO A 107 0.47 -12.60 19.69
N SER A 108 0.08 -11.97 20.79
CA SER A 108 -1.31 -11.59 20.98
C SER A 108 -1.67 -10.43 20.04
N SER A 109 -2.69 -10.66 19.23
CA SER A 109 -3.14 -9.64 18.29
C SER A 109 -4.23 -8.78 18.93
N GLY A 110 -4.36 -7.57 18.41
CA GLY A 110 -5.35 -6.64 18.91
C GLY A 110 -6.77 -7.08 18.52
N GLY A 1 2.57 -13.79 11.17
CA GLY A 1 1.25 -14.05 10.65
C GLY A 1 0.22 -14.12 11.78
N SER A 2 -1.04 -14.18 11.38
CA SER A 2 -2.13 -14.25 12.34
C SER A 2 -3.34 -14.94 11.71
N SER A 3 -4.16 -15.54 12.57
CA SER A 3 -5.35 -16.23 12.11
C SER A 3 -6.58 -15.71 12.87
N GLY A 4 -7.73 -15.83 12.21
CA GLY A 4 -8.98 -15.39 12.81
C GLY A 4 -9.80 -14.58 11.81
N SER A 5 -10.24 -15.28 10.77
CA SER A 5 -11.04 -14.64 9.73
C SER A 5 -12.50 -14.57 10.18
N SER A 6 -13.19 -13.54 9.68
CA SER A 6 -14.59 -13.34 10.03
C SER A 6 -14.74 -13.14 11.53
N GLY A 7 -15.79 -12.42 11.89
CA GLY A 7 -16.06 -12.15 13.29
C GLY A 7 -15.48 -10.79 13.71
N MET A 8 -16.33 -9.77 13.63
CA MET A 8 -15.91 -8.43 13.99
C MET A 8 -17.05 -7.43 13.82
N SER A 9 -17.07 -6.44 14.70
CA SER A 9 -18.11 -5.42 14.66
C SER A 9 -17.50 -4.07 14.26
N LEU A 10 -18.37 -3.15 13.86
CA LEU A 10 -17.93 -1.83 13.46
C LEU A 10 -17.45 -1.06 14.69
N LYS A 11 -16.30 -0.41 14.52
CA LYS A 11 -15.72 0.37 15.60
C LYS A 11 -14.56 1.21 15.06
N LEU A 12 -14.51 2.45 15.52
CA LEU A 12 -13.46 3.36 15.08
C LEU A 12 -12.62 3.76 16.28
N GLN A 13 -11.80 2.82 16.73
CA GLN A 13 -10.94 3.06 17.87
C GLN A 13 -9.70 2.17 17.80
N ALA A 14 -8.69 2.53 18.58
CA ALA A 14 -7.44 1.78 18.61
C ALA A 14 -7.24 1.18 20.00
N SER A 15 -6.20 0.39 20.12
CA SER A 15 -5.88 -0.25 21.40
C SER A 15 -4.37 -0.33 21.58
N ASN A 16 -3.81 0.75 22.10
CA ASN A 16 -2.38 0.82 22.34
C ASN A 16 -1.64 0.69 21.01
N VAL A 17 -0.45 1.25 20.97
CA VAL A 17 0.37 1.21 19.76
C VAL A 17 1.25 -0.04 19.79
N THR A 18 1.02 -0.90 18.80
CA THR A 18 1.79 -2.14 18.69
C THR A 18 2.45 -2.24 17.32
N ASN A 19 1.65 -2.03 16.29
CA ASN A 19 2.14 -2.09 14.93
C ASN A 19 2.71 -3.48 14.67
N LYS A 20 2.00 -4.22 13.82
CA LYS A 20 2.42 -5.58 13.47
C LYS A 20 1.60 -6.06 12.26
N ASN A 21 1.98 -7.23 11.78
CA ASN A 21 1.30 -7.81 10.63
C ASN A 21 -0.17 -8.02 10.98
N ASP A 22 -1.01 -7.35 10.20
CA ASP A 22 -2.45 -7.46 10.40
C ASP A 22 -3.14 -7.74 9.07
N PRO A 23 -3.55 -9.03 8.89
CA PRO A 23 -4.22 -9.44 7.66
C PRO A 23 -5.66 -8.94 7.64
N LYS A 24 -6.04 -8.23 8.70
CA LYS A 24 -7.38 -7.70 8.80
C LYS A 24 -7.53 -6.52 7.84
N SER A 25 -6.42 -5.84 7.61
CA SER A 25 -6.41 -4.70 6.70
C SER A 25 -5.56 -5.00 5.47
N ILE A 26 -5.53 -6.29 5.12
CA ILE A 26 -4.76 -6.71 3.96
C ILE A 26 -5.68 -6.82 2.75
N ASN A 27 -6.98 -6.82 3.03
CA ASN A 27 -7.97 -6.91 1.96
C ASN A 27 -7.69 -5.83 0.92
N SER A 28 -7.72 -4.59 1.38
CA SER A 28 -7.47 -3.47 0.49
C SER A 28 -6.46 -2.51 1.13
N ARG A 29 -5.21 -2.64 0.70
CA ARG A 29 -4.15 -1.80 1.22
C ARG A 29 -3.12 -1.51 0.12
N VAL A 30 -2.42 -0.40 0.30
CA VAL A 30 -1.40 0.00 -0.66
C VAL A 30 -0.13 0.39 0.09
N PHE A 31 1.01 0.06 -0.52
CA PHE A 31 2.29 0.38 0.09
C PHE A 31 3.04 1.40 -0.76
N ILE A 32 3.06 2.64 -0.28
CA ILE A 32 3.74 3.71 -0.97
C ILE A 32 5.20 3.75 -0.54
N GLY A 33 6.07 3.44 -1.48
CA GLY A 33 7.51 3.43 -1.20
C GLY A 33 8.20 4.59 -1.91
N ASN A 34 9.53 4.57 -1.84
CA ASN A 34 10.33 5.61 -2.47
C ASN A 34 9.64 6.97 -2.27
N LEU A 35 9.08 7.14 -1.10
CA LEU A 35 8.39 8.37 -0.76
C LEU A 35 9.27 9.21 0.18
N ASN A 36 9.78 10.31 -0.35
CA ASN A 36 10.63 11.19 0.43
C ASN A 36 10.05 11.35 1.83
N THR A 37 8.73 11.25 1.89
CA THR A 37 8.03 11.39 3.16
C THR A 37 8.61 12.55 3.96
N ALA A 38 9.20 13.49 3.24
CA ALA A 38 9.81 14.66 3.88
C ALA A 38 8.93 15.88 3.61
N LEU A 39 8.38 15.93 2.41
CA LEU A 39 7.53 17.04 2.02
C LEU A 39 6.08 16.55 1.90
N VAL A 40 5.94 15.32 1.43
CA VAL A 40 4.62 14.73 1.26
C VAL A 40 4.05 14.39 2.63
N LYS A 41 2.85 14.90 2.88
CA LYS A 41 2.19 14.66 4.16
C LYS A 41 1.10 13.60 3.96
N LYS A 42 0.39 13.31 5.05
CA LYS A 42 -0.68 12.33 5.00
C LYS A 42 -1.94 12.98 4.43
N SER A 43 -2.26 14.15 4.96
CA SER A 43 -3.43 14.87 4.51
C SER A 43 -3.33 15.16 3.01
N ASP A 44 -2.11 15.13 2.52
CA ASP A 44 -1.86 15.38 1.10
C ASP A 44 -1.95 14.06 0.34
N VAL A 45 -1.05 13.15 0.68
CA VAL A 45 -1.02 11.85 0.03
C VAL A 45 -2.42 11.23 0.09
N GLU A 46 -3.18 11.65 1.07
CA GLU A 46 -4.53 11.14 1.25
C GLU A 46 -5.44 11.63 0.12
N THR A 47 -5.51 12.95 -0.01
CA THR A 47 -6.33 13.55 -1.05
C THR A 47 -5.81 13.15 -2.43
N ILE A 48 -4.54 12.81 -2.47
CA ILE A 48 -3.91 12.41 -3.73
C ILE A 48 -4.45 11.04 -4.15
N PHE A 49 -4.58 10.17 -3.17
CA PHE A 49 -5.09 8.83 -3.42
C PHE A 49 -6.61 8.76 -3.20
N SER A 50 -7.13 9.80 -2.59
CA SER A 50 -8.55 9.88 -2.31
C SER A 50 -9.34 9.88 -3.63
N LYS A 51 -8.64 10.26 -4.69
CA LYS A 51 -9.26 10.31 -6.00
C LYS A 51 -9.71 8.91 -6.40
N TYR A 52 -9.08 7.92 -5.78
CA TYR A 52 -9.41 6.53 -6.06
C TYR A 52 -10.44 6.00 -5.06
N GLY A 53 -10.94 6.90 -4.24
CA GLY A 53 -11.93 6.53 -3.25
C GLY A 53 -11.42 6.83 -1.83
N ARG A 54 -12.36 6.88 -0.90
CA ARG A 54 -12.02 7.15 0.49
C ARG A 54 -11.13 6.04 1.05
N VAL A 55 -10.04 6.46 1.66
CA VAL A 55 -9.09 5.51 2.24
C VAL A 55 -9.50 5.22 3.69
N ALA A 56 -9.66 3.94 3.97
CA ALA A 56 -10.04 3.50 5.30
C ALA A 56 -9.03 4.05 6.32
N GLY A 57 -7.77 3.97 5.95
CA GLY A 57 -6.70 4.46 6.81
C GLY A 57 -5.39 4.59 6.03
N CYS A 58 -4.82 5.79 6.09
CA CYS A 58 -3.58 6.06 5.39
C CYS A 58 -2.53 6.43 6.44
N SER A 59 -1.31 5.93 6.21
CA SER A 59 -0.22 6.20 7.12
C SER A 59 1.00 6.68 6.34
N VAL A 60 1.76 7.58 6.97
CA VAL A 60 2.96 8.12 6.34
C VAL A 60 4.17 7.81 7.22
N HIS A 61 5.11 7.08 6.63
CA HIS A 61 6.32 6.70 7.34
C HIS A 61 7.52 7.39 6.69
N LYS A 62 8.60 7.44 7.45
CA LYS A 62 9.83 8.06 6.97
C LYS A 62 10.50 7.14 5.96
N GLY A 63 10.17 7.35 4.69
CA GLY A 63 10.73 6.54 3.62
C GLY A 63 9.63 5.88 2.79
N TYR A 64 8.43 5.86 3.37
CA TYR A 64 7.29 5.26 2.70
C TYR A 64 5.99 5.64 3.39
N ALA A 65 4.89 5.23 2.78
CA ALA A 65 3.57 5.53 3.32
C ALA A 65 2.60 4.40 2.95
N PHE A 66 1.58 4.24 3.79
CA PHE A 66 0.59 3.21 3.56
C PHE A 66 -0.80 3.81 3.37
N VAL A 67 -1.59 3.16 2.54
CA VAL A 67 -2.94 3.63 2.26
C VAL A 67 -3.90 2.43 2.28
N GLN A 68 -4.93 2.56 3.09
CA GLN A 68 -5.93 1.50 3.20
C GLN A 68 -7.26 1.95 2.59
N TYR A 69 -7.91 1.01 1.93
CA TYR A 69 -9.19 1.30 1.31
C TYR A 69 -10.27 0.32 1.78
N SER A 70 -11.50 0.59 1.35
CA SER A 70 -12.62 -0.25 1.74
C SER A 70 -12.79 -1.37 0.71
N ASN A 71 -12.59 -1.02 -0.55
CA ASN A 71 -12.72 -1.98 -1.63
C ASN A 71 -11.33 -2.34 -2.16
N GLU A 72 -11.11 -3.64 -2.34
CA GLU A 72 -9.84 -4.13 -2.84
C GLU A 72 -9.58 -3.56 -4.24
N ARG A 73 -10.62 -3.01 -4.83
CA ARG A 73 -10.52 -2.44 -6.16
C ARG A 73 -10.03 -0.99 -6.08
N HIS A 74 -10.60 -0.27 -5.12
CA HIS A 74 -10.24 1.13 -4.93
C HIS A 74 -8.73 1.25 -4.72
N ALA A 75 -8.13 0.13 -4.31
CA ALA A 75 -6.70 0.11 -4.07
C ALA A 75 -5.96 -0.01 -5.40
N ARG A 76 -6.20 -1.13 -6.07
CA ARG A 76 -5.57 -1.37 -7.36
C ARG A 76 -5.55 -0.09 -8.19
N ALA A 77 -6.65 0.63 -8.16
CA ALA A 77 -6.77 1.87 -8.89
C ALA A 77 -5.70 2.85 -8.42
N ALA A 78 -5.62 2.99 -7.10
CA ALA A 78 -4.64 3.89 -6.51
C ALA A 78 -3.24 3.29 -6.67
N VAL A 79 -3.20 1.97 -6.70
CA VAL A 79 -1.94 1.27 -6.86
C VAL A 79 -1.29 1.68 -8.17
N LEU A 80 -1.94 1.31 -9.26
CA LEU A 80 -1.42 1.64 -10.58
C LEU A 80 -1.61 3.14 -10.84
N GLY A 81 -2.78 3.64 -10.47
CA GLY A 81 -3.09 5.04 -10.65
C GLY A 81 -1.96 5.92 -10.12
N GLU A 82 -1.33 5.45 -9.05
CA GLU A 82 -0.25 6.18 -8.44
C GLU A 82 1.10 5.57 -8.85
N ASN A 83 1.24 4.28 -8.59
CA ASN A 83 2.45 3.58 -8.92
C ASN A 83 2.99 4.09 -10.26
N GLY A 84 4.08 4.82 -10.19
CA GLY A 84 4.70 5.37 -11.38
C GLY A 84 4.87 6.89 -11.27
N ARG A 85 4.06 7.47 -10.39
CA ARG A 85 4.11 8.91 -10.17
C ARG A 85 5.44 9.30 -9.51
N VAL A 86 5.88 10.51 -9.83
CA VAL A 86 7.13 11.01 -9.27
C VAL A 86 6.84 12.21 -8.37
N LEU A 87 7.63 12.30 -7.30
CA LEU A 87 7.46 13.39 -6.35
C LEU A 87 8.81 13.72 -5.72
N ALA A 88 9.25 14.94 -5.96
CA ALA A 88 10.52 15.41 -5.43
C ALA A 88 11.65 14.99 -6.38
N GLY A 89 11.26 14.28 -7.43
CA GLY A 89 12.22 13.82 -8.42
C GLY A 89 12.46 12.31 -8.29
N GLN A 90 11.56 11.66 -7.56
CA GLN A 90 11.66 10.24 -7.36
C GLN A 90 10.33 9.56 -7.69
N THR A 91 10.42 8.45 -8.42
CA THR A 91 9.24 7.70 -8.81
C THR A 91 8.68 6.93 -7.61
N LEU A 92 7.47 7.30 -7.22
CA LEU A 92 6.81 6.65 -6.10
C LEU A 92 6.55 5.19 -6.45
N ASP A 93 7.20 4.32 -5.70
CA ASP A 93 7.05 2.88 -5.90
C ASP A 93 5.90 2.36 -5.04
N ILE A 94 4.75 2.18 -5.67
CA ILE A 94 3.58 1.69 -4.98
C ILE A 94 3.25 0.28 -5.48
N ASN A 95 2.63 -0.49 -4.59
CA ASN A 95 2.26 -1.85 -4.93
C ASN A 95 1.22 -2.35 -3.93
N MET A 96 0.53 -3.42 -4.32
CA MET A 96 -0.49 -4.00 -3.47
C MET A 96 0.13 -4.63 -2.22
N ALA A 97 -0.57 -4.45 -1.10
CA ALA A 97 -0.10 -4.98 0.16
C ALA A 97 -0.30 -6.51 0.17
N GLY A 98 0.78 -7.21 0.47
CA GLY A 98 0.74 -8.67 0.51
C GLY A 98 1.43 -9.27 -0.71
N GLU A 99 2.75 -9.37 -0.61
CA GLU A 99 3.54 -9.93 -1.69
C GLU A 99 3.51 -11.46 -1.65
N PRO A 100 2.93 -12.06 -2.72
CA PRO A 100 2.83 -13.51 -2.80
C PRO A 100 4.18 -14.13 -3.13
N LYS A 101 4.13 -15.37 -3.60
CA LYS A 101 5.35 -16.09 -3.96
C LYS A 101 5.41 -16.24 -5.48
N PRO A 102 6.66 -16.38 -5.99
CA PRO A 102 6.87 -16.52 -7.42
C PRO A 102 6.49 -17.92 -7.90
N ASP A 103 5.21 -18.08 -8.19
CA ASP A 103 4.70 -19.37 -8.64
C ASP A 103 3.22 -19.23 -9.00
N ARG A 104 2.44 -18.75 -8.03
CA ARG A 104 1.02 -18.56 -8.23
C ARG A 104 0.67 -17.07 -8.18
N SER A 105 -0.53 -16.77 -8.64
CA SER A 105 -1.00 -15.39 -8.65
C SER A 105 -2.48 -15.35 -9.01
N GLY A 106 -3.14 -14.30 -8.54
CA GLY A 106 -4.57 -14.12 -8.81
C GLY A 106 -5.40 -15.06 -7.94
N PRO A 107 -6.67 -14.64 -7.71
CA PRO A 107 -7.58 -15.43 -6.90
C PRO A 107 -8.09 -16.65 -7.67
N SER A 108 -7.49 -17.79 -7.35
CA SER A 108 -7.87 -19.04 -8.00
C SER A 108 -9.16 -19.59 -7.38
N SER A 109 -9.75 -20.55 -8.07
CA SER A 109 -10.97 -21.17 -7.60
C SER A 109 -10.69 -21.99 -6.34
N GLY A 110 -9.81 -22.96 -6.50
CA GLY A 110 -9.45 -23.83 -5.39
C GLY A 110 -10.69 -24.28 -4.62
N GLY A 1 11.09 4.24 11.80
CA GLY A 1 11.99 3.46 10.96
C GLY A 1 12.91 4.38 10.14
N SER A 2 14.19 4.06 10.17
CA SER A 2 15.18 4.83 9.44
C SER A 2 16.13 3.90 8.69
N SER A 3 16.55 4.35 7.52
CA SER A 3 17.46 3.58 6.70
C SER A 3 18.75 4.37 6.46
N GLY A 4 19.74 3.67 5.92
CA GLY A 4 21.02 4.30 5.63
C GLY A 4 21.31 4.27 4.13
N SER A 5 21.73 3.11 3.66
CA SER A 5 22.04 2.94 2.25
C SER A 5 20.76 2.67 1.45
N SER A 6 20.84 2.92 0.15
CA SER A 6 19.71 2.70 -0.72
C SER A 6 19.96 1.48 -1.61
N GLY A 7 18.91 0.68 -1.78
CA GLY A 7 18.99 -0.51 -2.60
C GLY A 7 17.73 -1.37 -2.47
N MET A 8 17.38 -2.01 -3.56
CA MET A 8 16.20 -2.86 -3.58
C MET A 8 16.19 -3.76 -4.82
N SER A 9 15.68 -4.96 -4.63
CA SER A 9 15.61 -5.93 -5.72
C SER A 9 14.40 -5.63 -6.60
N LEU A 10 14.68 -5.49 -7.89
CA LEU A 10 13.63 -5.20 -8.85
C LEU A 10 13.28 -6.48 -9.62
N LYS A 11 11.99 -6.62 -9.91
CA LYS A 11 11.51 -7.79 -10.62
C LYS A 11 11.82 -9.05 -9.82
N LEU A 12 11.27 -9.10 -8.61
CA LEU A 12 11.48 -10.23 -7.73
C LEU A 12 10.47 -10.18 -6.59
N GLN A 13 9.55 -11.15 -6.61
CA GLN A 13 8.53 -11.23 -5.58
C GLN A 13 8.05 -12.67 -5.40
N ALA A 14 7.57 -12.96 -4.21
CA ALA A 14 7.08 -14.29 -3.90
C ALA A 14 6.23 -14.24 -2.63
N SER A 15 5.27 -15.16 -2.56
CA SER A 15 4.38 -15.22 -1.41
C SER A 15 4.84 -16.33 -0.46
N ASN A 16 4.39 -16.23 0.77
CA ASN A 16 4.73 -17.21 1.78
C ASN A 16 3.67 -17.21 2.89
N VAL A 17 3.39 -18.39 3.39
CA VAL A 17 2.39 -18.55 4.45
C VAL A 17 3.07 -19.12 5.70
N THR A 18 2.80 -18.48 6.82
CA THR A 18 3.37 -18.91 8.08
C THR A 18 2.56 -18.35 9.25
N ASN A 19 2.28 -17.06 9.16
CA ASN A 19 1.51 -16.38 10.20
C ASN A 19 0.05 -16.28 9.77
N LYS A 20 -0.77 -15.76 10.67
CA LYS A 20 -2.18 -15.59 10.40
C LYS A 20 -2.51 -14.10 10.28
N ASN A 21 -2.33 -13.40 11.39
CA ASN A 21 -2.60 -11.97 11.41
C ASN A 21 -4.03 -11.72 10.91
N ASP A 22 -4.36 -10.44 10.83
CA ASP A 22 -5.69 -10.05 10.37
C ASP A 22 -5.59 -9.52 8.93
N PRO A 23 -6.08 -10.36 7.98
CA PRO A 23 -6.04 -9.99 6.57
C PRO A 23 -7.12 -8.95 6.25
N LYS A 24 -7.86 -8.58 7.29
CA LYS A 24 -8.92 -7.60 7.13
C LYS A 24 -8.34 -6.32 6.53
N SER A 25 -7.09 -6.06 6.87
CA SER A 25 -6.40 -4.88 6.37
C SER A 25 -5.71 -5.19 5.04
N ILE A 26 -5.22 -6.42 4.94
CA ILE A 26 -4.54 -6.86 3.74
C ILE A 26 -5.53 -6.87 2.57
N ASN A 27 -6.81 -6.99 2.92
CA ASN A 27 -7.85 -7.02 1.91
C ASN A 27 -7.59 -5.92 0.89
N SER A 28 -7.66 -4.68 1.35
CA SER A 28 -7.42 -3.54 0.48
C SER A 28 -6.42 -2.58 1.13
N ARG A 29 -5.17 -2.70 0.68
CA ARG A 29 -4.11 -1.85 1.21
C ARG A 29 -3.10 -1.53 0.10
N VAL A 30 -2.40 -0.42 0.29
CA VAL A 30 -1.41 0.00 -0.67
C VAL A 30 -0.12 0.40 0.06
N PHE A 31 1.00 0.09 -0.56
CA PHE A 31 2.30 0.40 0.01
C PHE A 31 3.05 1.43 -0.84
N ILE A 32 3.09 2.65 -0.34
CA ILE A 32 3.77 3.73 -1.04
C ILE A 32 5.24 3.76 -0.61
N GLY A 33 6.09 3.41 -1.56
CA GLY A 33 7.52 3.40 -1.30
C GLY A 33 8.23 4.53 -2.04
N ASN A 34 9.56 4.47 -2.05
CA ASN A 34 10.36 5.47 -2.71
C ASN A 34 9.75 6.85 -2.44
N LEU A 35 9.10 6.98 -1.30
CA LEU A 35 8.48 8.23 -0.91
C LEU A 35 9.45 9.04 -0.06
N ASN A 36 9.58 10.31 -0.41
CA ASN A 36 10.47 11.20 0.31
C ASN A 36 9.93 11.43 1.72
N THR A 37 8.61 11.33 1.84
CA THR A 37 7.96 11.53 3.12
C THR A 37 8.59 12.69 3.87
N ALA A 38 9.17 13.61 3.11
CA ALA A 38 9.81 14.78 3.69
C ALA A 38 8.95 16.01 3.43
N LEU A 39 8.28 16.00 2.28
CA LEU A 39 7.43 17.11 1.89
C LEU A 39 5.99 16.61 1.79
N VAL A 40 5.85 15.38 1.31
CA VAL A 40 4.53 14.78 1.16
C VAL A 40 3.99 14.38 2.53
N LYS A 41 2.86 14.97 2.88
CA LYS A 41 2.24 14.69 4.17
C LYS A 41 1.18 13.60 3.97
N LYS A 42 0.51 13.28 5.07
CA LYS A 42 -0.52 12.26 5.04
C LYS A 42 -1.83 12.88 4.55
N SER A 43 -2.09 14.09 5.00
CA SER A 43 -3.29 14.81 4.61
C SER A 43 -3.27 15.08 3.10
N ASP A 44 -2.06 15.27 2.58
CA ASP A 44 -1.90 15.54 1.17
C ASP A 44 -2.02 14.23 0.38
N VAL A 45 -1.08 13.33 0.65
CA VAL A 45 -1.07 12.04 -0.02
C VAL A 45 -2.47 11.43 0.04
N GLU A 46 -3.23 11.86 1.04
CA GLU A 46 -4.59 11.37 1.21
C GLU A 46 -5.48 11.87 0.08
N THR A 47 -5.43 13.17 -0.14
CA THR A 47 -6.23 13.79 -1.19
C THR A 47 -5.71 13.39 -2.57
N ILE A 48 -4.53 12.78 -2.57
CA ILE A 48 -3.91 12.35 -3.81
C ILE A 48 -4.48 10.99 -4.20
N PHE A 49 -4.55 10.10 -3.22
CA PHE A 49 -5.07 8.76 -3.45
C PHE A 49 -6.58 8.72 -3.20
N SER A 50 -7.04 9.61 -2.33
CA SER A 50 -8.45 9.68 -2.01
C SER A 50 -9.28 9.78 -3.28
N LYS A 51 -8.62 10.21 -4.35
CA LYS A 51 -9.28 10.36 -5.63
C LYS A 51 -9.77 9.00 -6.11
N TYR A 52 -9.10 7.96 -5.62
CA TYR A 52 -9.45 6.60 -5.99
C TYR A 52 -10.51 6.03 -5.06
N GLY A 53 -10.96 6.88 -4.14
CA GLY A 53 -11.97 6.48 -3.18
C GLY A 53 -11.46 6.66 -1.74
N ARG A 54 -12.39 7.03 -0.87
CA ARG A 54 -12.06 7.24 0.53
C ARG A 54 -11.23 6.07 1.05
N VAL A 55 -10.07 6.41 1.61
CA VAL A 55 -9.18 5.40 2.14
C VAL A 55 -9.57 5.11 3.60
N ALA A 56 -9.71 3.82 3.89
CA ALA A 56 -10.08 3.40 5.22
C ALA A 56 -9.08 3.97 6.23
N GLY A 57 -7.81 3.86 5.89
CA GLY A 57 -6.75 4.37 6.74
C GLY A 57 -5.47 4.59 5.95
N CYS A 58 -4.92 5.80 6.10
CA CYS A 58 -3.71 6.16 5.40
C CYS A 58 -2.63 6.47 6.45
N SER A 59 -1.43 5.99 6.19
CA SER A 59 -0.31 6.21 7.09
C SER A 59 0.91 6.69 6.31
N VAL A 60 1.63 7.63 6.90
CA VAL A 60 2.81 8.17 6.27
C VAL A 60 4.03 7.93 7.18
N HIS A 61 4.95 7.13 6.67
CA HIS A 61 6.15 6.80 7.42
C HIS A 61 7.36 7.49 6.78
N LYS A 62 8.43 7.58 7.55
CA LYS A 62 9.65 8.21 7.08
C LYS A 62 10.35 7.26 6.10
N GLY A 63 10.07 7.47 4.83
CA GLY A 63 10.68 6.64 3.79
C GLY A 63 9.60 5.97 2.93
N TYR A 64 8.40 5.87 3.50
CA TYR A 64 7.29 5.25 2.81
C TYR A 64 5.96 5.66 3.45
N ALA A 65 4.88 5.25 2.79
CA ALA A 65 3.55 5.55 3.28
C ALA A 65 2.60 4.43 2.90
N PHE A 66 1.61 4.22 3.75
CA PHE A 66 0.62 3.17 3.53
C PHE A 66 -0.78 3.77 3.36
N VAL A 67 -1.59 3.09 2.55
CA VAL A 67 -2.93 3.53 2.29
C VAL A 67 -3.88 2.33 2.31
N GLN A 68 -4.96 2.46 3.08
CA GLN A 68 -5.93 1.40 3.19
C GLN A 68 -7.26 1.82 2.57
N TYR A 69 -7.90 0.88 1.90
CA TYR A 69 -9.17 1.15 1.25
C TYR A 69 -10.24 0.16 1.72
N SER A 70 -11.48 0.45 1.34
CA SER A 70 -12.60 -0.40 1.70
C SER A 70 -12.74 -1.53 0.70
N ASN A 71 -12.55 -1.19 -0.57
CA ASN A 71 -12.66 -2.18 -1.64
C ASN A 71 -11.26 -2.50 -2.16
N GLU A 72 -11.14 -3.72 -2.68
CA GLU A 72 -9.86 -4.17 -3.22
C GLU A 72 -9.58 -3.49 -4.56
N ARG A 73 -10.62 -2.93 -5.13
CA ARG A 73 -10.50 -2.25 -6.40
C ARG A 73 -10.04 -0.81 -6.20
N HIS A 74 -10.59 -0.20 -5.15
CA HIS A 74 -10.24 1.18 -4.83
C HIS A 74 -8.73 1.28 -4.57
N ALA A 75 -8.13 0.13 -4.31
CA ALA A 75 -6.71 0.08 -4.04
C ALA A 75 -5.95 -0.06 -5.36
N ARG A 76 -6.20 -1.18 -6.03
CA ARG A 76 -5.55 -1.45 -7.30
C ARG A 76 -5.53 -0.18 -8.17
N ALA A 77 -6.62 0.56 -8.10
CA ALA A 77 -6.74 1.78 -8.87
C ALA A 77 -5.66 2.78 -8.40
N ALA A 78 -5.60 2.96 -7.10
CA ALA A 78 -4.63 3.87 -6.52
C ALA A 78 -3.23 3.27 -6.65
N VAL A 79 -3.20 1.94 -6.73
CA VAL A 79 -1.94 1.23 -6.85
C VAL A 79 -1.28 1.60 -8.18
N LEU A 80 -1.91 1.17 -9.27
CA LEU A 80 -1.40 1.45 -10.59
C LEU A 80 -1.60 2.93 -10.91
N GLY A 81 -2.74 3.45 -10.48
CA GLY A 81 -3.06 4.85 -10.72
C GLY A 81 -1.94 5.76 -10.22
N GLU A 82 -1.30 5.32 -9.14
CA GLU A 82 -0.21 6.09 -8.56
C GLU A 82 1.14 5.47 -8.95
N ASN A 83 1.28 4.19 -8.67
CA ASN A 83 2.50 3.48 -8.98
C ASN A 83 3.04 3.96 -10.33
N GLY A 84 4.06 4.78 -10.27
CA GLY A 84 4.67 5.32 -11.47
C GLY A 84 4.83 6.84 -11.37
N ARG A 85 4.03 7.44 -10.50
CA ARG A 85 4.06 8.87 -10.30
C ARG A 85 5.39 9.28 -9.66
N VAL A 86 5.82 10.49 -9.97
CA VAL A 86 7.06 11.02 -9.43
C VAL A 86 6.75 12.22 -8.53
N LEU A 87 7.53 12.32 -7.46
CA LEU A 87 7.35 13.41 -6.51
C LEU A 87 8.70 13.76 -5.88
N ALA A 88 9.16 14.97 -6.16
CA ALA A 88 10.43 15.42 -5.62
C ALA A 88 11.56 14.97 -6.54
N GLY A 89 11.17 14.34 -7.64
CA GLY A 89 12.14 13.85 -8.60
C GLY A 89 12.39 12.35 -8.42
N GLN A 90 11.46 11.71 -7.73
CA GLN A 90 11.56 10.28 -7.48
C GLN A 90 10.25 9.59 -7.82
N THR A 91 10.37 8.49 -8.55
CA THR A 91 9.19 7.72 -8.95
C THR A 91 8.64 6.94 -7.76
N LEU A 92 7.44 7.34 -7.34
CA LEU A 92 6.79 6.69 -6.22
C LEU A 92 6.52 5.23 -6.56
N ASP A 93 7.18 4.35 -5.82
CA ASP A 93 7.03 2.92 -6.05
C ASP A 93 5.89 2.39 -5.16
N ILE A 94 4.74 2.22 -5.77
CA ILE A 94 3.57 1.73 -5.05
C ILE A 94 3.23 0.32 -5.56
N ASN A 95 2.61 -0.45 -4.67
CA ASN A 95 2.22 -1.81 -5.02
C ASN A 95 1.17 -2.30 -4.01
N MET A 96 0.57 -3.43 -4.34
CA MET A 96 -0.44 -4.01 -3.48
C MET A 96 0.18 -4.65 -2.25
N ALA A 97 -0.52 -4.51 -1.13
CA ALA A 97 -0.04 -5.06 0.13
C ALA A 97 -0.21 -6.58 0.12
N GLY A 98 0.86 -7.27 0.48
CA GLY A 98 0.83 -8.72 0.52
C GLY A 98 2.23 -9.29 0.76
N GLU A 99 2.82 -8.86 1.87
CA GLU A 99 4.15 -9.31 2.22
C GLU A 99 4.16 -9.86 3.66
N PRO A 100 4.88 -11.00 3.83
CA PRO A 100 4.97 -11.62 5.14
C PRO A 100 5.93 -10.85 6.06
N LYS A 101 6.36 -11.51 7.12
CA LYS A 101 7.27 -10.89 8.07
C LYS A 101 7.95 -11.98 8.90
N PRO A 102 9.22 -11.70 9.29
CA PRO A 102 9.99 -12.64 10.09
C PRO A 102 9.51 -12.66 11.54
N ASP A 103 9.06 -13.83 11.97
CA ASP A 103 8.56 -13.99 13.33
C ASP A 103 9.21 -15.22 13.96
N ARG A 104 10.26 -14.96 14.75
CA ARG A 104 10.97 -16.03 15.41
C ARG A 104 10.43 -16.24 16.83
N SER A 105 10.45 -15.16 17.59
CA SER A 105 9.96 -15.21 18.96
C SER A 105 8.60 -15.91 19.02
N GLY A 106 8.42 -16.70 20.06
CA GLY A 106 7.18 -17.43 20.25
C GLY A 106 7.43 -18.95 20.23
N PRO A 107 6.53 -19.68 20.93
CA PRO A 107 6.64 -21.13 21.01
C PRO A 107 6.21 -21.78 19.69
N SER A 108 6.34 -23.10 19.65
CA SER A 108 5.98 -23.86 18.46
C SER A 108 4.46 -23.93 18.34
N SER A 109 3.97 -23.38 17.24
CA SER A 109 2.53 -23.37 16.98
C SER A 109 2.27 -23.22 15.48
N GLY A 110 1.15 -23.77 15.04
CA GLY A 110 0.77 -23.70 13.64
C GLY A 110 0.86 -25.09 12.99
N GLY A 1 24.79 6.73 -28.85
CA GLY A 1 23.48 6.49 -29.46
C GLY A 1 22.40 6.34 -28.38
N SER A 2 21.17 6.24 -28.85
CA SER A 2 20.04 6.09 -27.95
C SER A 2 19.39 4.72 -28.14
N SER A 3 19.64 3.84 -27.19
CA SER A 3 19.10 2.50 -27.24
C SER A 3 19.49 1.72 -25.98
N GLY A 4 18.61 1.79 -24.98
CA GLY A 4 18.86 1.10 -23.72
C GLY A 4 17.82 1.51 -22.67
N SER A 5 16.80 0.67 -22.55
CA SER A 5 15.75 0.93 -21.58
C SER A 5 15.74 -0.17 -20.50
N SER A 6 16.60 0.01 -19.51
CA SER A 6 16.69 -0.96 -18.43
C SER A 6 16.44 -0.26 -17.10
N GLY A 7 15.99 -1.05 -16.13
CA GLY A 7 15.70 -0.53 -14.80
C GLY A 7 16.84 -0.87 -13.82
N MET A 8 17.12 0.10 -12.96
CA MET A 8 18.17 -0.07 -11.96
C MET A 8 17.58 -0.37 -10.59
N SER A 9 16.25 -0.41 -10.54
CA SER A 9 15.56 -0.68 -9.30
C SER A 9 15.25 -2.17 -9.17
N LEU A 10 14.47 -2.66 -10.12
CA LEU A 10 14.10 -4.07 -10.13
C LEU A 10 13.26 -4.38 -8.89
N LYS A 11 12.32 -5.29 -9.07
CA LYS A 11 11.45 -5.69 -7.98
C LYS A 11 11.47 -7.21 -7.84
N LEU A 12 11.89 -7.67 -6.67
CA LEU A 12 11.96 -9.09 -6.40
C LEU A 12 11.91 -9.32 -4.89
N GLN A 13 10.73 -9.70 -4.42
CA GLN A 13 10.54 -9.95 -3.00
C GLN A 13 9.36 -10.91 -2.79
N ALA A 14 9.63 -11.98 -2.05
CA ALA A 14 8.60 -12.97 -1.77
C ALA A 14 7.68 -12.44 -0.66
N SER A 15 6.39 -12.73 -0.82
CA SER A 15 5.41 -12.30 0.16
C SER A 15 4.54 -13.47 0.57
N ASN A 16 4.64 -13.83 1.84
CA ASN A 16 3.87 -14.95 2.38
C ASN A 16 3.86 -14.86 3.91
N VAL A 17 2.76 -15.31 4.48
CA VAL A 17 2.61 -15.30 5.93
C VAL A 17 2.78 -16.73 6.47
N THR A 18 2.84 -16.83 7.78
CA THR A 18 3.00 -18.12 8.43
C THR A 18 1.77 -18.44 9.29
N ASN A 19 1.34 -17.44 10.05
CA ASN A 19 0.18 -17.61 10.91
C ASN A 19 -0.07 -16.30 11.66
N LYS A 20 -1.27 -16.20 12.24
CA LYS A 20 -1.64 -15.01 12.99
C LYS A 20 -1.52 -13.79 12.08
N ASN A 21 -2.64 -13.45 11.45
CA ASN A 21 -2.68 -12.30 10.56
C ASN A 21 -4.12 -12.05 10.12
N ASP A 22 -4.44 -10.77 9.99
CA ASP A 22 -5.79 -10.38 9.58
C ASP A 22 -5.73 -9.78 8.18
N PRO A 23 -6.27 -10.55 7.20
CA PRO A 23 -6.29 -10.10 5.82
C PRO A 23 -7.34 -9.01 5.60
N LYS A 24 -8.03 -8.68 6.68
CA LYS A 24 -9.07 -7.67 6.63
C LYS A 24 -8.48 -6.36 6.11
N SER A 25 -7.15 -6.27 6.21
CA SER A 25 -6.45 -5.09 5.77
C SER A 25 -5.72 -5.37 4.44
N ILE A 26 -5.16 -6.57 4.36
CA ILE A 26 -4.44 -6.98 3.17
C ILE A 26 -5.40 -6.98 1.97
N ASN A 27 -6.67 -7.23 2.28
CA ASN A 27 -7.70 -7.26 1.25
C ASN A 27 -7.49 -6.08 0.30
N SER A 28 -7.50 -4.88 0.88
CA SER A 28 -7.32 -3.67 0.11
C SER A 28 -6.33 -2.74 0.81
N ARG A 29 -5.09 -2.78 0.35
CA ARG A 29 -4.05 -1.95 0.92
C ARG A 29 -3.00 -1.60 -0.14
N VAL A 30 -2.31 -0.49 0.10
CA VAL A 30 -1.28 -0.03 -0.82
C VAL A 30 -0.04 0.39 -0.03
N PHE A 31 1.11 0.05 -0.59
CA PHE A 31 2.38 0.39 0.04
C PHE A 31 3.14 1.43 -0.78
N ILE A 32 3.05 2.67 -0.33
CA ILE A 32 3.74 3.75 -1.01
C ILE A 32 5.19 3.82 -0.54
N GLY A 33 6.09 3.40 -1.42
CA GLY A 33 7.50 3.40 -1.11
C GLY A 33 8.23 4.50 -1.88
N ASN A 34 9.56 4.48 -1.77
CA ASN A 34 10.39 5.46 -2.45
C ASN A 34 9.72 6.84 -2.33
N LEU A 35 9.07 7.05 -1.19
CA LEU A 35 8.41 8.31 -0.94
C LEU A 35 9.30 9.20 -0.07
N ASN A 36 9.81 10.26 -0.69
CA ASN A 36 10.68 11.18 0.02
C ASN A 36 10.14 11.42 1.42
N THR A 37 8.82 11.32 1.54
CA THR A 37 8.16 11.53 2.82
C THR A 37 8.77 12.73 3.55
N ALA A 38 9.35 13.62 2.77
CA ALA A 38 9.97 14.82 3.33
C ALA A 38 9.08 16.03 3.03
N LEU A 39 8.49 16.02 1.85
CA LEU A 39 7.61 17.10 1.44
C LEU A 39 6.16 16.61 1.41
N VAL A 40 6.01 15.38 0.95
CA VAL A 40 4.69 14.78 0.86
C VAL A 40 4.17 14.46 2.27
N LYS A 41 3.00 15.00 2.57
CA LYS A 41 2.39 14.78 3.87
C LYS A 41 1.28 13.74 3.74
N LYS A 42 0.63 13.48 4.86
CA LYS A 42 -0.46 12.51 4.89
C LYS A 42 -1.73 13.17 4.39
N SER A 43 -1.93 14.41 4.82
CA SER A 43 -3.10 15.17 4.43
C SER A 43 -3.11 15.38 2.92
N ASP A 44 -1.91 15.40 2.35
CA ASP A 44 -1.76 15.60 0.92
C ASP A 44 -1.98 14.26 0.20
N VAL A 45 -1.07 13.33 0.47
CA VAL A 45 -1.15 12.01 -0.14
C VAL A 45 -2.58 11.49 -0.03
N GLU A 46 -3.28 11.99 0.98
CA GLU A 46 -4.66 11.58 1.21
C GLU A 46 -5.55 12.03 0.05
N THR A 47 -5.53 13.32 -0.21
CA THR A 47 -6.32 13.90 -1.28
C THR A 47 -5.79 13.43 -2.65
N ILE A 48 -4.59 12.86 -2.61
CA ILE A 48 -3.95 12.38 -3.82
C ILE A 48 -4.57 11.03 -4.21
N PHE A 49 -4.61 10.14 -3.24
CA PHE A 49 -5.16 8.81 -3.46
C PHE A 49 -6.67 8.80 -3.23
N SER A 50 -7.09 9.61 -2.26
CA SER A 50 -8.50 9.70 -1.93
C SER A 50 -9.34 9.69 -3.21
N LYS A 51 -8.75 10.19 -4.27
CA LYS A 51 -9.43 10.24 -5.55
C LYS A 51 -9.93 8.84 -5.92
N TYR A 52 -9.03 7.88 -5.80
CA TYR A 52 -9.36 6.50 -6.12
C TYR A 52 -10.50 5.99 -5.24
N GLY A 53 -10.68 6.67 -4.11
CA GLY A 53 -11.73 6.31 -3.18
C GLY A 53 -11.26 6.45 -1.74
N ARG A 54 -12.19 6.86 -0.89
CA ARG A 54 -11.90 7.05 0.53
C ARG A 54 -11.05 5.89 1.05
N VAL A 55 -9.97 6.24 1.72
CA VAL A 55 -9.07 5.23 2.27
C VAL A 55 -9.51 4.89 3.70
N ALA A 56 -9.65 3.60 3.95
CA ALA A 56 -10.06 3.13 5.26
C ALA A 56 -9.00 3.52 6.30
N GLY A 57 -7.75 3.43 5.88
CA GLY A 57 -6.64 3.76 6.75
C GLY A 57 -5.53 4.48 5.97
N CYS A 58 -4.92 5.45 6.64
CA CYS A 58 -3.84 6.21 6.03
C CYS A 58 -2.70 6.32 7.04
N SER A 59 -1.50 6.04 6.55
CA SER A 59 -0.31 6.11 7.40
C SER A 59 0.89 6.56 6.58
N VAL A 60 1.58 7.57 7.10
CA VAL A 60 2.75 8.11 6.43
C VAL A 60 4.00 7.81 7.28
N HIS A 61 4.96 7.15 6.64
CA HIS A 61 6.19 6.81 7.33
C HIS A 61 7.36 7.54 6.66
N LYS A 62 8.46 7.62 7.40
CA LYS A 62 9.64 8.30 6.90
C LYS A 62 10.34 7.39 5.89
N GLY A 63 9.99 7.58 4.62
CA GLY A 63 10.57 6.79 3.55
C GLY A 63 9.49 6.09 2.73
N TYR A 64 8.31 5.99 3.34
CA TYR A 64 7.19 5.34 2.69
C TYR A 64 5.86 5.73 3.35
N ALA A 65 4.78 5.30 2.73
CA ALA A 65 3.46 5.60 3.25
C ALA A 65 2.51 4.43 2.92
N PHE A 66 1.56 4.22 3.82
CA PHE A 66 0.60 3.14 3.64
C PHE A 66 -0.82 3.71 3.49
N VAL A 67 -1.59 3.05 2.63
CA VAL A 67 -2.96 3.48 2.39
C VAL A 67 -3.87 2.24 2.36
N GLN A 68 -4.95 2.32 3.14
CA GLN A 68 -5.90 1.23 3.21
C GLN A 68 -7.23 1.65 2.59
N TYR A 69 -7.86 0.68 1.93
CA TYR A 69 -9.14 0.93 1.29
C TYR A 69 -10.19 -0.08 1.73
N SER A 70 -11.43 0.17 1.34
CA SER A 70 -12.53 -0.71 1.69
C SER A 70 -12.71 -1.78 0.60
N ASN A 71 -12.54 -1.35 -0.65
CA ASN A 71 -12.68 -2.26 -1.77
C ASN A 71 -11.30 -2.57 -2.34
N GLU A 72 -11.17 -3.77 -2.90
CA GLU A 72 -9.92 -4.20 -3.47
C GLU A 72 -9.66 -3.45 -4.79
N ARG A 73 -10.70 -2.80 -5.27
CA ARG A 73 -10.60 -2.05 -6.52
C ARG A 73 -10.11 -0.62 -6.23
N HIS A 74 -10.65 -0.04 -5.17
CA HIS A 74 -10.28 1.30 -4.78
C HIS A 74 -8.78 1.36 -4.52
N ALA A 75 -8.20 0.20 -4.30
CA ALA A 75 -6.76 0.11 -4.05
C ALA A 75 -6.02 -0.01 -5.37
N ARG A 76 -6.28 -1.12 -6.07
CA ARG A 76 -5.64 -1.37 -7.34
C ARG A 76 -5.58 -0.09 -8.17
N ALA A 77 -6.69 0.64 -8.15
CA ALA A 77 -6.78 1.89 -8.89
C ALA A 77 -5.69 2.85 -8.39
N ALA A 78 -5.59 2.95 -7.07
CA ALA A 78 -4.60 3.82 -6.46
C ALA A 78 -3.22 3.21 -6.62
N VAL A 79 -3.20 1.89 -6.75
CA VAL A 79 -1.95 1.16 -6.90
C VAL A 79 -1.28 1.58 -8.22
N LEU A 80 -1.92 1.20 -9.31
CA LEU A 80 -1.41 1.52 -10.64
C LEU A 80 -1.55 3.03 -10.88
N GLY A 81 -2.72 3.54 -10.53
CA GLY A 81 -3.00 4.96 -10.70
C GLY A 81 -1.82 5.81 -10.20
N GLU A 82 -1.23 5.36 -9.11
CA GLU A 82 -0.10 6.07 -8.53
C GLU A 82 1.22 5.42 -8.97
N ASN A 83 1.33 4.13 -8.68
CA ASN A 83 2.52 3.39 -9.05
C ASN A 83 3.00 3.84 -10.43
N GLY A 84 4.22 4.37 -10.45
CA GLY A 84 4.80 4.85 -11.70
C GLY A 84 5.05 6.35 -11.65
N ARG A 85 4.24 7.02 -10.83
CA ARG A 85 4.35 8.46 -10.69
C ARG A 85 5.67 8.82 -9.99
N VAL A 86 6.18 10.00 -10.33
CA VAL A 86 7.42 10.47 -9.75
C VAL A 86 7.14 11.70 -8.89
N LEU A 87 7.90 11.83 -7.82
CA LEU A 87 7.75 12.95 -6.91
C LEU A 87 9.10 13.27 -6.27
N ALA A 88 9.59 14.48 -6.56
CA ALA A 88 10.87 14.91 -6.03
C ALA A 88 11.99 14.41 -6.93
N GLY A 89 11.60 13.69 -7.97
CA GLY A 89 12.56 13.15 -8.91
C GLY A 89 12.74 11.64 -8.71
N GLN A 90 11.79 11.06 -7.98
CA GLN A 90 11.83 9.63 -7.71
C GLN A 90 10.48 9.00 -8.06
N THR A 91 10.55 7.90 -8.79
CA THR A 91 9.35 7.18 -9.18
C THR A 91 8.74 6.46 -7.99
N LEU A 92 7.65 7.03 -7.48
CA LEU A 92 6.96 6.45 -6.34
C LEU A 92 6.73 4.95 -6.59
N ASP A 93 7.34 4.14 -5.76
CA ASP A 93 7.21 2.70 -5.88
C ASP A 93 6.04 2.23 -5.03
N ILE A 94 4.92 1.99 -5.70
CA ILE A 94 3.72 1.54 -5.02
C ILE A 94 3.36 0.13 -5.50
N ASN A 95 2.71 -0.61 -4.61
CA ASN A 95 2.31 -1.97 -4.94
C ASN A 95 1.25 -2.43 -3.94
N MET A 96 0.65 -3.58 -4.24
CA MET A 96 -0.39 -4.13 -3.39
C MET A 96 0.22 -4.81 -2.17
N ALA A 97 -0.33 -4.47 -1.01
CA ALA A 97 0.15 -5.04 0.23
C ALA A 97 -0.13 -6.54 0.24
N GLY A 98 0.94 -7.31 0.37
CA GLY A 98 0.82 -8.76 0.40
C GLY A 98 1.61 -9.35 1.57
N GLU A 99 2.87 -8.96 1.65
CA GLU A 99 3.74 -9.44 2.71
C GLU A 99 3.47 -8.67 4.01
N PRO A 100 2.99 -9.42 5.04
CA PRO A 100 2.68 -8.82 6.32
C PRO A 100 3.96 -8.52 7.11
N LYS A 101 3.79 -8.32 8.41
CA LYS A 101 4.92 -8.02 9.26
C LYS A 101 4.76 -8.77 10.60
N PRO A 102 5.92 -9.04 11.25
CA PRO A 102 5.90 -9.75 12.53
C PRO A 102 5.44 -8.81 13.65
N ASP A 103 4.31 -9.18 14.24
CA ASP A 103 3.75 -8.41 15.34
C ASP A 103 2.90 -9.30 16.22
N ARG A 104 3.18 -9.26 17.51
CA ARG A 104 2.45 -10.07 18.48
C ARG A 104 2.25 -11.49 17.93
N SER A 105 3.25 -12.33 18.17
CA SER A 105 3.21 -13.70 17.72
C SER A 105 3.36 -14.65 18.91
N GLY A 106 2.24 -14.90 19.57
CA GLY A 106 2.24 -15.79 20.73
C GLY A 106 2.72 -17.20 20.34
N PRO A 107 3.22 -17.93 21.37
CA PRO A 107 3.71 -19.28 21.14
C PRO A 107 2.56 -20.27 20.96
N SER A 108 1.60 -20.20 21.87
CA SER A 108 0.44 -21.07 21.81
C SER A 108 0.89 -22.53 21.69
N SER A 109 1.15 -23.12 22.84
CA SER A 109 1.59 -24.50 22.89
C SER A 109 0.72 -25.30 23.86
N GLY A 110 -0.11 -26.16 23.29
CA GLY A 110 -1.01 -26.98 24.08
C GLY A 110 -0.22 -27.88 25.04
N GLY A 1 4.81 33.66 -11.79
CA GLY A 1 5.32 33.28 -10.48
C GLY A 1 5.79 31.82 -10.47
N SER A 2 6.97 31.62 -9.92
CA SER A 2 7.54 30.28 -9.83
C SER A 2 8.31 30.12 -8.54
N SER A 3 8.50 28.86 -8.15
CA SER A 3 9.21 28.56 -6.92
C SER A 3 10.32 27.55 -7.20
N GLY A 4 11.32 27.55 -6.33
CA GLY A 4 12.44 26.64 -6.47
C GLY A 4 11.98 25.19 -6.43
N SER A 5 12.90 24.29 -6.77
CA SER A 5 12.60 22.87 -6.77
C SER A 5 13.90 22.06 -6.79
N SER A 6 13.76 20.78 -6.51
CA SER A 6 14.91 19.89 -6.49
C SER A 6 15.87 20.29 -5.37
N GLY A 7 16.01 19.41 -4.40
CA GLY A 7 16.88 19.66 -3.27
C GLY A 7 17.92 18.54 -3.12
N MET A 8 17.75 17.77 -2.04
CA MET A 8 18.66 16.67 -1.77
C MET A 8 18.21 15.90 -0.53
N SER A 9 18.83 14.74 -0.34
CA SER A 9 18.51 13.89 0.80
C SER A 9 19.77 13.18 1.29
N LEU A 10 19.72 12.74 2.54
CA LEU A 10 20.84 12.05 3.14
C LEU A 10 20.32 10.97 4.10
N LYS A 11 21.26 10.22 4.66
CA LYS A 11 20.90 9.15 5.59
C LYS A 11 19.74 8.35 5.01
N LEU A 12 19.18 7.50 5.86
CA LEU A 12 18.06 6.67 5.46
C LEU A 12 17.51 5.93 6.68
N GLN A 13 16.33 5.33 6.49
CA GLN A 13 15.69 4.60 7.57
C GLN A 13 14.64 3.65 6.99
N ALA A 14 14.48 2.51 7.68
CA ALA A 14 13.51 1.52 7.25
C ALA A 14 13.29 0.52 8.39
N SER A 15 12.15 -0.15 8.33
CA SER A 15 11.80 -1.14 9.33
C SER A 15 11.81 -2.54 8.72
N ASN A 16 11.84 -3.53 9.61
CA ASN A 16 11.85 -4.92 9.17
C ASN A 16 11.08 -5.77 10.17
N VAL A 17 11.52 -5.71 11.42
CA VAL A 17 10.88 -6.47 12.48
C VAL A 17 9.58 -5.77 12.89
N THR A 18 8.53 -6.58 12.98
CA THR A 18 7.22 -6.05 13.35
C THR A 18 6.32 -7.18 13.86
N ASN A 19 6.34 -8.28 13.13
CA ASN A 19 5.54 -9.43 13.50
C ASN A 19 4.15 -8.96 13.94
N LYS A 20 3.25 -8.88 12.98
CA LYS A 20 1.89 -8.44 13.27
C LYS A 20 0.95 -9.00 12.19
N ASN A 21 0.16 -9.99 12.59
CA ASN A 21 -0.78 -10.61 11.68
C ASN A 21 -2.13 -9.90 11.78
N ASP A 22 -2.38 -9.03 10.82
CA ASP A 22 -3.62 -8.28 10.80
C ASP A 22 -4.23 -8.36 9.40
N PRO A 23 -5.28 -9.22 9.28
CA PRO A 23 -5.97 -9.39 8.01
C PRO A 23 -6.85 -8.19 7.69
N LYS A 24 -7.11 -7.39 8.71
CA LYS A 24 -7.95 -6.21 8.55
C LYS A 24 -7.12 -5.09 7.92
N SER A 25 -6.69 -5.34 6.68
CA SER A 25 -5.90 -4.37 5.96
C SER A 25 -5.37 -4.99 4.66
N ILE A 26 -5.07 -6.28 4.73
CA ILE A 26 -4.56 -7.00 3.58
C ILE A 26 -5.58 -6.94 2.45
N ASN A 27 -6.84 -7.06 2.84
CA ASN A 27 -7.93 -7.02 1.87
C ASN A 27 -7.64 -5.95 0.81
N SER A 28 -7.65 -4.70 1.26
CA SER A 28 -7.37 -3.59 0.37
C SER A 28 -6.38 -2.63 1.02
N ARG A 29 -5.12 -2.76 0.61
CA ARG A 29 -4.07 -1.91 1.14
C ARG A 29 -3.05 -1.59 0.04
N VAL A 30 -2.35 -0.49 0.24
CA VAL A 30 -1.35 -0.06 -0.71
C VAL A 30 -0.08 0.37 0.05
N PHE A 31 1.06 0.01 -0.54
CA PHE A 31 2.33 0.35 0.06
C PHE A 31 3.09 1.38 -0.78
N ILE A 32 3.05 2.62 -0.32
CA ILE A 32 3.71 3.71 -1.02
C ILE A 32 5.18 3.78 -0.56
N GLY A 33 6.06 3.41 -1.47
CA GLY A 33 7.48 3.42 -1.18
C GLY A 33 8.18 4.57 -1.92
N ASN A 34 9.50 4.58 -1.81
CA ASN A 34 10.29 5.62 -2.46
C ASN A 34 9.58 6.97 -2.32
N LEU A 35 9.12 7.24 -1.10
CA LEU A 35 8.43 8.47 -0.82
C LEU A 35 9.29 9.35 0.10
N ASN A 36 9.77 10.44 -0.47
CA ASN A 36 10.61 11.37 0.28
C ASN A 36 10.04 11.53 1.69
N THR A 37 8.73 11.42 1.79
CA THR A 37 8.06 11.55 3.07
C THR A 37 8.64 12.73 3.87
N ALA A 38 9.21 13.67 3.13
CA ALA A 38 9.80 14.84 3.75
C ALA A 38 8.91 16.06 3.50
N LEU A 39 8.31 16.08 2.32
CA LEU A 39 7.43 17.17 1.95
C LEU A 39 5.99 16.66 1.88
N VAL A 40 5.85 15.46 1.36
CA VAL A 40 4.54 14.84 1.23
C VAL A 40 4.00 14.50 2.62
N LYS A 41 2.78 14.94 2.88
CA LYS A 41 2.15 14.69 4.16
C LYS A 41 1.08 13.60 3.99
N LYS A 42 0.41 13.30 5.09
CA LYS A 42 -0.63 12.29 5.08
C LYS A 42 -1.93 12.89 4.53
N SER A 43 -2.23 14.09 5.02
CA SER A 43 -3.44 14.78 4.60
C SER A 43 -3.38 15.04 3.09
N ASP A 44 -2.17 15.25 2.60
CA ASP A 44 -1.96 15.51 1.19
C ASP A 44 -2.10 14.19 0.40
N VAL A 45 -1.15 13.30 0.64
CA VAL A 45 -1.15 12.01 -0.03
C VAL A 45 -2.56 11.42 0.01
N GLU A 46 -3.29 11.78 1.06
CA GLU A 46 -4.64 11.30 1.23
C GLU A 46 -5.53 11.80 0.09
N THR A 47 -5.52 13.12 -0.09
CA THR A 47 -6.32 13.74 -1.14
C THR A 47 -5.78 13.35 -2.52
N ILE A 48 -4.58 12.78 -2.52
CA ILE A 48 -3.96 12.36 -3.76
C ILE A 48 -4.54 11.02 -4.19
N PHE A 49 -4.52 10.07 -3.25
CA PHE A 49 -5.04 8.74 -3.52
C PHE A 49 -6.56 8.70 -3.32
N SER A 50 -7.03 9.53 -2.40
CA SER A 50 -8.45 9.60 -2.10
C SER A 50 -9.25 9.68 -3.40
N LYS A 51 -8.60 10.21 -4.43
CA LYS A 51 -9.25 10.34 -5.73
C LYS A 51 -9.72 8.96 -6.20
N TYR A 52 -9.02 7.95 -5.73
CA TYR A 52 -9.36 6.58 -6.10
C TYR A 52 -10.40 5.99 -5.14
N GLY A 53 -10.80 6.81 -4.18
CA GLY A 53 -11.78 6.38 -3.19
C GLY A 53 -11.32 6.72 -1.78
N ARG A 54 -12.29 6.76 -0.87
CA ARG A 54 -11.99 7.07 0.52
C ARG A 54 -11.14 5.96 1.15
N VAL A 55 -9.98 6.36 1.66
CA VAL A 55 -9.08 5.41 2.28
C VAL A 55 -9.52 5.17 3.73
N ALA A 56 -9.62 3.90 4.07
CA ALA A 56 -10.04 3.52 5.41
C ALA A 56 -9.03 4.04 6.42
N GLY A 57 -7.76 4.02 6.02
CA GLY A 57 -6.69 4.49 6.87
C GLY A 57 -5.39 4.67 6.08
N CYS A 58 -4.73 5.79 6.32
CA CYS A 58 -3.48 6.09 5.64
C CYS A 58 -2.42 6.38 6.69
N SER A 59 -1.20 5.92 6.43
CA SER A 59 -0.09 6.13 7.34
C SER A 59 1.15 6.54 6.56
N VAL A 60 1.70 7.68 6.93
CA VAL A 60 2.89 8.19 6.28
C VAL A 60 4.11 7.89 7.15
N HIS A 61 5.08 7.21 6.55
CA HIS A 61 6.29 6.86 7.26
C HIS A 61 7.49 7.50 6.57
N LYS A 62 8.55 7.69 7.34
CA LYS A 62 9.77 8.30 6.82
C LYS A 62 10.44 7.32 5.85
N GLY A 63 10.08 7.46 4.59
CA GLY A 63 10.64 6.61 3.55
C GLY A 63 9.53 5.97 2.71
N TYR A 64 8.35 5.88 3.30
CA TYR A 64 7.21 5.30 2.62
C TYR A 64 5.90 5.67 3.33
N ALA A 65 4.79 5.30 2.69
CA ALA A 65 3.49 5.58 3.25
C ALA A 65 2.53 4.46 2.87
N PHE A 66 1.50 4.30 3.70
CA PHE A 66 0.50 3.26 3.46
C PHE A 66 -0.89 3.88 3.27
N VAL A 67 -1.74 3.14 2.57
CA VAL A 67 -3.10 3.59 2.32
C VAL A 67 -4.04 2.39 2.33
N GLN A 68 -5.09 2.50 3.14
CA GLN A 68 -6.06 1.44 3.25
C GLN A 68 -7.38 1.85 2.58
N TYR A 69 -8.05 0.86 2.00
CA TYR A 69 -9.31 1.11 1.33
C TYR A 69 -10.38 0.10 1.77
N SER A 70 -11.59 0.34 1.30
CA SER A 70 -12.70 -0.54 1.64
C SER A 70 -12.83 -1.64 0.60
N ASN A 71 -12.59 -1.27 -0.65
CA ASN A 71 -12.68 -2.22 -1.75
C ASN A 71 -11.27 -2.54 -2.25
N GLU A 72 -11.14 -3.72 -2.83
CA GLU A 72 -9.85 -4.16 -3.35
C GLU A 72 -9.52 -3.41 -4.64
N ARG A 73 -10.56 -2.87 -5.26
CA ARG A 73 -10.39 -2.12 -6.49
C ARG A 73 -9.96 -0.69 -6.20
N HIS A 74 -10.55 -0.13 -5.14
CA HIS A 74 -10.23 1.23 -4.74
C HIS A 74 -8.73 1.36 -4.51
N ALA A 75 -8.10 0.22 -4.28
CA ALA A 75 -6.66 0.20 -4.04
C ALA A 75 -5.93 0.05 -5.37
N ARG A 76 -6.15 -1.09 -6.01
CA ARG A 76 -5.53 -1.36 -7.30
C ARG A 76 -5.49 -0.10 -8.15
N ALA A 77 -6.61 0.62 -8.14
CA ALA A 77 -6.73 1.84 -8.91
C ALA A 77 -5.63 2.82 -8.46
N ALA A 78 -5.57 3.03 -7.15
CA ALA A 78 -4.58 3.93 -6.58
C ALA A 78 -3.18 3.32 -6.73
N VAL A 79 -3.16 1.98 -6.76
CA VAL A 79 -1.90 1.27 -6.89
C VAL A 79 -1.26 1.64 -8.23
N LEU A 80 -1.92 1.25 -9.30
CA LEU A 80 -1.42 1.53 -10.64
C LEU A 80 -1.57 3.03 -10.93
N GLY A 81 -2.72 3.55 -10.57
CA GLY A 81 -3.01 4.96 -10.78
C GLY A 81 -1.87 5.84 -10.26
N GLU A 82 -1.24 5.36 -9.19
CA GLU A 82 -0.14 6.08 -8.59
C GLU A 82 1.20 5.48 -9.02
N ASN A 83 1.33 4.18 -8.77
CA ASN A 83 2.55 3.47 -9.13
C ASN A 83 3.05 3.98 -10.48
N GLY A 84 4.32 4.39 -10.48
CA GLY A 84 4.93 4.90 -11.70
C GLY A 84 5.16 6.41 -11.60
N ARG A 85 4.34 7.05 -10.80
CA ARG A 85 4.43 8.49 -10.61
C ARG A 85 5.73 8.84 -9.88
N VAL A 86 6.25 10.02 -10.18
CA VAL A 86 7.48 10.49 -9.56
C VAL A 86 7.17 11.69 -8.66
N LEU A 87 7.93 11.78 -7.58
CA LEU A 87 7.75 12.88 -6.64
C LEU A 87 9.10 13.21 -5.99
N ALA A 88 9.55 14.44 -6.23
CA ALA A 88 10.81 14.89 -5.68
C ALA A 88 11.94 14.51 -6.64
N GLY A 89 11.61 13.65 -7.58
CA GLY A 89 12.58 13.20 -8.56
C GLY A 89 12.72 11.68 -8.54
N GLN A 90 11.97 11.06 -7.65
CA GLN A 90 11.99 9.61 -7.52
C GLN A 90 10.62 9.03 -7.89
N THR A 91 10.67 7.86 -8.50
CA THR A 91 9.45 7.18 -8.92
C THR A 91 8.81 6.48 -7.72
N LEU A 92 7.61 6.95 -7.37
CA LEU A 92 6.88 6.37 -6.25
C LEU A 92 6.62 4.89 -6.53
N ASP A 93 7.21 4.05 -5.69
CA ASP A 93 7.04 2.61 -5.84
C ASP A 93 5.85 2.15 -5.01
N ILE A 94 4.73 1.97 -5.69
CA ILE A 94 3.51 1.53 -5.03
C ILE A 94 3.14 0.14 -5.52
N ASN A 95 2.56 -0.64 -4.62
CA ASN A 95 2.15 -1.99 -4.95
C ASN A 95 1.15 -2.49 -3.89
N MET A 96 0.49 -3.59 -4.23
CA MET A 96 -0.49 -4.17 -3.33
C MET A 96 0.19 -4.86 -2.14
N ALA A 97 -0.39 -4.66 -0.97
CA ALA A 97 0.15 -5.25 0.24
C ALA A 97 0.21 -6.77 0.08
N GLY A 98 -0.95 -7.35 -0.19
CA GLY A 98 -1.04 -8.79 -0.37
C GLY A 98 -1.12 -9.15 -1.86
N GLU A 99 0.05 -9.27 -2.47
CA GLU A 99 0.13 -9.61 -3.88
C GLU A 99 0.62 -11.04 -4.05
N PRO A 100 -0.07 -11.80 -4.94
CA PRO A 100 0.29 -13.18 -5.21
C PRO A 100 1.55 -13.25 -6.08
N LYS A 101 1.75 -14.43 -6.67
CA LYS A 101 2.90 -14.65 -7.52
C LYS A 101 3.09 -13.43 -8.43
N PRO A 102 4.39 -13.11 -8.70
CA PRO A 102 4.73 -11.98 -9.55
C PRO A 102 4.47 -12.30 -11.02
N ASP A 103 4.28 -11.25 -11.80
CA ASP A 103 4.01 -11.41 -13.22
C ASP A 103 5.12 -10.71 -14.02
N ARG A 104 5.31 -11.19 -15.24
CA ARG A 104 6.33 -10.62 -16.11
C ARG A 104 5.69 -9.68 -17.13
N SER A 105 5.93 -8.39 -16.91
CA SER A 105 5.38 -7.37 -17.80
C SER A 105 6.47 -6.87 -18.75
N GLY A 106 6.03 -6.24 -19.83
CA GLY A 106 6.95 -5.71 -20.82
C GLY A 106 8.17 -5.07 -20.15
N PRO A 107 9.28 -4.99 -20.93
CA PRO A 107 10.51 -4.41 -20.43
C PRO A 107 10.40 -2.88 -20.37
N SER A 108 9.92 -2.40 -19.24
CA SER A 108 9.77 -0.96 -19.03
C SER A 108 9.39 -0.67 -17.58
N SER A 109 10.32 -0.04 -16.88
CA SER A 109 10.10 0.30 -15.49
C SER A 109 11.30 1.07 -14.94
N GLY A 110 12.46 0.42 -15.01
CA GLY A 110 13.68 1.02 -14.52
C GLY A 110 14.90 0.38 -15.17
N GLY A 1 -4.24 -23.68 13.52
CA GLY A 1 -4.63 -24.64 14.54
C GLY A 1 -3.76 -25.90 14.47
N SER A 2 -4.18 -26.92 15.21
CA SER A 2 -3.44 -28.17 15.24
C SER A 2 -1.97 -27.89 15.58
N SER A 3 -1.62 -28.13 16.84
CA SER A 3 -0.27 -27.92 17.29
C SER A 3 -0.05 -28.64 18.63
N GLY A 4 0.22 -29.93 18.53
CA GLY A 4 0.45 -30.74 19.72
C GLY A 4 0.77 -32.19 19.34
N SER A 5 0.24 -33.11 20.13
CA SER A 5 0.47 -34.53 19.89
C SER A 5 -0.77 -35.33 20.29
N SER A 6 -0.98 -36.42 19.57
CA SER A 6 -2.13 -37.28 19.84
C SER A 6 -2.11 -37.72 21.31
N GLY A 7 -3.06 -37.20 22.07
CA GLY A 7 -3.17 -37.54 23.47
C GLY A 7 -4.32 -36.79 24.13
N MET A 8 -4.18 -36.57 25.43
CA MET A 8 -5.20 -35.86 26.19
C MET A 8 -4.58 -35.09 27.36
N SER A 9 -4.33 -33.80 27.11
CA SER A 9 -3.76 -32.95 28.13
C SER A 9 -4.42 -31.57 28.08
N LEU A 10 -4.55 -30.99 29.27
CA LEU A 10 -5.16 -29.67 29.38
C LEU A 10 -4.29 -28.64 28.67
N LYS A 11 -4.85 -27.45 28.52
CA LYS A 11 -4.13 -26.37 27.86
C LYS A 11 -4.78 -25.03 28.22
N LEU A 12 -4.27 -24.43 29.29
CA LEU A 12 -4.80 -23.15 29.75
C LEU A 12 -4.23 -22.03 28.86
N GLN A 13 -4.95 -21.74 27.80
CA GLN A 13 -4.54 -20.70 26.87
C GLN A 13 -4.96 -19.33 27.40
N ALA A 14 -4.06 -18.71 28.13
CA ALA A 14 -4.32 -17.39 28.70
C ALA A 14 -4.25 -16.34 27.59
N SER A 15 -5.36 -16.18 26.89
CA SER A 15 -5.43 -15.21 25.81
C SER A 15 -6.83 -14.61 25.74
N ASN A 16 -7.04 -13.58 26.55
CA ASN A 16 -8.32 -12.91 26.59
C ASN A 16 -8.86 -12.76 25.16
N VAL A 17 -8.07 -12.13 24.32
CA VAL A 17 -8.44 -11.93 22.94
C VAL A 17 -7.41 -12.58 22.01
N THR A 18 -7.92 -13.25 20.99
CA THR A 18 -7.05 -13.92 20.04
C THR A 18 -6.52 -12.93 19.00
N ASN A 19 -5.62 -12.07 19.45
CA ASN A 19 -5.03 -11.07 18.57
C ASN A 19 -3.83 -11.68 17.84
N LYS A 20 -4.09 -12.11 16.60
CA LYS A 20 -3.04 -12.70 15.78
C LYS A 20 -2.72 -11.77 14.62
N ASN A 21 -3.68 -11.63 13.73
CA ASN A 21 -3.51 -10.77 12.56
C ASN A 21 -4.76 -10.86 11.68
N ASP A 22 -5.33 -9.69 11.40
CA ASP A 22 -6.52 -9.62 10.58
C ASP A 22 -6.14 -9.10 9.19
N PRO A 23 -6.61 -9.84 8.15
CA PRO A 23 -6.33 -9.47 6.77
C PRO A 23 -7.18 -8.27 6.34
N LYS A 24 -7.98 -7.79 7.28
CA LYS A 24 -8.85 -6.66 7.01
C LYS A 24 -8.05 -5.57 6.31
N SER A 25 -6.81 -5.40 6.75
CA SER A 25 -5.93 -4.41 6.16
C SER A 25 -5.38 -4.91 4.82
N ILE A 26 -5.22 -6.23 4.75
CA ILE A 26 -4.69 -6.85 3.54
C ILE A 26 -5.75 -6.77 2.43
N ASN A 27 -7.01 -6.82 2.85
CA ASN A 27 -8.12 -6.75 1.91
C ASN A 27 -7.79 -5.71 0.83
N SER A 28 -7.67 -4.47 1.27
CA SER A 28 -7.36 -3.39 0.35
C SER A 28 -6.36 -2.42 0.99
N ARG A 29 -5.10 -2.59 0.62
CA ARG A 29 -4.04 -1.75 1.15
C ARG A 29 -3.01 -1.44 0.06
N VAL A 30 -2.30 -0.34 0.25
CA VAL A 30 -1.29 0.08 -0.70
C VAL A 30 -0.03 0.50 0.06
N PHE A 31 1.11 0.16 -0.53
CA PHE A 31 2.39 0.50 0.08
C PHE A 31 3.16 1.51 -0.77
N ILE A 32 3.09 2.76 -0.34
CA ILE A 32 3.77 3.83 -1.06
C ILE A 32 5.24 3.89 -0.60
N GLY A 33 6.12 3.50 -1.49
CA GLY A 33 7.55 3.51 -1.20
C GLY A 33 8.24 4.67 -1.90
N ASN A 34 9.57 4.65 -1.86
CA ASN A 34 10.36 5.69 -2.47
C ASN A 34 9.72 7.05 -2.20
N LEU A 35 9.12 7.15 -1.02
CA LEU A 35 8.48 8.39 -0.62
C LEU A 35 9.40 9.17 0.32
N ASN A 36 9.74 10.37 -0.11
CA ASN A 36 10.62 11.22 0.67
C ASN A 36 10.04 11.40 2.07
N THR A 37 8.71 11.37 2.14
CA THR A 37 8.02 11.52 3.40
C THR A 37 8.63 12.66 4.21
N ALA A 38 9.27 13.59 3.50
CA ALA A 38 9.90 14.73 4.13
C ALA A 38 9.06 15.98 3.86
N LEU A 39 8.51 16.04 2.66
CA LEU A 39 7.69 17.17 2.27
C LEU A 39 6.24 16.73 2.15
N VAL A 40 6.06 15.52 1.63
CA VAL A 40 4.73 14.96 1.46
C VAL A 40 4.15 14.58 2.82
N LYS A 41 2.90 14.96 3.04
CA LYS A 41 2.24 14.66 4.29
C LYS A 41 1.23 13.53 4.06
N LYS A 42 0.53 13.19 5.14
CA LYS A 42 -0.46 12.13 5.08
C LYS A 42 -1.80 12.71 4.60
N SER A 43 -2.08 13.92 5.05
CA SER A 43 -3.31 14.60 4.67
C SER A 43 -3.26 14.98 3.19
N ASP A 44 -2.05 15.08 2.67
CA ASP A 44 -1.86 15.43 1.27
C ASP A 44 -1.96 14.17 0.42
N VAL A 45 -1.13 13.19 0.76
CA VAL A 45 -1.12 11.93 0.03
C VAL A 45 -2.51 11.31 0.06
N GLU A 46 -3.26 11.67 1.10
CA GLU A 46 -4.61 11.16 1.27
C GLU A 46 -5.49 11.61 0.10
N THR A 47 -5.58 12.92 -0.06
CA THR A 47 -6.38 13.48 -1.13
C THR A 47 -5.84 13.06 -2.50
N ILE A 48 -4.53 12.79 -2.52
CA ILE A 48 -3.88 12.37 -3.75
C ILE A 48 -4.44 11.01 -4.19
N PHE A 49 -4.54 10.12 -3.21
CA PHE A 49 -5.06 8.78 -3.47
C PHE A 49 -6.58 8.72 -3.25
N SER A 50 -7.09 9.78 -2.65
CA SER A 50 -8.52 9.86 -2.37
C SER A 50 -9.30 9.83 -3.69
N LYS A 51 -8.65 10.28 -4.74
CA LYS A 51 -9.27 10.30 -6.05
C LYS A 51 -9.72 8.89 -6.43
N TYR A 52 -9.07 7.91 -5.82
CA TYR A 52 -9.38 6.52 -6.08
C TYR A 52 -10.35 5.97 -5.04
N GLY A 53 -10.87 6.88 -4.22
CA GLY A 53 -11.81 6.51 -3.17
C GLY A 53 -11.25 6.86 -1.79
N ARG A 54 -12.17 6.95 -0.83
CA ARG A 54 -11.79 7.28 0.53
C ARG A 54 -10.92 6.17 1.12
N VAL A 55 -9.84 6.58 1.77
CA VAL A 55 -8.92 5.64 2.38
C VAL A 55 -9.38 5.34 3.80
N ALA A 56 -9.51 4.05 4.07
CA ALA A 56 -9.95 3.61 5.40
C ALA A 56 -8.88 3.98 6.43
N GLY A 57 -7.64 4.02 5.96
CA GLY A 57 -6.53 4.36 6.83
C GLY A 57 -5.25 4.58 6.02
N CYS A 58 -4.79 5.82 6.04
CA CYS A 58 -3.58 6.18 5.30
C CYS A 58 -2.51 6.59 6.33
N SER A 59 -1.37 5.91 6.24
CA SER A 59 -0.27 6.18 7.14
C SER A 59 0.94 6.66 6.35
N VAL A 60 1.73 7.51 7.00
CA VAL A 60 2.93 8.05 6.36
C VAL A 60 4.14 7.81 7.27
N HIS A 61 5.12 7.12 6.71
CA HIS A 61 6.33 6.81 7.45
C HIS A 61 7.54 7.47 6.76
N LYS A 62 8.50 7.87 7.58
CA LYS A 62 9.70 8.51 7.08
C LYS A 62 10.44 7.53 6.14
N GLY A 63 9.96 7.49 4.90
CA GLY A 63 10.57 6.62 3.91
C GLY A 63 9.49 6.01 3.00
N TYR A 64 8.30 5.90 3.55
CA TYR A 64 7.19 5.33 2.80
C TYR A 64 5.84 5.81 3.37
N ALA A 65 4.78 5.21 2.86
CA ALA A 65 3.44 5.57 3.30
C ALA A 65 2.47 4.45 2.91
N PHE A 66 1.47 4.26 3.75
CA PHE A 66 0.46 3.24 3.51
C PHE A 66 -0.92 3.86 3.30
N VAL A 67 -1.72 3.17 2.50
CA VAL A 67 -3.07 3.65 2.21
C VAL A 67 -4.04 2.46 2.23
N GLN A 68 -5.03 2.56 3.09
CA GLN A 68 -6.04 1.51 3.21
C GLN A 68 -7.34 1.95 2.57
N TYR A 69 -8.03 0.98 1.97
CA TYR A 69 -9.30 1.25 1.31
C TYR A 69 -10.37 0.26 1.77
N SER A 70 -11.59 0.52 1.33
CA SER A 70 -12.70 -0.34 1.69
C SER A 70 -12.89 -1.43 0.63
N ASN A 71 -12.66 -1.04 -0.62
CA ASN A 71 -12.80 -1.97 -1.72
C ASN A 71 -11.41 -2.35 -2.25
N GLU A 72 -11.24 -3.63 -2.53
CA GLU A 72 -9.98 -4.14 -3.03
C GLU A 72 -9.65 -3.51 -4.38
N ARG A 73 -10.66 -2.85 -4.95
CA ARG A 73 -10.49 -2.21 -6.24
C ARG A 73 -10.01 -0.77 -6.06
N HIS A 74 -10.64 -0.08 -5.11
CA HIS A 74 -10.28 1.30 -4.82
C HIS A 74 -8.77 1.40 -4.59
N ALA A 75 -8.18 0.26 -4.24
CA ALA A 75 -6.76 0.22 -3.99
C ALA A 75 -6.01 0.05 -5.31
N ARG A 76 -6.28 -1.07 -5.97
CA ARG A 76 -5.64 -1.35 -7.25
C ARG A 76 -5.59 -0.10 -8.11
N ALA A 77 -6.70 0.61 -8.13
CA ALA A 77 -6.80 1.84 -8.91
C ALA A 77 -5.72 2.82 -8.45
N ALA A 78 -5.63 2.96 -7.14
CA ALA A 78 -4.64 3.87 -6.56
C ALA A 78 -3.25 3.26 -6.71
N VAL A 79 -3.21 1.93 -6.78
CA VAL A 79 -1.95 1.23 -6.92
C VAL A 79 -1.33 1.58 -8.27
N LEU A 80 -2.04 1.20 -9.33
CA LEU A 80 -1.57 1.47 -10.67
C LEU A 80 -1.75 2.95 -10.99
N GLY A 81 -2.83 3.51 -10.48
CA GLY A 81 -3.13 4.90 -10.70
C GLY A 81 -2.00 5.80 -10.18
N GLU A 82 -1.35 5.32 -9.13
CA GLU A 82 -0.25 6.06 -8.55
C GLU A 82 1.09 5.45 -8.97
N ASN A 83 1.20 4.15 -8.78
CA ASN A 83 2.42 3.44 -9.13
C ASN A 83 2.94 3.98 -10.45
N GLY A 84 4.11 4.61 -10.38
CA GLY A 84 4.73 5.17 -11.56
C GLY A 84 4.97 6.68 -11.39
N ARG A 85 4.25 7.25 -10.43
CA ARG A 85 4.38 8.68 -10.16
C ARG A 85 5.76 8.99 -9.57
N VAL A 86 6.16 10.24 -9.71
CA VAL A 86 7.45 10.68 -9.21
C VAL A 86 7.23 11.81 -8.20
N LEU A 87 8.08 11.80 -7.17
CA LEU A 87 7.99 12.83 -6.14
C LEU A 87 9.39 13.08 -5.56
N ALA A 88 9.87 14.29 -5.76
CA ALA A 88 11.18 14.67 -5.27
C ALA A 88 12.24 14.24 -6.29
N GLY A 89 11.79 13.51 -7.29
CA GLY A 89 12.69 13.03 -8.32
C GLY A 89 12.74 11.49 -8.34
N GLN A 90 12.04 10.90 -7.40
CA GLN A 90 11.99 9.45 -7.30
C GLN A 90 10.61 8.93 -7.70
N THR A 91 10.62 7.88 -8.50
CA THR A 91 9.37 7.29 -8.97
C THR A 91 8.70 6.51 -7.84
N LEU A 92 7.76 7.18 -7.19
CA LEU A 92 7.03 6.57 -6.09
C LEU A 92 6.74 5.10 -6.43
N ASP A 93 7.36 4.21 -5.67
CA ASP A 93 7.18 2.79 -5.87
C ASP A 93 6.01 2.30 -5.01
N ILE A 94 4.87 2.14 -5.67
CA ILE A 94 3.67 1.68 -4.98
C ILE A 94 3.32 0.28 -5.47
N ASN A 95 2.70 -0.49 -4.58
CA ASN A 95 2.30 -1.84 -4.90
C ASN A 95 1.26 -2.33 -3.89
N MET A 96 0.65 -3.46 -4.21
CA MET A 96 -0.36 -4.04 -3.33
C MET A 96 0.28 -4.70 -2.12
N ALA A 97 -0.40 -4.56 -0.99
CA ALA A 97 0.09 -5.14 0.26
C ALA A 97 0.29 -6.65 0.07
N GLY A 98 -0.82 -7.35 -0.10
CA GLY A 98 -0.78 -8.79 -0.30
C GLY A 98 -0.92 -9.14 -1.79
N GLU A 99 0.21 -9.11 -2.48
CA GLU A 99 0.22 -9.43 -3.89
C GLU A 99 0.81 -10.82 -4.12
N PRO A 100 0.04 -11.66 -4.87
CA PRO A 100 0.47 -13.01 -5.17
C PRO A 100 1.57 -13.02 -6.23
N LYS A 101 1.77 -14.18 -6.81
CA LYS A 101 2.79 -14.33 -7.85
C LYS A 101 2.12 -14.61 -9.19
N PRO A 102 2.24 -13.62 -10.11
CA PRO A 102 1.65 -13.75 -11.43
C PRO A 102 2.46 -14.70 -12.31
N ASP A 103 1.74 -15.55 -13.03
CA ASP A 103 2.38 -16.52 -13.90
C ASP A 103 2.62 -15.88 -15.28
N ARG A 104 3.66 -16.34 -15.93
CA ARG A 104 4.01 -15.83 -17.25
C ARG A 104 4.32 -14.33 -17.17
N SER A 105 5.50 -13.98 -17.66
CA SER A 105 5.92 -12.58 -17.65
C SER A 105 5.37 -11.87 -18.89
N GLY A 106 4.58 -10.84 -18.62
CA GLY A 106 3.98 -10.05 -19.69
C GLY A 106 2.64 -9.46 -19.26
N PRO A 107 2.28 -8.32 -19.89
CA PRO A 107 1.03 -7.65 -19.59
C PRO A 107 -0.16 -8.40 -20.19
N SER A 108 -0.15 -8.50 -21.51
CA SER A 108 -1.22 -9.18 -22.21
C SER A 108 -0.71 -9.69 -23.56
N SER A 109 -1.54 -10.48 -24.22
CA SER A 109 -1.19 -11.04 -25.52
C SER A 109 -0.11 -12.10 -25.35
N GLY A 110 1.08 -11.65 -24.97
CA GLY A 110 2.20 -12.55 -24.76
C GLY A 110 2.42 -13.42 -26.00
N GLY A 1 -24.89 -30.72 -0.88
CA GLY A 1 -23.88 -31.08 0.08
C GLY A 1 -22.93 -29.89 0.34
N SER A 2 -23.23 -29.15 1.39
CA SER A 2 -22.42 -28.00 1.75
C SER A 2 -21.25 -28.44 2.64
N SER A 3 -20.23 -27.60 2.67
CA SER A 3 -19.06 -27.89 3.48
C SER A 3 -19.14 -27.15 4.81
N GLY A 4 -18.28 -27.56 5.74
CA GLY A 4 -18.26 -26.94 7.06
C GLY A 4 -16.91 -26.28 7.33
N SER A 5 -16.93 -24.96 7.37
CA SER A 5 -15.73 -24.20 7.61
C SER A 5 -15.61 -23.86 9.10
N SER A 6 -14.43 -23.38 9.47
CA SER A 6 -14.18 -23.01 10.86
C SER A 6 -14.86 -21.68 11.18
N GLY A 7 -14.93 -21.39 12.47
CA GLY A 7 -15.55 -20.16 12.93
C GLY A 7 -15.07 -19.79 14.34
N MET A 8 -13.95 -19.09 14.38
CA MET A 8 -13.38 -18.67 15.65
C MET A 8 -13.53 -17.16 15.85
N SER A 9 -14.67 -16.78 16.40
CA SER A 9 -14.95 -15.37 16.65
C SER A 9 -15.20 -15.15 18.14
N LEU A 10 -14.84 -13.96 18.60
CA LEU A 10 -15.02 -13.60 20.00
C LEU A 10 -14.77 -12.11 20.17
N LYS A 11 -15.81 -11.40 20.58
CA LYS A 11 -15.71 -9.97 20.79
C LYS A 11 -16.42 -9.60 22.10
N LEU A 12 -15.62 -9.46 23.14
CA LEU A 12 -16.15 -9.10 24.45
C LEU A 12 -15.33 -7.96 25.04
N GLN A 13 -15.86 -7.39 26.11
CA GLN A 13 -15.19 -6.28 26.79
C GLN A 13 -13.74 -6.64 27.05
N ALA A 14 -12.85 -5.86 26.46
CA ALA A 14 -11.42 -6.08 26.62
C ALA A 14 -10.65 -4.84 26.14
N SER A 15 -9.50 -4.62 26.75
CA SER A 15 -8.67 -3.48 26.40
C SER A 15 -8.60 -3.35 24.88
N ASN A 16 -8.59 -4.50 24.21
CA ASN A 16 -8.52 -4.52 22.76
C ASN A 16 -8.55 -5.97 22.27
N VAL A 17 -7.50 -6.69 22.63
CA VAL A 17 -7.39 -8.09 22.24
C VAL A 17 -7.62 -8.21 20.73
N THR A 18 -6.62 -7.80 19.98
CA THR A 18 -6.69 -7.87 18.53
C THR A 18 -7.02 -9.30 18.07
N ASN A 19 -6.50 -10.25 18.82
CA ASN A 19 -6.71 -11.66 18.51
C ASN A 19 -6.25 -11.93 17.07
N LYS A 20 -4.94 -11.98 16.92
CA LYS A 20 -4.35 -12.23 15.61
C LYS A 20 -4.54 -11.00 14.73
N ASN A 21 -3.64 -10.86 13.77
CA ASN A 21 -3.70 -9.73 12.85
C ASN A 21 -5.05 -9.72 12.14
N ASP A 22 -5.37 -8.58 11.56
CA ASP A 22 -6.64 -8.42 10.85
C ASP A 22 -6.37 -8.18 9.38
N PRO A 23 -6.69 -9.21 8.54
CA PRO A 23 -6.49 -9.11 7.11
C PRO A 23 -7.54 -8.21 6.46
N LYS A 24 -8.43 -7.70 7.30
CA LYS A 24 -9.49 -6.83 6.83
C LYS A 24 -8.87 -5.62 6.13
N SER A 25 -7.67 -5.27 6.57
CA SER A 25 -6.97 -4.14 6.00
C SER A 25 -6.09 -4.61 4.83
N ILE A 26 -5.73 -5.88 4.86
CA ILE A 26 -4.90 -6.45 3.83
C ILE A 26 -5.74 -6.64 2.56
N ASN A 27 -7.04 -6.83 2.77
CA ASN A 27 -7.96 -7.01 1.66
C ASN A 27 -7.78 -5.88 0.65
N SER A 28 -7.65 -4.68 1.17
CA SER A 28 -7.47 -3.50 0.34
C SER A 28 -6.48 -2.53 1.00
N ARG A 29 -5.24 -2.60 0.54
CA ARG A 29 -4.21 -1.74 1.07
C ARG A 29 -3.16 -1.44 -0.01
N VAL A 30 -2.46 -0.33 0.18
CA VAL A 30 -1.43 0.07 -0.77
C VAL A 30 -0.18 0.52 0.01
N PHE A 31 0.96 0.14 -0.53
CA PHE A 31 2.23 0.48 0.09
C PHE A 31 3.00 1.50 -0.76
N ILE A 32 3.02 2.74 -0.27
CA ILE A 32 3.71 3.80 -0.97
C ILE A 32 5.15 3.87 -0.48
N GLY A 33 6.07 3.56 -1.39
CA GLY A 33 7.49 3.59 -1.06
C GLY A 33 8.20 4.72 -1.80
N ASN A 34 9.52 4.69 -1.72
CA ASN A 34 10.33 5.71 -2.37
C ASN A 34 9.67 7.08 -2.17
N LEU A 35 9.02 7.22 -1.04
CA LEU A 35 8.35 8.47 -0.70
C LEU A 35 9.22 9.28 0.25
N ASN A 36 9.70 10.40 -0.25
CA ASN A 36 10.56 11.27 0.54
C ASN A 36 9.96 11.41 1.94
N THR A 37 8.64 11.38 2.00
CA THR A 37 7.93 11.51 3.26
C THR A 37 8.52 12.67 4.08
N ALA A 38 9.13 13.60 3.37
CA ALA A 38 9.73 14.75 4.01
C ALA A 38 8.87 15.99 3.73
N LEU A 39 8.32 16.03 2.52
CA LEU A 39 7.48 17.14 2.11
C LEU A 39 6.04 16.66 1.99
N VAL A 40 5.88 15.45 1.50
CA VAL A 40 4.56 14.86 1.34
C VAL A 40 4.01 14.47 2.71
N LYS A 41 2.81 14.96 2.99
CA LYS A 41 2.16 14.66 4.25
C LYS A 41 1.10 13.58 4.04
N LYS A 42 0.41 13.25 5.12
CA LYS A 42 -0.62 12.23 5.07
C LYS A 42 -1.92 12.86 4.54
N SER A 43 -2.15 14.09 4.97
CA SER A 43 -3.35 14.82 4.55
C SER A 43 -3.31 15.06 3.04
N ASP A 44 -2.09 15.23 2.53
CA ASP A 44 -1.92 15.47 1.11
C ASP A 44 -2.03 14.14 0.36
N VAL A 45 -1.08 13.26 0.63
CA VAL A 45 -1.06 11.96 -0.01
C VAL A 45 -2.47 11.36 0.02
N GLU A 46 -3.23 11.77 1.02
CA GLU A 46 -4.59 11.29 1.17
C GLU A 46 -5.47 11.82 0.04
N THR A 47 -5.43 13.13 -0.14
CA THR A 47 -6.22 13.77 -1.18
C THR A 47 -5.71 13.36 -2.57
N ILE A 48 -4.53 12.73 -2.57
CA ILE A 48 -3.93 12.29 -3.81
C ILE A 48 -4.52 10.92 -4.19
N PHE A 49 -4.58 10.05 -3.20
CA PHE A 49 -5.12 8.71 -3.41
C PHE A 49 -6.61 8.66 -3.12
N SER A 50 -7.10 9.74 -2.52
CA SER A 50 -8.51 9.83 -2.18
C SER A 50 -9.36 9.80 -3.45
N LYS A 51 -8.72 10.13 -4.56
CA LYS A 51 -9.40 10.14 -5.85
C LYS A 51 -9.91 8.74 -6.15
N TYR A 52 -9.11 7.75 -5.79
CA TYR A 52 -9.47 6.36 -6.02
C TYR A 52 -10.56 5.91 -5.05
N GLY A 53 -10.92 6.81 -4.15
CA GLY A 53 -11.94 6.52 -3.15
C GLY A 53 -11.37 6.62 -1.75
N ARG A 54 -12.27 6.78 -0.79
CA ARG A 54 -11.88 6.89 0.61
C ARG A 54 -10.83 5.83 0.96
N VAL A 55 -10.07 6.12 1.99
CA VAL A 55 -9.03 5.20 2.44
C VAL A 55 -9.36 4.68 3.84
N ALA A 56 -9.32 3.37 3.97
CA ALA A 56 -9.62 2.73 5.24
C ALA A 56 -8.67 3.26 6.31
N GLY A 57 -7.51 3.71 5.85
CA GLY A 57 -6.50 4.25 6.75
C GLY A 57 -5.19 4.51 6.01
N CYS A 58 -4.65 5.70 6.22
CA CYS A 58 -3.39 6.08 5.59
C CYS A 58 -2.36 6.33 6.68
N SER A 59 -1.17 5.77 6.47
CA SER A 59 -0.10 5.93 7.44
C SER A 59 1.18 6.37 6.72
N VAL A 60 1.57 7.61 6.98
CA VAL A 60 2.77 8.16 6.37
C VAL A 60 3.98 7.86 7.26
N HIS A 61 4.97 7.22 6.67
CA HIS A 61 6.18 6.87 7.41
C HIS A 61 7.38 7.56 6.76
N LYS A 62 8.45 7.65 7.52
CA LYS A 62 9.67 8.27 7.04
C LYS A 62 10.37 7.34 6.05
N GLY A 63 10.07 7.54 4.78
CA GLY A 63 10.65 6.72 3.74
C GLY A 63 9.58 6.02 2.90
N TYR A 64 8.37 5.98 3.48
CA TYR A 64 7.25 5.34 2.81
C TYR A 64 5.93 5.72 3.47
N ALA A 65 4.84 5.31 2.85
CA ALA A 65 3.52 5.60 3.36
C ALA A 65 2.56 4.48 2.97
N PHE A 66 1.54 4.30 3.80
CA PHE A 66 0.55 3.26 3.55
C PHE A 66 -0.84 3.86 3.32
N VAL A 67 -1.58 3.24 2.43
CA VAL A 67 -2.92 3.71 2.11
C VAL A 67 -3.88 2.51 2.09
N GLN A 68 -4.80 2.51 3.05
CA GLN A 68 -5.78 1.45 3.14
C GLN A 68 -7.08 1.85 2.44
N TYR A 69 -7.75 0.84 1.90
CA TYR A 69 -9.00 1.07 1.20
C TYR A 69 -10.08 0.08 1.65
N SER A 70 -11.30 0.36 1.24
CA SER A 70 -12.43 -0.50 1.60
C SER A 70 -12.82 -1.36 0.40
N ASN A 71 -12.53 -0.85 -0.78
CA ASN A 71 -12.85 -1.56 -2.01
C ASN A 71 -11.57 -2.10 -2.63
N GLU A 72 -11.64 -3.36 -3.03
CA GLU A 72 -10.49 -4.02 -3.65
C GLU A 72 -10.08 -3.29 -4.93
N ARG A 73 -10.97 -2.43 -5.39
CA ARG A 73 -10.72 -1.67 -6.60
C ARG A 73 -10.04 -0.34 -6.26
N HIS A 74 -10.55 0.31 -5.23
CA HIS A 74 -10.00 1.59 -4.80
C HIS A 74 -8.50 1.44 -4.57
N ALA A 75 -8.09 0.22 -4.29
CA ALA A 75 -6.68 -0.07 -4.04
C ALA A 75 -5.95 -0.18 -5.39
N ARG A 76 -6.18 -1.29 -6.06
CA ARG A 76 -5.55 -1.53 -7.35
C ARG A 76 -5.53 -0.23 -8.18
N ALA A 77 -6.66 0.47 -8.14
CA ALA A 77 -6.78 1.71 -8.88
C ALA A 77 -5.70 2.70 -8.39
N ALA A 78 -5.63 2.84 -7.08
CA ALA A 78 -4.67 3.74 -6.48
C ALA A 78 -3.27 3.15 -6.64
N VAL A 79 -3.22 1.83 -6.75
CA VAL A 79 -1.95 1.13 -6.91
C VAL A 79 -1.32 1.53 -8.25
N LEU A 80 -1.98 1.12 -9.31
CA LEU A 80 -1.50 1.42 -10.66
C LEU A 80 -1.71 2.91 -10.94
N GLY A 81 -2.83 3.43 -10.45
CA GLY A 81 -3.16 4.82 -10.65
C GLY A 81 -2.02 5.73 -10.17
N GLU A 82 -1.38 5.30 -9.10
CA GLU A 82 -0.27 6.06 -8.54
C GLU A 82 1.06 5.44 -8.95
N ASN A 83 1.19 4.15 -8.71
CA ASN A 83 2.39 3.43 -9.04
C ASN A 83 2.93 3.94 -10.39
N GLY A 84 4.06 4.63 -10.32
CA GLY A 84 4.67 5.18 -11.52
C GLY A 84 4.85 6.69 -11.40
N ARG A 85 4.08 7.27 -10.50
CA ARG A 85 4.15 8.72 -10.28
C ARG A 85 5.49 9.09 -9.67
N VAL A 86 5.86 10.35 -9.86
CA VAL A 86 7.12 10.85 -9.33
C VAL A 86 6.84 12.00 -8.35
N LEU A 87 7.64 12.06 -7.31
CA LEU A 87 7.49 13.09 -6.30
C LEU A 87 8.85 13.41 -5.68
N ALA A 88 9.29 14.64 -5.90
CA ALA A 88 10.58 15.08 -5.38
C ALA A 88 11.69 14.68 -6.35
N GLY A 89 11.28 13.98 -7.40
CA GLY A 89 12.22 13.52 -8.41
C GLY A 89 12.43 12.01 -8.33
N GLN A 90 11.55 11.37 -7.57
CA GLN A 90 11.62 9.93 -7.40
C GLN A 90 10.28 9.28 -7.78
N THR A 91 10.37 8.22 -8.56
CA THR A 91 9.18 7.51 -8.99
C THR A 91 8.57 6.73 -7.83
N LEU A 92 7.53 7.32 -7.25
CA LEU A 92 6.85 6.69 -6.12
C LEU A 92 6.61 5.22 -6.43
N ASP A 93 7.24 4.36 -5.64
CA ASP A 93 7.11 2.93 -5.82
C ASP A 93 5.93 2.42 -4.97
N ILE A 94 4.81 2.22 -5.63
CA ILE A 94 3.62 1.73 -4.96
C ILE A 94 3.30 0.32 -5.46
N ASN A 95 2.66 -0.45 -4.58
CA ASN A 95 2.28 -1.81 -4.91
C ASN A 95 1.21 -2.30 -3.93
N MET A 96 0.67 -3.46 -4.22
CA MET A 96 -0.36 -4.05 -3.38
C MET A 96 0.27 -4.72 -2.15
N ALA A 97 -0.33 -4.44 -1.00
CA ALA A 97 0.14 -5.00 0.25
C ALA A 97 0.27 -6.52 0.11
N GLY A 98 -0.80 -7.13 -0.37
CA GLY A 98 -0.82 -8.57 -0.57
C GLY A 98 -0.08 -8.96 -1.85
N GLU A 99 1.19 -9.30 -1.68
CA GLU A 99 2.01 -9.69 -2.81
C GLU A 99 2.05 -11.22 -2.93
N PRO A 100 1.40 -11.73 -4.01
CA PRO A 100 1.36 -13.16 -4.25
C PRO A 100 2.71 -13.67 -4.78
N LYS A 101 2.66 -14.85 -5.36
CA LYS A 101 3.87 -15.47 -5.91
C LYS A 101 3.76 -15.53 -7.43
N PRO A 102 4.68 -14.81 -8.11
CA PRO A 102 4.70 -14.77 -9.56
C PRO A 102 5.25 -16.08 -10.13
N ASP A 103 4.33 -16.89 -10.64
CA ASP A 103 4.71 -18.17 -11.23
C ASP A 103 3.47 -18.84 -11.81
N ARG A 104 2.49 -19.07 -10.95
CA ARG A 104 1.26 -19.70 -11.37
C ARG A 104 1.51 -21.15 -11.77
N SER A 105 1.07 -22.06 -10.91
CA SER A 105 1.25 -23.48 -11.18
C SER A 105 0.87 -23.79 -12.63
N GLY A 106 1.61 -24.73 -13.21
CA GLY A 106 1.36 -25.14 -14.57
C GLY A 106 1.61 -26.63 -14.76
N PRO A 107 1.86 -27.02 -16.05
CA PRO A 107 2.12 -28.41 -16.36
C PRO A 107 3.52 -28.82 -15.93
N SER A 108 3.57 -29.62 -14.87
CA SER A 108 4.84 -30.09 -14.35
C SER A 108 5.87 -28.97 -14.41
N SER A 109 5.84 -28.13 -13.38
CA SER A 109 6.77 -27.01 -13.31
C SER A 109 8.20 -27.50 -13.55
N GLY A 110 9.08 -26.56 -13.81
CA GLY A 110 10.48 -26.88 -14.06
C GLY A 110 11.40 -25.76 -13.55
N GLY A 1 -31.63 -19.52 -28.48
CA GLY A 1 -30.28 -19.71 -28.97
C GLY A 1 -29.26 -19.49 -27.85
N SER A 2 -28.17 -20.25 -27.93
CA SER A 2 -27.12 -20.14 -26.93
C SER A 2 -26.14 -19.03 -27.33
N SER A 3 -25.93 -18.11 -26.38
CA SER A 3 -25.02 -17.00 -26.61
C SER A 3 -24.83 -16.21 -25.32
N GLY A 4 -23.60 -15.78 -25.11
CA GLY A 4 -23.27 -15.01 -23.91
C GLY A 4 -22.09 -15.64 -23.17
N SER A 5 -21.04 -14.84 -23.00
CA SER A 5 -19.85 -15.30 -22.31
C SER A 5 -18.89 -14.14 -22.11
N SER A 6 -18.45 -13.97 -20.88
CA SER A 6 -17.51 -12.91 -20.54
C SER A 6 -16.92 -13.15 -19.15
N GLY A 7 -15.63 -12.89 -19.05
CA GLY A 7 -14.92 -13.08 -17.79
C GLY A 7 -13.51 -13.60 -18.01
N MET A 8 -12.79 -13.78 -16.91
CA MET A 8 -11.43 -14.28 -16.98
C MET A 8 -11.04 -14.98 -15.68
N SER A 9 -9.94 -15.73 -15.75
CA SER A 9 -9.45 -16.46 -14.59
C SER A 9 -7.93 -16.41 -14.56
N LEU A 10 -7.41 -15.59 -13.66
CA LEU A 10 -5.97 -15.45 -13.51
C LEU A 10 -5.44 -16.57 -12.60
N LYS A 11 -4.17 -16.90 -12.80
CA LYS A 11 -3.54 -17.94 -12.01
C LYS A 11 -2.46 -17.31 -11.11
N LEU A 12 -2.42 -17.78 -9.87
CA LEU A 12 -1.45 -17.27 -8.92
C LEU A 12 -1.33 -18.26 -7.76
N GLN A 13 -0.36 -17.98 -6.89
CA GLN A 13 -0.14 -18.84 -5.73
C GLN A 13 0.78 -18.13 -4.73
N ALA A 14 0.35 -16.96 -4.31
CA ALA A 14 1.12 -16.18 -3.35
C ALA A 14 1.37 -17.02 -2.10
N SER A 15 2.27 -16.52 -1.27
CA SER A 15 2.61 -17.22 -0.04
C SER A 15 2.72 -16.22 1.12
N ASN A 16 2.05 -16.55 2.22
CA ASN A 16 2.07 -15.69 3.39
C ASN A 16 1.53 -16.48 4.59
N VAL A 17 2.44 -16.92 5.43
CA VAL A 17 2.08 -17.67 6.62
C VAL A 17 1.02 -16.90 7.40
N THR A 18 0.02 -17.65 7.87
CA THR A 18 -1.06 -17.05 8.63
C THR A 18 -1.04 -17.54 10.08
N ASN A 19 0.07 -17.24 10.75
CA ASN A 19 0.23 -17.64 12.13
C ASN A 19 -0.80 -16.92 13.00
N LYS A 20 -0.73 -15.60 12.94
CA LYS A 20 -1.65 -14.77 13.72
C LYS A 20 -1.64 -13.35 13.16
N ASN A 21 -2.48 -13.13 12.16
CA ASN A 21 -2.58 -11.82 11.52
C ASN A 21 -3.99 -11.65 10.94
N ASP A 22 -4.33 -10.40 10.66
CA ASP A 22 -5.64 -10.09 10.11
C ASP A 22 -5.46 -9.62 8.67
N PRO A 23 -5.90 -10.50 7.72
CA PRO A 23 -5.80 -10.18 6.31
C PRO A 23 -6.87 -9.17 5.89
N LYS A 24 -7.70 -8.80 6.85
CA LYS A 24 -8.76 -7.84 6.61
C LYS A 24 -8.16 -6.60 5.96
N SER A 25 -7.18 -6.03 6.63
CA SER A 25 -6.52 -4.83 6.14
C SER A 25 -5.81 -5.14 4.82
N ILE A 26 -5.24 -6.33 4.75
CA ILE A 26 -4.53 -6.76 3.56
C ILE A 26 -5.49 -6.78 2.37
N ASN A 27 -6.75 -7.06 2.68
CA ASN A 27 -7.78 -7.12 1.66
C ASN A 27 -7.56 -5.99 0.64
N SER A 28 -7.54 -4.77 1.16
CA SER A 28 -7.34 -3.60 0.33
C SER A 28 -6.35 -2.65 0.99
N ARG A 29 -5.11 -2.72 0.55
CA ARG A 29 -4.06 -1.88 1.09
C ARG A 29 -3.02 -1.56 0.02
N VAL A 30 -2.33 -0.44 0.20
CA VAL A 30 -1.30 -0.02 -0.73
C VAL A 30 -0.06 0.41 0.03
N PHE A 31 1.10 0.06 -0.52
CA PHE A 31 2.36 0.41 0.10
C PHE A 31 3.13 1.43 -0.75
N ILE A 32 3.10 2.67 -0.30
CA ILE A 32 3.78 3.74 -1.00
C ILE A 32 5.23 3.80 -0.53
N GLY A 33 6.14 3.41 -1.43
CA GLY A 33 7.56 3.42 -1.12
C GLY A 33 8.27 4.55 -1.86
N ASN A 34 9.59 4.54 -1.77
CA ASN A 34 10.40 5.55 -2.42
C ASN A 34 9.73 6.92 -2.27
N LEU A 35 9.07 7.09 -1.12
CA LEU A 35 8.39 8.33 -0.84
C LEU A 35 9.28 9.22 0.04
N ASN A 36 9.73 10.31 -0.55
CA ASN A 36 10.59 11.25 0.16
C ASN A 36 10.06 11.45 1.58
N THR A 37 8.75 11.31 1.70
CA THR A 37 8.10 11.47 3.00
C THR A 37 8.70 12.67 3.74
N ALA A 38 9.23 13.60 2.96
CA ALA A 38 9.84 14.79 3.53
C ALA A 38 8.93 16.00 3.26
N LEU A 39 8.30 15.97 2.09
CA LEU A 39 7.41 17.04 1.70
C LEU A 39 5.98 16.52 1.66
N VAL A 40 5.83 15.30 1.20
CA VAL A 40 4.53 14.67 1.11
C VAL A 40 4.01 14.38 2.51
N LYS A 41 2.81 14.87 2.78
CA LYS A 41 2.20 14.66 4.09
C LYS A 41 1.09 13.61 3.95
N LYS A 42 0.42 13.36 5.08
CA LYS A 42 -0.65 12.38 5.10
C LYS A 42 -1.91 13.00 4.48
N SER A 43 -2.24 14.20 4.95
CA SER A 43 -3.41 14.90 4.44
C SER A 43 -3.31 15.06 2.92
N ASP A 44 -2.09 15.31 2.47
CA ASP A 44 -1.84 15.48 1.05
C ASP A 44 -2.03 14.14 0.33
N VAL A 45 -1.08 13.24 0.59
CA VAL A 45 -1.13 11.92 -0.03
C VAL A 45 -2.56 11.38 0.04
N GLU A 46 -3.26 11.80 1.08
CA GLU A 46 -4.64 11.36 1.28
C GLU A 46 -5.53 11.90 0.15
N THR A 47 -5.45 13.21 -0.05
CA THR A 47 -6.24 13.85 -1.09
C THR A 47 -5.74 13.45 -2.47
N ILE A 48 -4.55 12.85 -2.49
CA ILE A 48 -3.95 12.41 -3.74
C ILE A 48 -4.57 11.08 -4.16
N PHE A 49 -4.56 10.14 -3.21
CA PHE A 49 -5.12 8.82 -3.48
C PHE A 49 -6.63 8.82 -3.24
N SER A 50 -7.06 9.61 -2.26
CA SER A 50 -8.47 9.70 -1.93
C SER A 50 -9.31 9.70 -3.22
N LYS A 51 -8.71 10.25 -4.27
CA LYS A 51 -9.39 10.31 -5.56
C LYS A 51 -9.89 8.92 -5.94
N TYR A 52 -9.00 7.95 -5.80
CA TYR A 52 -9.34 6.58 -6.14
C TYR A 52 -10.48 6.07 -5.27
N GLY A 53 -10.67 6.74 -4.14
CA GLY A 53 -11.73 6.36 -3.22
C GLY A 53 -11.29 6.56 -1.77
N ARG A 54 -12.22 6.99 -0.94
CA ARG A 54 -11.95 7.21 0.46
C ARG A 54 -11.14 6.04 1.04
N VAL A 55 -10.00 6.38 1.59
CA VAL A 55 -9.12 5.37 2.18
C VAL A 55 -9.59 5.07 3.60
N ALA A 56 -9.65 3.78 3.91
CA ALA A 56 -10.09 3.35 5.23
C ALA A 56 -9.09 3.86 6.28
N GLY A 57 -7.83 3.85 5.89
CA GLY A 57 -6.77 4.31 6.78
C GLY A 57 -5.47 4.55 6.01
N CYS A 58 -4.98 5.78 6.12
CA CYS A 58 -3.75 6.16 5.44
C CYS A 58 -2.69 6.45 6.51
N SER A 59 -1.46 6.09 6.18
CA SER A 59 -0.35 6.31 7.08
C SER A 59 0.88 6.79 6.31
N VAL A 60 1.70 7.58 6.98
CA VAL A 60 2.91 8.11 6.38
C VAL A 60 4.11 7.73 7.23
N HIS A 61 5.08 7.09 6.57
CA HIS A 61 6.30 6.67 7.27
C HIS A 61 7.50 7.38 6.66
N LYS A 62 8.59 7.38 7.41
CA LYS A 62 9.82 8.02 6.96
C LYS A 62 10.47 7.15 5.88
N GLY A 63 10.14 7.47 4.64
CA GLY A 63 10.68 6.74 3.50
C GLY A 63 9.56 6.13 2.66
N TYR A 64 8.42 5.91 3.31
CA TYR A 64 7.27 5.33 2.63
C TYR A 64 5.97 5.71 3.34
N ALA A 65 4.87 5.27 2.76
CA ALA A 65 3.56 5.56 3.33
C ALA A 65 2.58 4.45 2.92
N PHE A 66 1.58 4.26 3.76
CA PHE A 66 0.57 3.24 3.51
C PHE A 66 -0.79 3.87 3.25
N VAL A 67 -1.66 3.08 2.63
CA VAL A 67 -3.00 3.55 2.31
C VAL A 67 -3.96 2.36 2.28
N GLN A 68 -4.93 2.41 3.19
CA GLN A 68 -5.92 1.34 3.29
C GLN A 68 -7.23 1.77 2.63
N TYR A 69 -7.85 0.83 1.95
CA TYR A 69 -9.12 1.09 1.28
C TYR A 69 -10.21 0.13 1.76
N SER A 70 -11.42 0.39 1.30
CA SER A 70 -12.56 -0.44 1.67
C SER A 70 -12.76 -1.54 0.64
N ASN A 71 -12.55 -1.18 -0.62
CA ASN A 71 -12.70 -2.13 -1.71
C ASN A 71 -11.32 -2.51 -2.24
N GLU A 72 -11.25 -3.70 -2.83
CA GLU A 72 -10.00 -4.20 -3.39
C GLU A 72 -9.64 -3.39 -4.64
N ARG A 73 -10.66 -2.91 -5.31
CA ARG A 73 -10.46 -2.13 -6.52
C ARG A 73 -10.02 -0.70 -6.19
N HIS A 74 -10.64 -0.16 -5.14
CA HIS A 74 -10.33 1.19 -4.70
C HIS A 74 -8.81 1.31 -4.48
N ALA A 75 -8.18 0.16 -4.28
CA ALA A 75 -6.74 0.13 -4.06
C ALA A 75 -6.02 -0.01 -5.41
N ARG A 76 -6.27 -1.12 -6.07
CA ARG A 76 -5.67 -1.38 -7.37
C ARG A 76 -5.61 -0.10 -8.19
N ALA A 77 -6.70 0.64 -8.16
CA ALA A 77 -6.79 1.89 -8.89
C ALA A 77 -5.68 2.83 -8.43
N ALA A 78 -5.60 2.99 -7.12
CA ALA A 78 -4.59 3.85 -6.53
C ALA A 78 -3.21 3.22 -6.70
N VAL A 79 -3.21 1.89 -6.76
CA VAL A 79 -1.97 1.15 -6.91
C VAL A 79 -1.31 1.55 -8.24
N LEU A 80 -1.98 1.19 -9.32
CA LEU A 80 -1.48 1.49 -10.65
C LEU A 80 -1.60 3.00 -10.91
N GLY A 81 -2.75 3.52 -10.53
CA GLY A 81 -3.02 4.95 -10.71
C GLY A 81 -1.84 5.79 -10.22
N GLU A 82 -1.24 5.33 -9.14
CA GLU A 82 -0.10 6.03 -8.56
C GLU A 82 1.20 5.37 -8.99
N ASN A 83 1.30 4.07 -8.71
CA ASN A 83 2.48 3.32 -9.06
C ASN A 83 2.98 3.77 -10.44
N GLY A 84 4.19 4.32 -10.44
CA GLY A 84 4.79 4.79 -11.67
C GLY A 84 5.00 6.30 -11.63
N ARG A 85 4.21 6.96 -10.79
CA ARG A 85 4.31 8.41 -10.64
C ARG A 85 5.64 8.79 -10.00
N VAL A 86 6.05 10.02 -10.25
CA VAL A 86 7.30 10.52 -9.70
C VAL A 86 7.00 11.73 -8.80
N LEU A 87 7.77 11.82 -7.72
CA LEU A 87 7.61 12.91 -6.78
C LEU A 87 8.96 13.23 -6.13
N ALA A 88 9.45 14.43 -6.42
CA ALA A 88 10.72 14.85 -5.87
C ALA A 88 11.86 14.32 -6.75
N GLY A 89 11.48 13.81 -7.91
CA GLY A 89 12.44 13.27 -8.84
C GLY A 89 12.65 11.77 -8.61
N GLN A 90 11.66 11.15 -7.99
CA GLN A 90 11.72 9.73 -7.69
C GLN A 90 10.39 9.06 -8.03
N THR A 91 10.48 7.98 -8.78
CA THR A 91 9.30 7.23 -9.18
C THR A 91 8.69 6.50 -7.98
N LEU A 92 7.60 7.06 -7.48
CA LEU A 92 6.91 6.47 -6.33
C LEU A 92 6.68 4.99 -6.59
N ASP A 93 7.34 4.17 -5.78
CA ASP A 93 7.21 2.73 -5.89
C ASP A 93 6.05 2.24 -5.02
N ILE A 94 4.92 2.01 -5.67
CA ILE A 94 3.74 1.54 -4.97
C ILE A 94 3.39 0.13 -5.44
N ASN A 95 2.74 -0.62 -4.56
CA ASN A 95 2.35 -1.98 -4.87
C ASN A 95 1.29 -2.44 -3.87
N MET A 96 0.63 -3.54 -4.24
CA MET A 96 -0.41 -4.09 -3.38
C MET A 96 0.20 -4.77 -2.15
N ALA A 97 -0.39 -4.46 -1.00
CA ALA A 97 0.09 -5.03 0.25
C ALA A 97 -0.12 -6.55 0.23
N GLY A 98 0.99 -7.26 0.35
CA GLY A 98 0.95 -8.71 0.35
C GLY A 98 2.33 -9.30 0.63
N GLU A 99 3.29 -8.91 -0.21
CA GLU A 99 4.65 -9.39 -0.05
C GLU A 99 5.36 -8.64 1.08
N PRO A 100 5.69 -9.41 2.15
CA PRO A 100 6.37 -8.83 3.30
C PRO A 100 7.84 -8.56 2.99
N LYS A 101 8.62 -8.39 4.05
CA LYS A 101 10.04 -8.12 3.91
C LYS A 101 10.83 -9.37 4.27
N PRO A 102 12.12 -9.39 3.83
CA PRO A 102 12.98 -10.52 4.10
C PRO A 102 13.44 -10.53 5.55
N ASP A 103 14.08 -11.63 5.94
CA ASP A 103 14.57 -11.78 7.30
C ASP A 103 13.38 -11.90 8.25
N ARG A 104 12.65 -10.81 8.39
CA ARG A 104 11.50 -10.78 9.27
C ARG A 104 11.93 -10.97 10.72
N SER A 105 11.02 -10.63 11.64
CA SER A 105 11.30 -10.75 13.05
C SER A 105 10.49 -11.91 13.65
N GLY A 106 11.17 -12.73 14.42
CA GLY A 106 10.52 -13.87 15.05
C GLY A 106 11.05 -15.19 14.48
N PRO A 107 10.77 -16.29 15.22
CA PRO A 107 11.21 -17.61 14.81
C PRO A 107 10.37 -18.14 13.65
N SER A 108 11.00 -18.94 12.81
CA SER A 108 10.32 -19.52 11.66
C SER A 108 10.94 -20.86 11.29
N SER A 109 10.08 -21.84 11.05
CA SER A 109 10.54 -23.17 10.69
C SER A 109 10.48 -23.34 9.17
N GLY A 110 11.64 -23.65 8.60
CA GLY A 110 11.75 -23.84 7.17
C GLY A 110 12.78 -24.92 6.83
N GLY A 1 13.82 1.94 -30.85
CA GLY A 1 12.56 2.36 -30.26
C GLY A 1 12.55 2.07 -28.76
N SER A 2 11.51 1.35 -28.34
CA SER A 2 11.36 1.00 -26.94
C SER A 2 12.52 0.11 -26.50
N SER A 3 12.89 0.25 -25.22
CA SER A 3 13.98 -0.54 -24.67
C SER A 3 13.90 -0.53 -23.14
N GLY A 4 13.36 -1.62 -22.61
CA GLY A 4 13.23 -1.75 -21.18
C GLY A 4 11.90 -2.45 -20.81
N SER A 5 12.02 -3.63 -20.24
CA SER A 5 10.86 -4.40 -19.84
C SER A 5 11.15 -5.18 -18.56
N SER A 6 10.74 -4.59 -17.45
CA SER A 6 10.95 -5.22 -16.15
C SER A 6 9.81 -4.84 -15.19
N GLY A 7 9.10 -5.85 -14.74
CA GLY A 7 8.00 -5.63 -13.82
C GLY A 7 7.85 -6.80 -12.84
N MET A 8 7.19 -6.53 -11.73
CA MET A 8 6.97 -7.54 -10.72
C MET A 8 5.53 -7.51 -10.20
N SER A 9 4.70 -8.34 -10.83
CA SER A 9 3.30 -8.42 -10.45
C SER A 9 2.77 -9.83 -10.70
N LEU A 10 2.87 -10.65 -9.67
CA LEU A 10 2.41 -12.02 -9.77
C LEU A 10 1.02 -12.14 -9.11
N LYS A 11 0.42 -13.32 -9.27
CA LYS A 11 -0.89 -13.57 -8.71
C LYS A 11 -1.00 -15.05 -8.33
N LEU A 12 -1.47 -15.28 -7.11
CA LEU A 12 -1.64 -16.64 -6.62
C LEU A 12 -2.36 -16.60 -5.27
N GLN A 13 -1.69 -16.00 -4.30
CA GLN A 13 -2.25 -15.88 -2.96
C GLN A 13 -2.45 -17.28 -2.36
N ALA A 14 -1.77 -17.52 -1.25
CA ALA A 14 -1.89 -18.80 -0.57
C ALA A 14 -1.36 -19.90 -1.49
N SER A 15 -0.76 -20.91 -0.87
CA SER A 15 -0.22 -22.03 -1.63
C SER A 15 -1.27 -23.14 -1.73
N ASN A 16 -1.73 -23.57 -0.57
CA ASN A 16 -2.73 -24.63 -0.52
C ASN A 16 -3.03 -24.98 0.94
N VAL A 17 -4.32 -25.15 1.22
CA VAL A 17 -4.75 -25.48 2.57
C VAL A 17 -4.27 -24.39 3.53
N THR A 18 -5.18 -23.49 3.87
CA THR A 18 -4.86 -22.41 4.78
C THR A 18 -4.62 -22.94 6.20
N ASN A 19 -3.55 -22.44 6.81
CA ASN A 19 -3.21 -22.86 8.16
C ASN A 19 -3.61 -21.76 9.15
N LYS A 20 -3.24 -20.53 8.81
CA LYS A 20 -3.56 -19.40 9.66
C LYS A 20 -3.06 -18.12 8.99
N ASN A 21 -3.92 -17.11 8.98
CA ASN A 21 -3.58 -15.84 8.39
C ASN A 21 -4.78 -14.90 8.49
N ASP A 22 -4.48 -13.64 8.80
CA ASP A 22 -5.52 -12.64 8.93
C ASP A 22 -5.48 -11.70 7.72
N PRO A 23 -6.51 -11.82 6.86
CA PRO A 23 -6.61 -10.99 5.67
C PRO A 23 -7.02 -9.57 6.02
N LYS A 24 -7.35 -9.38 7.30
CA LYS A 24 -7.76 -8.07 7.78
C LYS A 24 -6.89 -6.99 7.14
N SER A 25 -7.53 -5.90 6.75
CA SER A 25 -6.82 -4.80 6.12
C SER A 25 -6.32 -5.21 4.74
N ILE A 26 -5.51 -6.25 4.71
CA ILE A 26 -4.96 -6.75 3.47
C ILE A 26 -6.05 -6.69 2.38
N ASN A 27 -7.29 -6.84 2.82
CA ASN A 27 -8.41 -6.81 1.91
C ASN A 27 -8.17 -5.73 0.85
N SER A 28 -7.69 -4.58 1.33
CA SER A 28 -7.42 -3.46 0.44
C SER A 28 -6.39 -2.53 1.09
N ARG A 29 -5.15 -2.69 0.66
CA ARG A 29 -4.07 -1.87 1.18
C ARG A 29 -3.06 -1.56 0.08
N VAL A 30 -2.35 -0.45 0.26
CA VAL A 30 -1.35 -0.03 -0.71
C VAL A 30 -0.08 0.39 0.02
N PHE A 31 1.05 0.10 -0.60
CA PHE A 31 2.34 0.44 -0.02
C PHE A 31 3.07 1.48 -0.88
N ILE A 32 3.06 2.71 -0.40
CA ILE A 32 3.71 3.79 -1.11
C ILE A 32 5.17 3.87 -0.69
N GLY A 33 6.05 3.51 -1.61
CA GLY A 33 7.48 3.53 -1.34
C GLY A 33 8.16 4.67 -2.10
N ASN A 34 9.48 4.63 -2.09
CA ASN A 34 10.26 5.65 -2.76
C ASN A 34 9.62 7.02 -2.54
N LEU A 35 9.17 7.23 -1.31
CA LEU A 35 8.53 8.49 -0.95
C LEU A 35 9.49 9.33 -0.11
N ASN A 36 9.69 10.56 -0.54
CA ASN A 36 10.58 11.47 0.16
C ASN A 36 10.08 11.67 1.59
N THR A 37 8.77 11.52 1.74
CA THR A 37 8.14 11.68 3.05
C THR A 37 8.75 12.87 3.78
N ALA A 38 9.27 13.81 3.00
CA ALA A 38 9.87 15.00 3.56
C ALA A 38 8.96 16.20 3.32
N LEU A 39 8.28 16.16 2.17
CA LEU A 39 7.37 17.24 1.81
C LEU A 39 5.94 16.70 1.75
N VAL A 40 5.83 15.47 1.26
CA VAL A 40 4.54 14.83 1.15
C VAL A 40 4.02 14.48 2.55
N LYS A 41 2.82 14.97 2.84
CA LYS A 41 2.21 14.72 4.13
C LYS A 41 1.12 13.66 3.99
N LYS A 42 0.45 13.36 5.09
CA LYS A 42 -0.61 12.38 5.10
C LYS A 42 -1.88 13.00 4.51
N SER A 43 -2.19 14.20 5.00
CA SER A 43 -3.37 14.91 4.53
C SER A 43 -3.28 15.13 3.02
N ASP A 44 -2.07 15.30 2.54
CA ASP A 44 -1.83 15.51 1.12
C ASP A 44 -1.97 14.19 0.37
N VAL A 45 -1.03 13.30 0.63
CA VAL A 45 -1.03 11.99 -0.01
C VAL A 45 -2.44 11.42 0.03
N GLU A 46 -3.17 11.79 1.07
CA GLU A 46 -4.54 11.33 1.23
C GLU A 46 -5.41 11.81 0.07
N THR A 47 -5.46 13.13 -0.08
CA THR A 47 -6.26 13.73 -1.14
C THR A 47 -5.71 13.30 -2.52
N ILE A 48 -4.50 12.76 -2.49
CA ILE A 48 -3.86 12.31 -3.72
C ILE A 48 -4.44 10.96 -4.13
N PHE A 49 -4.53 10.07 -3.15
CA PHE A 49 -5.07 8.74 -3.40
C PHE A 49 -6.58 8.70 -3.14
N SER A 50 -7.07 9.77 -2.53
CA SER A 50 -8.48 9.86 -2.22
C SER A 50 -9.30 9.86 -3.50
N LYS A 51 -8.63 10.21 -4.59
CA LYS A 51 -9.28 10.25 -5.89
C LYS A 51 -9.75 8.85 -6.27
N TYR A 52 -9.04 7.86 -5.75
CA TYR A 52 -9.37 6.47 -6.03
C TYR A 52 -10.46 5.97 -5.09
N GLY A 53 -10.86 6.84 -4.18
CA GLY A 53 -11.90 6.50 -3.21
C GLY A 53 -11.43 6.76 -1.79
N ARG A 54 -12.38 6.79 -0.87
CA ARG A 54 -12.08 7.03 0.53
C ARG A 54 -11.20 5.91 1.08
N VAL A 55 -10.11 6.33 1.72
CA VAL A 55 -9.17 5.37 2.29
C VAL A 55 -9.57 5.09 3.75
N ALA A 56 -9.68 3.82 4.06
CA ALA A 56 -10.04 3.41 5.41
C ALA A 56 -9.02 3.97 6.41
N GLY A 57 -7.76 3.96 5.98
CA GLY A 57 -6.69 4.46 6.81
C GLY A 57 -5.42 4.71 5.98
N CYS A 58 -4.83 5.87 6.20
CA CYS A 58 -3.62 6.25 5.48
C CYS A 58 -2.53 6.56 6.52
N SER A 59 -1.43 5.84 6.41
CA SER A 59 -0.31 6.04 7.31
C SER A 59 0.91 6.52 6.54
N VAL A 60 1.58 7.52 7.11
CA VAL A 60 2.75 8.08 6.48
C VAL A 60 3.98 7.74 7.33
N HIS A 61 4.94 7.08 6.70
CA HIS A 61 6.16 6.69 7.37
C HIS A 61 7.35 7.42 6.75
N LYS A 62 8.45 7.45 7.50
CA LYS A 62 9.65 8.11 7.04
C LYS A 62 10.35 7.24 6.00
N GLY A 63 10.05 7.52 4.74
CA GLY A 63 10.64 6.76 3.65
C GLY A 63 9.56 6.06 2.82
N TYR A 64 8.37 6.01 3.38
CA TYR A 64 7.24 5.37 2.72
C TYR A 64 5.92 5.73 3.40
N ALA A 65 4.84 5.28 2.78
CA ALA A 65 3.51 5.55 3.32
C ALA A 65 2.58 4.40 2.93
N PHE A 66 1.52 4.25 3.73
CA PHE A 66 0.56 3.19 3.48
C PHE A 66 -0.86 3.77 3.34
N VAL A 67 -1.66 3.12 2.51
CA VAL A 67 -3.01 3.57 2.27
C VAL A 67 -3.95 2.36 2.32
N GLN A 68 -5.02 2.50 3.10
CA GLN A 68 -5.99 1.43 3.23
C GLN A 68 -7.32 1.83 2.59
N TYR A 69 -7.98 0.85 2.00
CA TYR A 69 -9.26 1.09 1.35
C TYR A 69 -10.30 0.07 1.79
N SER A 70 -11.53 0.30 1.36
CA SER A 70 -12.62 -0.60 1.70
C SER A 70 -12.83 -1.62 0.59
N ASN A 71 -12.63 -1.17 -0.64
CA ASN A 71 -12.79 -2.03 -1.79
C ASN A 71 -11.41 -2.38 -2.36
N GLU A 72 -11.25 -3.65 -2.71
CA GLU A 72 -10.00 -4.12 -3.27
C GLU A 72 -9.64 -3.33 -4.53
N ARG A 73 -10.68 -2.89 -5.22
CA ARG A 73 -10.49 -2.12 -6.44
C ARG A 73 -9.98 -0.72 -6.10
N HIS A 74 -10.58 -0.14 -5.07
CA HIS A 74 -10.22 1.20 -4.64
C HIS A 74 -8.70 1.27 -4.44
N ALA A 75 -8.10 0.10 -4.25
CA ALA A 75 -6.67 0.02 -4.04
C ALA A 75 -5.97 -0.08 -5.39
N ARG A 76 -6.22 -1.19 -6.08
CA ARG A 76 -5.62 -1.42 -7.38
C ARG A 76 -5.60 -0.12 -8.18
N ALA A 77 -6.70 0.61 -8.12
CA ALA A 77 -6.82 1.86 -8.83
C ALA A 77 -5.71 2.82 -8.35
N ALA A 78 -5.63 2.96 -7.03
CA ALA A 78 -4.63 3.83 -6.44
C ALA A 78 -3.25 3.23 -6.63
N VAL A 79 -3.22 1.91 -6.77
CA VAL A 79 -1.97 1.19 -6.97
C VAL A 79 -1.36 1.60 -8.31
N LEU A 80 -2.03 1.20 -9.38
CA LEU A 80 -1.57 1.51 -10.72
C LEU A 80 -1.74 3.01 -10.98
N GLY A 81 -2.84 3.54 -10.46
CA GLY A 81 -3.14 4.94 -10.63
C GLY A 81 -1.95 5.82 -10.20
N GLU A 82 -1.33 5.38 -9.11
CA GLU A 82 -0.19 6.11 -8.58
C GLU A 82 1.13 5.45 -9.04
N ASN A 83 1.21 4.16 -8.77
CA ASN A 83 2.40 3.40 -9.14
C ASN A 83 2.91 3.89 -10.50
N GLY A 84 4.13 4.41 -10.48
CA GLY A 84 4.74 4.92 -11.70
C GLY A 84 4.96 6.44 -11.60
N ARG A 85 4.17 7.06 -10.74
CA ARG A 85 4.27 8.50 -10.56
C ARG A 85 5.61 8.87 -9.90
N VAL A 86 6.04 10.09 -10.17
CA VAL A 86 7.30 10.57 -9.62
C VAL A 86 7.03 11.74 -8.68
N LEU A 87 7.84 11.84 -7.64
CA LEU A 87 7.70 12.90 -6.67
C LEU A 87 9.07 13.25 -6.08
N ALA A 88 9.51 14.46 -6.38
CA ALA A 88 10.80 14.92 -5.89
C ALA A 88 11.90 14.49 -6.87
N GLY A 89 11.51 13.63 -7.79
CA GLY A 89 12.44 13.13 -8.79
C GLY A 89 12.44 11.60 -8.83
N GLN A 90 12.00 11.01 -7.72
CA GLN A 90 11.94 9.56 -7.62
C GLN A 90 10.57 9.05 -8.05
N THR A 91 10.57 7.87 -8.66
CA THR A 91 9.34 7.27 -9.12
C THR A 91 8.65 6.51 -7.99
N LEU A 92 7.66 7.16 -7.40
CA LEU A 92 6.91 6.57 -6.30
C LEU A 92 6.64 5.10 -6.61
N ASP A 93 7.28 4.24 -5.82
CA ASP A 93 7.12 2.80 -6.00
C ASP A 93 5.95 2.31 -5.14
N ILE A 94 4.81 2.13 -5.81
CA ILE A 94 3.62 1.67 -5.11
C ILE A 94 3.27 0.25 -5.60
N ASN A 95 2.73 -0.53 -4.68
CA ASN A 95 2.36 -1.90 -4.99
C ASN A 95 1.35 -2.39 -3.96
N MET A 96 0.74 -3.54 -4.28
CA MET A 96 -0.25 -4.13 -3.38
C MET A 96 0.41 -4.67 -2.11
N ALA A 97 -0.32 -4.56 -1.01
CA ALA A 97 0.19 -5.04 0.26
C ALA A 97 0.11 -6.56 0.30
N GLY A 98 1.26 -7.17 0.60
CA GLY A 98 1.33 -8.63 0.66
C GLY A 98 2.77 -9.10 0.41
N GLU A 99 3.59 -8.97 1.45
CA GLU A 99 4.98 -9.39 1.36
C GLU A 99 5.20 -10.67 2.18
N PRO A 100 5.98 -11.60 1.58
CA PRO A 100 6.28 -12.86 2.23
C PRO A 100 7.32 -12.67 3.35
N LYS A 101 7.92 -13.78 3.74
CA LYS A 101 8.93 -13.74 4.79
C LYS A 101 8.27 -13.38 6.12
N PRO A 102 8.11 -14.42 6.99
CA PRO A 102 7.49 -14.22 8.29
C PRO A 102 8.45 -13.51 9.25
N ASP A 103 9.74 -13.81 9.07
CA ASP A 103 10.76 -13.22 9.91
C ASP A 103 10.33 -13.31 11.37
N ARG A 104 10.78 -14.38 12.03
CA ARG A 104 10.45 -14.59 13.42
C ARG A 104 11.11 -13.52 14.30
N SER A 105 10.27 -12.63 14.80
CA SER A 105 10.76 -11.54 15.65
C SER A 105 11.51 -12.13 16.86
N GLY A 106 10.79 -12.92 17.63
CA GLY A 106 11.37 -13.54 18.81
C GLY A 106 11.55 -12.52 19.93
N PRO A 107 12.62 -12.75 20.74
CA PRO A 107 12.92 -11.86 21.85
C PRO A 107 13.52 -10.54 21.35
N SER A 108 13.16 -9.47 22.04
CA SER A 108 13.66 -8.15 21.67
C SER A 108 14.06 -7.38 22.93
N SER A 109 13.09 -7.22 23.82
CA SER A 109 13.33 -6.50 25.07
C SER A 109 13.20 -7.46 26.25
N GLY A 110 14.30 -7.60 26.98
CA GLY A 110 14.32 -8.48 28.14
C GLY A 110 15.18 -9.72 27.87
N GLY A 1 8.51 -37.16 -28.36
CA GLY A 1 9.61 -36.26 -28.63
C GLY A 1 9.25 -34.82 -28.22
N SER A 2 10.02 -34.31 -27.27
CA SER A 2 9.80 -32.95 -26.79
C SER A 2 11.10 -32.38 -26.23
N SER A 3 11.15 -31.05 -26.19
CA SER A 3 12.32 -30.36 -25.68
C SER A 3 12.05 -28.86 -25.58
N GLY A 4 12.86 -28.19 -24.77
CA GLY A 4 12.72 -26.76 -24.59
C GLY A 4 12.76 -26.39 -23.11
N SER A 5 13.80 -25.66 -22.74
CA SER A 5 13.97 -25.24 -21.36
C SER A 5 14.94 -24.06 -21.29
N SER A 6 14.43 -22.95 -20.78
CA SER A 6 15.24 -21.74 -20.66
C SER A 6 14.48 -20.68 -19.86
N GLY A 7 15.24 -19.85 -19.15
CA GLY A 7 14.64 -18.80 -18.35
C GLY A 7 15.72 -17.86 -17.80
N MET A 8 15.32 -16.63 -17.56
CA MET A 8 16.24 -15.64 -17.03
C MET A 8 15.49 -14.48 -16.37
N SER A 9 15.28 -14.62 -15.07
CA SER A 9 14.56 -13.60 -14.30
C SER A 9 15.17 -13.48 -12.91
N LEU A 10 15.56 -12.26 -12.58
CA LEU A 10 16.16 -11.99 -11.29
C LEU A 10 15.11 -12.18 -10.19
N LYS A 11 15.58 -12.21 -8.95
CA LYS A 11 14.69 -12.38 -7.82
C LYS A 11 15.24 -11.61 -6.62
N LEU A 12 14.33 -11.24 -5.73
CA LEU A 12 14.70 -10.49 -4.55
C LEU A 12 14.01 -11.09 -3.32
N GLN A 13 12.69 -10.97 -3.32
CA GLN A 13 11.89 -11.50 -2.22
C GLN A 13 12.27 -10.80 -0.91
N ALA A 14 11.39 -10.91 0.07
CA ALA A 14 11.61 -10.31 1.37
C ALA A 14 11.37 -11.35 2.46
N SER A 15 11.96 -11.09 3.62
CA SER A 15 11.81 -11.99 4.75
C SER A 15 10.34 -12.28 5.00
N ASN A 16 10.10 -13.24 5.89
CA ASN A 16 8.74 -13.62 6.23
C ASN A 16 8.56 -13.55 7.74
N VAL A 17 7.31 -13.33 8.15
CA VAL A 17 6.99 -13.24 9.57
C VAL A 17 5.85 -14.19 9.89
N THR A 18 6.01 -14.92 10.98
CA THR A 18 5.00 -15.88 11.41
C THR A 18 4.30 -15.37 12.67
N ASN A 19 3.04 -15.01 12.50
CA ASN A 19 2.24 -14.52 13.61
C ASN A 19 0.83 -14.18 13.11
N LYS A 20 -0.04 -13.88 14.06
CA LYS A 20 -1.42 -13.54 13.74
C LYS A 20 -1.43 -12.49 12.62
N ASN A 21 -2.10 -12.84 11.53
CA ASN A 21 -2.20 -11.93 10.40
C ASN A 21 -3.67 -11.78 10.00
N ASP A 22 -4.14 -10.54 10.11
CA ASP A 22 -5.53 -10.24 9.77
C ASP A 22 -5.58 -9.66 8.35
N PRO A 23 -6.16 -10.47 7.42
CA PRO A 23 -6.27 -10.05 6.03
C PRO A 23 -7.39 -9.02 5.88
N LYS A 24 -8.08 -8.76 6.97
CA LYS A 24 -9.18 -7.81 6.97
C LYS A 24 -8.67 -6.47 6.42
N SER A 25 -7.36 -6.26 6.56
CA SER A 25 -6.75 -5.03 6.09
C SER A 25 -6.10 -5.27 4.73
N ILE A 26 -5.56 -6.46 4.56
CA ILE A 26 -4.91 -6.82 3.31
C ILE A 26 -5.94 -6.78 2.18
N ASN A 27 -7.19 -6.93 2.56
CA ASN A 27 -8.28 -6.91 1.58
C ASN A 27 -8.00 -5.83 0.55
N SER A 28 -7.69 -4.64 1.05
CA SER A 28 -7.41 -3.50 0.19
C SER A 28 -6.42 -2.56 0.88
N ARG A 29 -5.16 -2.69 0.47
CA ARG A 29 -4.11 -1.86 1.03
C ARG A 29 -3.07 -1.52 -0.03
N VAL A 30 -2.37 -0.42 0.19
CA VAL A 30 -1.35 0.02 -0.74
C VAL A 30 -0.10 0.42 0.03
N PHE A 31 1.05 0.11 -0.55
CA PHE A 31 2.32 0.44 0.06
C PHE A 31 3.11 1.44 -0.78
N ILE A 32 2.98 2.71 -0.41
CA ILE A 32 3.67 3.77 -1.12
C ILE A 32 5.12 3.85 -0.64
N GLY A 33 6.02 3.37 -1.50
CA GLY A 33 7.43 3.38 -1.17
C GLY A 33 8.17 4.50 -1.92
N ASN A 34 9.48 4.50 -1.78
CA ASN A 34 10.31 5.50 -2.43
C ASN A 34 9.67 6.87 -2.25
N LEU A 35 9.00 7.04 -1.12
CA LEU A 35 8.35 8.30 -0.82
C LEU A 35 9.27 9.17 0.02
N ASN A 36 9.62 10.32 -0.54
CA ASN A 36 10.51 11.25 0.14
C ASN A 36 9.98 11.51 1.56
N THR A 37 8.66 11.46 1.66
CA THR A 37 8.00 11.69 2.95
C THR A 37 8.63 12.90 3.65
N ALA A 38 9.22 13.77 2.86
CA ALA A 38 9.86 14.96 3.39
C ALA A 38 9.00 16.19 3.06
N LEU A 39 8.40 16.15 1.88
CA LEU A 39 7.57 17.25 1.44
C LEU A 39 6.10 16.79 1.40
N VAL A 40 5.92 15.55 0.98
CA VAL A 40 4.59 14.97 0.89
C VAL A 40 4.07 14.70 2.30
N LYS A 41 2.88 15.21 2.57
CA LYS A 41 2.26 15.02 3.87
C LYS A 41 1.20 13.93 3.77
N LYS A 42 0.53 13.69 4.90
CA LYS A 42 -0.49 12.66 4.95
C LYS A 42 -1.81 13.24 4.41
N SER A 43 -2.09 14.47 4.81
CA SER A 43 -3.30 15.14 4.36
C SER A 43 -3.30 15.26 2.85
N ASP A 44 -2.12 15.48 2.30
CA ASP A 44 -1.98 15.62 0.86
C ASP A 44 -2.10 14.24 0.20
N VAL A 45 -1.09 13.41 0.43
CA VAL A 45 -1.09 12.07 -0.13
C VAL A 45 -2.48 11.47 -0.01
N GLU A 46 -3.15 11.80 1.09
CA GLU A 46 -4.49 11.30 1.33
C GLU A 46 -5.44 11.73 0.20
N THR A 47 -5.55 13.03 0.04
CA THR A 47 -6.41 13.59 -0.99
C THR A 47 -5.90 13.20 -2.37
N ILE A 48 -4.62 12.86 -2.43
CA ILE A 48 -3.99 12.46 -3.68
C ILE A 48 -4.51 11.09 -4.09
N PHE A 49 -4.61 10.21 -3.10
CA PHE A 49 -5.09 8.86 -3.35
C PHE A 49 -6.61 8.76 -3.11
N SER A 50 -7.13 9.76 -2.42
CA SER A 50 -8.55 9.80 -2.11
C SER A 50 -9.36 9.80 -3.42
N LYS A 51 -8.69 10.16 -4.50
CA LYS A 51 -9.33 10.21 -5.80
C LYS A 51 -9.76 8.80 -6.19
N TYR A 52 -8.93 7.83 -5.82
CA TYR A 52 -9.21 6.44 -6.13
C TYR A 52 -10.24 5.86 -5.15
N GLY A 53 -10.74 6.72 -4.29
CA GLY A 53 -11.72 6.31 -3.30
C GLY A 53 -11.27 6.66 -1.89
N ARG A 54 -12.20 6.54 -0.95
CA ARG A 54 -11.90 6.84 0.44
C ARG A 54 -11.00 5.76 1.04
N VAL A 55 -10.03 6.21 1.83
CA VAL A 55 -9.10 5.30 2.47
C VAL A 55 -9.61 4.94 3.87
N ALA A 56 -9.55 3.65 4.17
CA ALA A 56 -10.00 3.17 5.46
C ALA A 56 -8.95 3.48 6.52
N GLY A 57 -7.72 3.62 6.06
CA GLY A 57 -6.61 3.91 6.95
C GLY A 57 -5.43 4.52 6.17
N CYS A 58 -4.73 5.43 6.84
CA CYS A 58 -3.59 6.08 6.24
C CYS A 58 -2.44 6.08 7.24
N SER A 59 -1.24 5.81 6.74
CA SER A 59 -0.06 5.78 7.58
C SER A 59 1.15 6.26 6.80
N VAL A 60 1.61 7.46 7.17
CA VAL A 60 2.77 8.05 6.51
C VAL A 60 4.03 7.73 7.33
N HIS A 61 5.00 7.13 6.65
CA HIS A 61 6.25 6.78 7.30
C HIS A 61 7.41 7.53 6.62
N LYS A 62 8.52 7.59 7.33
CA LYS A 62 9.70 8.27 6.81
C LYS A 62 10.37 7.38 5.77
N GLY A 63 9.97 7.59 4.52
CA GLY A 63 10.53 6.81 3.42
C GLY A 63 9.43 6.09 2.65
N TYR A 64 8.25 6.04 3.27
CA TYR A 64 7.11 5.39 2.65
C TYR A 64 5.81 5.78 3.35
N ALA A 65 4.70 5.32 2.77
CA ALA A 65 3.40 5.62 3.33
C ALA A 65 2.41 4.52 2.92
N PHE A 66 1.44 4.27 3.79
CA PHE A 66 0.44 3.26 3.51
C PHE A 66 -0.94 3.90 3.31
N VAL A 67 -1.76 3.21 2.52
CA VAL A 67 -3.09 3.70 2.25
C VAL A 67 -4.07 2.51 2.20
N GLN A 68 -4.93 2.47 3.19
CA GLN A 68 -5.91 1.40 3.28
C GLN A 68 -7.24 1.83 2.64
N TYR A 69 -7.89 0.88 2.01
CA TYR A 69 -9.16 1.15 1.35
C TYR A 69 -10.23 0.14 1.79
N SER A 70 -11.46 0.39 1.35
CA SER A 70 -12.57 -0.47 1.69
C SER A 70 -12.87 -1.41 0.52
N ASN A 71 -12.61 -0.91 -0.68
CA ASN A 71 -12.84 -1.70 -1.88
C ASN A 71 -11.51 -2.17 -2.45
N GLU A 72 -11.47 -3.44 -2.81
CA GLU A 72 -10.26 -4.04 -3.37
C GLU A 72 -9.87 -3.32 -4.66
N ARG A 73 -10.84 -2.63 -5.23
CA ARG A 73 -10.62 -1.90 -6.46
C ARG A 73 -10.08 -0.50 -6.17
N HIS A 74 -10.63 0.11 -5.13
CA HIS A 74 -10.22 1.44 -4.72
C HIS A 74 -8.71 1.47 -4.53
N ALA A 75 -8.15 0.29 -4.28
CA ALA A 75 -6.72 0.17 -4.07
C ALA A 75 -6.01 0.03 -5.42
N ARG A 76 -6.32 -1.07 -6.10
CA ARG A 76 -5.73 -1.33 -7.40
C ARG A 76 -5.64 -0.04 -8.21
N ALA A 77 -6.79 0.61 -8.36
CA ALA A 77 -6.85 1.86 -9.11
C ALA A 77 -5.71 2.78 -8.65
N ALA A 78 -5.59 2.91 -7.35
CA ALA A 78 -4.55 3.75 -6.77
C ALA A 78 -3.19 3.11 -7.01
N VAL A 79 -3.15 1.79 -6.82
CA VAL A 79 -1.91 1.05 -7.01
C VAL A 79 -1.28 1.45 -8.35
N LEU A 80 -1.97 1.09 -9.42
CA LEU A 80 -1.49 1.40 -10.76
C LEU A 80 -1.64 2.90 -11.01
N GLY A 81 -2.77 3.43 -10.57
CA GLY A 81 -3.04 4.85 -10.75
C GLY A 81 -1.86 5.70 -10.27
N GLU A 82 -1.21 5.22 -9.23
CA GLU A 82 -0.07 5.92 -8.67
C GLU A 82 1.24 5.25 -9.10
N ASN A 83 1.32 3.96 -8.81
CA ASN A 83 2.49 3.18 -9.16
C ASN A 83 3.01 3.63 -10.53
N GLY A 84 4.14 4.32 -10.51
CA GLY A 84 4.74 4.80 -11.74
C GLY A 84 4.96 6.32 -11.68
N ARG A 85 4.19 6.95 -10.80
CA ARG A 85 4.29 8.40 -10.64
C ARG A 85 5.64 8.77 -10.02
N VAL A 86 6.04 10.01 -10.29
CA VAL A 86 7.31 10.50 -9.77
C VAL A 86 7.04 11.67 -8.84
N LEU A 87 7.85 11.75 -7.78
CA LEU A 87 7.71 12.81 -6.80
C LEU A 87 9.07 13.13 -6.19
N ALA A 88 9.53 14.34 -6.44
CA ALA A 88 10.82 14.78 -5.93
C ALA A 88 11.92 14.37 -6.91
N GLY A 89 11.54 13.53 -7.87
CA GLY A 89 12.48 13.06 -8.87
C GLY A 89 12.51 11.53 -8.92
N GLN A 90 11.98 10.93 -7.86
CA GLN A 90 11.95 9.48 -7.77
C GLN A 90 10.57 8.96 -8.19
N THR A 91 10.57 7.78 -8.80
CA THR A 91 9.34 7.16 -9.25
C THR A 91 8.66 6.44 -8.08
N LEU A 92 7.66 7.09 -7.53
CA LEU A 92 6.91 6.52 -6.41
C LEU A 92 6.68 5.03 -6.67
N ASP A 93 7.34 4.21 -5.86
CA ASP A 93 7.22 2.77 -6.00
C ASP A 93 6.08 2.27 -5.10
N ILE A 94 4.93 2.04 -5.74
CA ILE A 94 3.76 1.57 -5.02
C ILE A 94 3.43 0.14 -5.47
N ASN A 95 2.79 -0.59 -4.57
CA ASN A 95 2.41 -1.97 -4.87
C ASN A 95 1.35 -2.42 -3.87
N MET A 96 0.73 -3.55 -4.18
CA MET A 96 -0.30 -4.10 -3.32
C MET A 96 0.31 -4.72 -2.05
N ALA A 97 -0.36 -4.45 -0.94
CA ALA A 97 0.10 -4.96 0.34
C ALA A 97 -0.21 -6.45 0.43
N GLY A 98 0.81 -7.24 0.71
CA GLY A 98 0.66 -8.68 0.82
C GLY A 98 1.32 -9.21 2.10
N GLU A 99 2.60 -8.91 2.23
CA GLU A 99 3.36 -9.33 3.39
C GLU A 99 3.09 -8.41 4.58
N PRO A 100 2.67 -9.02 5.71
CA PRO A 100 2.37 -8.26 6.91
C PRO A 100 3.67 -7.82 7.61
N LYS A 101 3.53 -7.45 8.86
CA LYS A 101 4.66 -6.99 9.65
C LYS A 101 4.49 -7.44 11.10
N PRO A 102 5.65 -7.58 11.81
CA PRO A 102 5.63 -7.99 13.20
C PRO A 102 5.18 -6.84 14.10
N ASP A 103 3.86 -6.74 14.27
CA ASP A 103 3.29 -5.71 15.10
C ASP A 103 1.79 -5.97 15.28
N ARG A 104 1.37 -5.96 16.53
CA ARG A 104 -0.03 -6.19 16.85
C ARG A 104 -0.44 -5.38 18.08
N SER A 105 -1.63 -4.82 18.01
CA SER A 105 -2.15 -4.03 19.11
C SER A 105 -3.63 -4.34 19.34
N GLY A 106 -4.00 -4.42 20.62
CA GLY A 106 -5.37 -4.72 20.98
C GLY A 106 -5.46 -5.96 21.86
N PRO A 107 -6.13 -5.80 23.03
CA PRO A 107 -6.29 -6.90 23.96
C PRO A 107 -7.33 -7.90 23.47
N SER A 108 -6.86 -8.80 22.61
CA SER A 108 -7.74 -9.82 22.05
C SER A 108 -8.95 -9.16 21.38
N SER A 109 -8.90 -9.10 20.05
CA SER A 109 -9.98 -8.51 19.29
C SER A 109 -11.27 -9.29 19.51
N GLY A 110 -12.12 -8.73 20.36
CA GLY A 110 -13.39 -9.36 20.66
C GLY A 110 -14.57 -8.51 20.15
N GLY A 1 5.68 -22.33 -38.41
CA GLY A 1 7.08 -21.99 -38.61
C GLY A 1 7.48 -20.80 -37.74
N SER A 2 8.59 -20.96 -37.04
CA SER A 2 9.09 -19.90 -36.18
C SER A 2 7.99 -19.46 -35.21
N SER A 3 7.94 -20.13 -34.07
CA SER A 3 6.94 -19.82 -33.06
C SER A 3 7.47 -20.19 -31.68
N GLY A 4 7.53 -19.18 -30.81
CA GLY A 4 8.01 -19.39 -29.45
C GLY A 4 7.55 -18.26 -28.53
N SER A 5 6.25 -18.20 -28.33
CA SER A 5 5.68 -17.16 -27.47
C SER A 5 6.05 -15.79 -28.00
N SER A 6 5.29 -14.79 -27.55
CA SER A 6 5.52 -13.42 -27.97
C SER A 6 5.26 -12.46 -26.81
N GLY A 7 6.13 -11.46 -26.68
CA GLY A 7 6.00 -10.48 -25.62
C GLY A 7 7.21 -10.51 -24.70
N MET A 8 7.20 -9.59 -23.74
CA MET A 8 8.30 -9.49 -22.79
C MET A 8 7.98 -8.47 -21.69
N SER A 9 7.90 -8.99 -20.47
CA SER A 9 7.60 -8.14 -19.32
C SER A 9 8.11 -8.80 -18.05
N LEU A 10 8.28 -7.98 -17.02
CA LEU A 10 8.77 -8.47 -15.74
C LEU A 10 7.65 -8.34 -14.70
N LYS A 11 7.64 -9.29 -13.78
CA LYS A 11 6.63 -9.30 -12.73
C LYS A 11 6.92 -10.45 -11.76
N LEU A 12 6.07 -10.57 -10.76
CA LEU A 12 6.22 -11.61 -9.76
C LEU A 12 4.85 -12.01 -9.23
N GLN A 13 4.59 -13.32 -9.25
CA GLN A 13 3.32 -13.84 -8.78
C GLN A 13 3.52 -15.22 -8.15
N ALA A 14 3.04 -15.35 -6.92
CA ALA A 14 3.15 -16.60 -6.19
C ALA A 14 2.08 -16.67 -5.11
N SER A 15 1.76 -17.89 -4.71
CA SER A 15 0.75 -18.09 -3.69
C SER A 15 0.97 -19.45 -3.00
N ASN A 16 0.75 -19.45 -1.69
CA ASN A 16 0.92 -20.66 -0.91
C ASN A 16 -0.35 -20.93 -0.11
N VAL A 17 -0.71 -22.20 -0.02
CA VAL A 17 -1.89 -22.60 0.71
C VAL A 17 -1.53 -22.84 2.18
N THR A 18 -1.46 -21.74 2.91
CA THR A 18 -1.12 -21.81 4.33
C THR A 18 -1.87 -20.74 5.12
N ASN A 19 -3.12 -21.05 5.44
CA ASN A 19 -3.96 -20.12 6.18
C ASN A 19 -3.39 -19.95 7.59
N LYS A 20 -2.71 -18.82 7.79
CA LYS A 20 -2.11 -18.52 9.08
C LYS A 20 -1.66 -17.06 9.09
N ASN A 21 -2.63 -16.17 9.10
CA ASN A 21 -2.35 -14.74 9.11
C ASN A 21 -3.66 -13.97 9.19
N ASP A 22 -3.53 -12.69 9.54
CA ASP A 22 -4.70 -11.83 9.65
C ASP A 22 -4.84 -10.98 8.38
N PRO A 23 -5.90 -11.31 7.59
CA PRO A 23 -6.14 -10.60 6.34
C PRO A 23 -6.73 -9.20 6.62
N LYS A 24 -7.07 -8.99 7.88
CA LYS A 24 -7.65 -7.71 8.29
C LYS A 24 -6.85 -6.58 7.64
N SER A 25 -7.57 -5.69 6.98
CA SER A 25 -6.94 -4.56 6.33
C SER A 25 -6.31 -5.00 5.01
N ILE A 26 -5.47 -6.01 5.12
CA ILE A 26 -4.78 -6.54 3.94
C ILE A 26 -5.75 -6.59 2.76
N ASN A 27 -7.03 -6.76 3.10
CA ASN A 27 -8.06 -6.81 2.07
C ASN A 27 -7.77 -5.76 1.00
N SER A 28 -7.74 -4.52 1.43
CA SER A 28 -7.47 -3.42 0.52
C SER A 28 -6.45 -2.46 1.15
N ARG A 29 -5.21 -2.61 0.71
CA ARG A 29 -4.13 -1.76 1.22
C ARG A 29 -3.08 -1.56 0.15
N VAL A 30 -2.41 -0.42 0.23
CA VAL A 30 -1.36 -0.09 -0.73
C VAL A 30 -0.10 0.34 0.01
N PHE A 31 1.04 -0.06 -0.52
CA PHE A 31 2.32 0.28 0.08
C PHE A 31 3.09 1.27 -0.79
N ILE A 32 3.05 2.53 -0.38
CA ILE A 32 3.74 3.58 -1.12
C ILE A 32 5.18 3.69 -0.60
N GLY A 33 6.11 3.22 -1.41
CA GLY A 33 7.51 3.26 -1.05
C GLY A 33 8.24 4.36 -1.82
N ASN A 34 9.57 4.33 -1.72
CA ASN A 34 10.38 5.32 -2.40
C ASN A 34 9.72 6.70 -2.29
N LEU A 35 9.01 6.89 -1.19
CA LEU A 35 8.32 8.14 -0.96
C LEU A 35 9.22 9.08 -0.15
N ASN A 36 9.63 10.16 -0.78
CA ASN A 36 10.50 11.13 -0.13
C ASN A 36 10.00 11.38 1.30
N THR A 37 8.68 11.25 1.46
CA THR A 37 8.07 11.45 2.76
C THR A 37 8.70 12.65 3.46
N ALA A 38 9.21 13.57 2.66
CA ALA A 38 9.85 14.77 3.20
C ALA A 38 8.94 15.97 2.96
N LEU A 39 8.26 15.95 1.82
CA LEU A 39 7.36 17.03 1.45
C LEU A 39 5.92 16.50 1.44
N VAL A 40 5.79 15.27 0.97
CA VAL A 40 4.48 14.64 0.89
C VAL A 40 4.01 14.28 2.30
N LYS A 41 2.83 14.79 2.65
CA LYS A 41 2.26 14.54 3.96
C LYS A 41 1.16 13.49 3.83
N LYS A 42 0.53 13.19 4.96
CA LYS A 42 -0.53 12.21 4.98
C LYS A 42 -1.83 12.85 4.50
N SER A 43 -2.04 14.09 4.91
CA SER A 43 -3.23 14.83 4.53
C SER A 43 -3.24 15.03 3.00
N ASP A 44 -2.05 15.22 2.46
CA ASP A 44 -1.92 15.43 1.02
C ASP A 44 -2.11 14.08 0.30
N VAL A 45 -1.17 13.18 0.56
CA VAL A 45 -1.23 11.86 -0.06
C VAL A 45 -2.65 11.31 0.06
N GLU A 46 -3.32 11.71 1.14
CA GLU A 46 -4.67 11.26 1.38
C GLU A 46 -5.61 11.76 0.28
N THR A 47 -5.63 13.07 0.12
CA THR A 47 -6.47 13.69 -0.89
C THR A 47 -5.99 13.32 -2.29
N ILE A 48 -4.73 12.90 -2.36
CA ILE A 48 -4.13 12.50 -3.63
C ILE A 48 -4.70 11.15 -4.06
N PHE A 49 -4.63 10.21 -3.14
CA PHE A 49 -5.13 8.86 -3.41
C PHE A 49 -6.64 8.80 -3.21
N SER A 50 -7.12 9.57 -2.26
CA SER A 50 -8.55 9.61 -1.96
C SER A 50 -9.35 9.60 -3.26
N LYS A 51 -8.74 10.14 -4.30
CA LYS A 51 -9.39 10.20 -5.60
C LYS A 51 -9.84 8.80 -6.00
N TYR A 52 -8.93 7.84 -5.83
CA TYR A 52 -9.23 6.46 -6.16
C TYR A 52 -10.35 5.91 -5.29
N GLY A 53 -10.62 6.63 -4.20
CA GLY A 53 -11.66 6.22 -3.28
C GLY A 53 -11.24 6.48 -1.82
N ARG A 54 -12.18 6.99 -1.05
CA ARG A 54 -11.92 7.28 0.35
C ARG A 54 -11.11 6.15 0.99
N VAL A 55 -9.93 6.51 1.49
CA VAL A 55 -9.06 5.55 2.12
C VAL A 55 -9.53 5.30 3.55
N ALA A 56 -9.67 4.02 3.88
CA ALA A 56 -10.11 3.64 5.21
C ALA A 56 -9.12 4.17 6.25
N GLY A 57 -7.84 4.14 5.87
CA GLY A 57 -6.79 4.61 6.76
C GLY A 57 -5.46 4.73 6.01
N CYS A 58 -4.81 5.86 6.21
CA CYS A 58 -3.53 6.13 5.56
C CYS A 58 -2.49 6.40 6.65
N SER A 59 -1.26 6.03 6.34
CA SER A 59 -0.16 6.22 7.28
C SER A 59 1.12 6.57 6.53
N VAL A 60 1.58 7.80 6.72
CA VAL A 60 2.79 8.26 6.07
C VAL A 60 3.99 8.02 6.99
N HIS A 61 4.97 7.31 6.45
CA HIS A 61 6.17 7.00 7.21
C HIS A 61 7.39 7.63 6.52
N LYS A 62 8.46 7.75 7.28
CA LYS A 62 9.69 8.32 6.77
C LYS A 62 10.35 7.33 5.81
N GLY A 63 10.04 7.49 4.54
CA GLY A 63 10.59 6.63 3.51
C GLY A 63 9.48 5.97 2.68
N TYR A 64 8.32 5.83 3.32
CA TYR A 64 7.17 5.23 2.65
C TYR A 64 5.86 5.69 3.29
N ALA A 65 4.77 5.24 2.71
CA ALA A 65 3.44 5.60 3.21
C ALA A 65 2.45 4.50 2.84
N PHE A 66 1.53 4.25 3.75
CA PHE A 66 0.52 3.24 3.53
C PHE A 66 -0.85 3.87 3.28
N VAL A 67 -1.69 3.12 2.56
CA VAL A 67 -3.03 3.60 2.24
C VAL A 67 -4.01 2.42 2.28
N GLN A 68 -5.02 2.56 3.13
CA GLN A 68 -6.02 1.52 3.27
C GLN A 68 -7.32 1.95 2.58
N TYR A 69 -7.99 0.98 1.97
CA TYR A 69 -9.24 1.24 1.28
C TYR A 69 -10.33 0.27 1.75
N SER A 70 -11.55 0.54 1.29
CA SER A 70 -12.68 -0.29 1.65
C SER A 70 -12.82 -1.45 0.65
N ASN A 71 -12.61 -1.13 -0.60
CA ASN A 71 -12.71 -2.13 -1.66
C ASN A 71 -11.30 -2.46 -2.16
N GLU A 72 -11.19 -3.66 -2.74
CA GLU A 72 -9.92 -4.11 -3.27
C GLU A 72 -9.60 -3.40 -4.58
N ARG A 73 -10.63 -2.79 -5.15
CA ARG A 73 -10.47 -2.07 -6.40
C ARG A 73 -9.96 -0.65 -6.14
N HIS A 74 -10.56 -0.02 -5.15
CA HIS A 74 -10.18 1.34 -4.79
C HIS A 74 -8.67 1.41 -4.58
N ALA A 75 -8.09 0.25 -4.30
CA ALA A 75 -6.66 0.17 -4.08
C ALA A 75 -5.94 0.01 -5.43
N ARG A 76 -6.26 -1.09 -6.11
CA ARG A 76 -5.66 -1.37 -7.40
C ARG A 76 -5.58 -0.08 -8.23
N ALA A 77 -6.65 0.68 -8.17
CA ALA A 77 -6.71 1.93 -8.92
C ALA A 77 -5.60 2.88 -8.42
N ALA A 78 -5.53 3.00 -7.10
CA ALA A 78 -4.53 3.86 -6.48
C ALA A 78 -3.15 3.24 -6.68
N VAL A 79 -3.13 1.92 -6.81
CA VAL A 79 -1.88 1.20 -7.01
C VAL A 79 -1.26 1.62 -8.34
N LEU A 80 -1.96 1.28 -9.42
CA LEU A 80 -1.48 1.62 -10.75
C LEU A 80 -1.58 3.13 -10.96
N GLY A 81 -2.69 3.68 -10.52
CA GLY A 81 -2.92 5.12 -10.65
C GLY A 81 -1.70 5.91 -10.18
N GLU A 82 -1.12 5.43 -9.08
CA GLU A 82 0.06 6.09 -8.52
C GLU A 82 1.33 5.39 -9.01
N ASN A 83 1.39 4.09 -8.76
CA ASN A 83 2.55 3.30 -9.16
C ASN A 83 3.06 3.81 -10.50
N GLY A 84 4.37 4.02 -10.57
CA GLY A 84 5.00 4.50 -11.78
C GLY A 84 5.19 6.01 -11.73
N ARG A 85 4.40 6.65 -10.89
CA ARG A 85 4.47 8.10 -10.73
C ARG A 85 5.80 8.50 -10.10
N VAL A 86 6.25 9.70 -10.46
CA VAL A 86 7.51 10.21 -9.93
C VAL A 86 7.24 11.48 -9.13
N LEU A 87 7.96 11.61 -8.03
CA LEU A 87 7.81 12.78 -7.18
C LEU A 87 9.15 13.08 -6.49
N ALA A 88 9.66 14.27 -6.76
CA ALA A 88 10.92 14.69 -6.18
C ALA A 88 12.06 14.17 -7.04
N GLY A 89 11.71 13.35 -8.01
CA GLY A 89 12.69 12.78 -8.91
C GLY A 89 12.82 11.27 -8.69
N GLN A 90 11.88 10.74 -7.93
CA GLN A 90 11.88 9.31 -7.63
C GLN A 90 10.54 8.69 -8.05
N THR A 91 10.64 7.57 -8.75
CA THR A 91 9.45 6.87 -9.21
C THR A 91 8.76 6.17 -8.05
N LEU A 92 7.72 6.82 -7.53
CA LEU A 92 6.97 6.27 -6.42
C LEU A 92 6.74 4.77 -6.65
N ASP A 93 7.40 3.97 -5.82
CA ASP A 93 7.29 2.53 -5.92
C ASP A 93 6.13 2.06 -5.04
N ILE A 94 5.00 1.81 -5.69
CA ILE A 94 3.81 1.35 -4.98
C ILE A 94 3.48 -0.08 -5.43
N ASN A 95 2.80 -0.80 -4.55
CA ASN A 95 2.41 -2.17 -4.83
C ASN A 95 1.32 -2.61 -3.85
N MET A 96 0.61 -3.65 -4.24
CA MET A 96 -0.45 -4.18 -3.40
C MET A 96 0.10 -4.87 -2.17
N ALA A 97 -0.54 -4.62 -1.04
CA ALA A 97 -0.11 -5.22 0.22
C ALA A 97 0.01 -6.73 0.04
N GLY A 98 -1.15 -7.38 0.03
CA GLY A 98 -1.19 -8.83 -0.13
C GLY A 98 -0.67 -9.54 1.12
N GLU A 99 0.61 -9.87 1.08
CA GLU A 99 1.24 -10.54 2.20
C GLU A 99 2.32 -9.65 2.82
N PRO A 100 2.06 -9.24 4.09
CA PRO A 100 2.99 -8.38 4.81
C PRO A 100 4.21 -9.18 5.28
N LYS A 101 4.92 -8.60 6.23
CA LYS A 101 6.12 -9.23 6.77
C LYS A 101 5.82 -10.72 7.04
N PRO A 102 6.50 -11.59 6.25
CA PRO A 102 6.31 -13.02 6.40
C PRO A 102 7.02 -13.54 7.66
N ASP A 103 6.75 -14.80 7.97
CA ASP A 103 7.35 -15.42 9.14
C ASP A 103 6.94 -14.65 10.39
N ARG A 104 6.78 -15.40 11.48
CA ARG A 104 6.39 -14.80 12.75
C ARG A 104 6.51 -15.82 13.88
N SER A 105 5.84 -16.95 13.68
CA SER A 105 5.87 -18.01 14.68
C SER A 105 5.52 -17.45 16.05
N GLY A 106 4.23 -17.28 16.28
CA GLY A 106 3.75 -16.76 17.55
C GLY A 106 3.12 -17.86 18.39
N PRO A 107 2.07 -17.46 19.16
CA PRO A 107 1.36 -18.41 20.02
C PRO A 107 0.47 -19.34 19.20
N SER A 108 -0.08 -20.33 19.88
CA SER A 108 -0.96 -21.29 19.23
C SER A 108 -2.22 -21.51 20.07
N SER A 109 -3.30 -21.86 19.39
CA SER A 109 -4.55 -22.11 20.07
C SER A 109 -4.75 -23.60 20.30
N GLY A 110 -3.76 -24.37 19.85
CA GLY A 110 -3.80 -25.81 20.02
C GLY A 110 -2.65 -26.30 20.89
N GLY A 1 15.92 4.06 24.82
CA GLY A 1 16.80 3.08 24.25
C GLY A 1 17.65 2.40 25.32
N SER A 2 17.09 1.35 25.91
CA SER A 2 17.77 0.61 26.96
C SER A 2 18.32 -0.71 26.39
N SER A 3 19.64 -0.79 26.34
CA SER A 3 20.29 -1.97 25.82
C SER A 3 19.60 -3.23 26.36
N GLY A 4 19.43 -4.20 25.48
CA GLY A 4 18.79 -5.46 25.86
C GLY A 4 17.81 -5.91 24.78
N SER A 5 18.10 -7.08 24.23
CA SER A 5 17.26 -7.65 23.18
C SER A 5 16.52 -8.88 23.73
N SER A 6 15.29 -9.03 23.26
CA SER A 6 14.46 -10.15 23.68
C SER A 6 13.34 -10.39 22.67
N GLY A 7 13.69 -11.06 21.59
CA GLY A 7 12.72 -11.36 20.55
C GLY A 7 12.13 -10.07 19.96
N MET A 8 12.96 -9.39 19.19
CA MET A 8 12.54 -8.14 18.56
C MET A 8 13.35 -7.86 17.29
N SER A 9 14.66 -7.85 17.45
CA SER A 9 15.55 -7.60 16.32
C SER A 9 16.80 -8.46 16.45
N LEU A 10 16.68 -9.69 15.96
CA LEU A 10 17.80 -10.63 16.01
C LEU A 10 18.87 -10.18 15.03
N LYS A 11 18.51 -10.22 13.76
CA LYS A 11 19.43 -9.82 12.70
C LYS A 11 18.71 -9.84 11.36
N LEU A 12 17.77 -8.92 11.22
CA LEU A 12 16.99 -8.82 9.99
C LEU A 12 16.03 -10.00 9.90
N GLN A 13 16.60 -11.18 9.76
CA GLN A 13 15.80 -12.40 9.67
C GLN A 13 14.86 -12.51 10.86
N ALA A 14 13.87 -13.37 10.72
CA ALA A 14 12.89 -13.58 11.77
C ALA A 14 12.44 -12.23 12.31
N SER A 15 11.42 -11.68 11.68
CA SER A 15 10.88 -10.40 12.10
C SER A 15 9.59 -10.59 12.90
N ASN A 16 9.75 -10.67 14.21
CA ASN A 16 8.61 -10.85 15.10
C ASN A 16 7.94 -12.18 14.78
N VAL A 17 7.90 -13.05 15.78
CA VAL A 17 7.30 -14.36 15.60
C VAL A 17 5.97 -14.20 14.87
N THR A 18 5.69 -15.15 13.99
CA THR A 18 4.46 -15.13 13.22
C THR A 18 3.93 -16.55 13.02
N ASN A 19 2.67 -16.73 13.40
CA ASN A 19 2.04 -18.04 13.28
C ASN A 19 0.80 -17.92 12.39
N LYS A 20 0.68 -18.86 11.47
CA LYS A 20 -0.45 -18.87 10.54
C LYS A 20 -0.43 -17.59 9.72
N ASN A 21 -1.01 -17.67 8.53
CA ASN A 21 -1.06 -16.53 7.64
C ASN A 21 -2.34 -15.73 7.92
N ASP A 22 -2.24 -14.42 7.74
CA ASP A 22 -3.37 -13.54 7.97
C ASP A 22 -3.53 -12.59 6.78
N PRO A 23 -4.54 -12.91 5.93
CA PRO A 23 -4.81 -12.09 4.75
C PRO A 23 -5.49 -10.78 5.14
N LYS A 24 -5.72 -10.63 6.44
CA LYS A 24 -6.35 -9.43 6.94
C LYS A 24 -5.56 -8.20 6.50
N SER A 25 -6.28 -7.20 6.04
CA SER A 25 -5.66 -5.97 5.58
C SER A 25 -5.25 -6.10 4.11
N ILE A 26 -4.61 -7.23 3.82
CA ILE A 26 -4.15 -7.50 2.47
C ILE A 26 -5.32 -7.35 1.50
N ASN A 27 -6.53 -7.52 2.03
CA ASN A 27 -7.74 -7.41 1.23
C ASN A 27 -7.61 -6.20 0.31
N SER A 28 -7.26 -5.07 0.91
CA SER A 28 -7.11 -3.83 0.16
C SER A 28 -6.15 -2.89 0.89
N ARG A 29 -4.91 -2.89 0.42
CA ARG A 29 -3.89 -2.04 1.03
C ARG A 29 -2.86 -1.62 -0.03
N VAL A 30 -2.28 -0.45 0.19
CA VAL A 30 -1.29 0.08 -0.74
C VAL A 30 -0.05 0.49 0.05
N PHE A 31 1.11 0.13 -0.48
CA PHE A 31 2.37 0.47 0.15
C PHE A 31 3.17 1.46 -0.70
N ILE A 32 3.08 2.73 -0.32
CA ILE A 32 3.78 3.77 -1.03
C ILE A 32 5.23 3.82 -0.55
N GLY A 33 6.14 3.43 -1.44
CA GLY A 33 7.55 3.43 -1.12
C GLY A 33 8.29 4.54 -1.88
N ASN A 34 9.61 4.50 -1.80
CA ASN A 34 10.44 5.49 -2.47
C ASN A 34 9.80 6.87 -2.31
N LEU A 35 9.08 7.03 -1.20
CA LEU A 35 8.42 8.29 -0.92
C LEU A 35 9.33 9.15 -0.05
N ASN A 36 9.71 10.30 -0.60
CA ASN A 36 10.58 11.22 0.11
C ASN A 36 10.04 11.44 1.53
N THR A 37 8.73 11.30 1.66
CA THR A 37 8.09 11.47 2.95
C THR A 37 8.71 12.64 3.71
N ALA A 38 9.24 13.58 2.94
CA ALA A 38 9.86 14.75 3.52
C ALA A 38 8.97 15.98 3.30
N LEU A 39 8.32 15.98 2.14
CA LEU A 39 7.43 17.08 1.80
C LEU A 39 5.99 16.55 1.72
N VAL A 40 5.86 15.35 1.21
CA VAL A 40 4.56 14.72 1.07
C VAL A 40 4.03 14.35 2.46
N LYS A 41 2.88 14.92 2.79
CA LYS A 41 2.26 14.66 4.08
C LYS A 41 1.20 13.56 3.92
N LYS A 42 0.55 13.26 5.02
CA LYS A 42 -0.50 12.24 5.01
C LYS A 42 -1.81 12.85 4.54
N SER A 43 -2.03 14.09 4.96
CA SER A 43 -3.24 14.81 4.57
C SER A 43 -3.23 15.08 3.06
N ASP A 44 -2.03 15.23 2.53
CA ASP A 44 -1.87 15.50 1.12
C ASP A 44 -2.01 14.19 0.33
N VAL A 45 -1.10 13.26 0.62
CA VAL A 45 -1.12 11.97 -0.04
C VAL A 45 -2.53 11.39 -0.01
N GLU A 46 -3.28 11.82 1.00
CA GLU A 46 -4.65 11.36 1.16
C GLU A 46 -5.53 11.90 0.03
N THR A 47 -5.41 13.20 -0.20
CA THR A 47 -6.18 13.85 -1.25
C THR A 47 -5.67 13.44 -2.63
N ILE A 48 -4.50 12.81 -2.62
CA ILE A 48 -3.89 12.37 -3.87
C ILE A 48 -4.48 11.02 -4.28
N PHE A 49 -4.59 10.14 -3.30
CA PHE A 49 -5.15 8.81 -3.53
C PHE A 49 -6.65 8.80 -3.29
N SER A 50 -7.09 9.66 -2.39
CA SER A 50 -8.50 9.76 -2.07
C SER A 50 -9.34 9.76 -3.35
N LYS A 51 -8.74 10.27 -4.41
CA LYS A 51 -9.41 10.34 -5.70
C LYS A 51 -9.87 8.93 -6.09
N TYR A 52 -9.04 7.94 -5.78
CA TYR A 52 -9.35 6.57 -6.09
C TYR A 52 -10.47 6.04 -5.20
N GLY A 53 -10.78 6.82 -4.17
CA GLY A 53 -11.82 6.45 -3.23
C GLY A 53 -11.36 6.66 -1.78
N ARG A 54 -12.33 6.77 -0.89
CA ARG A 54 -12.03 6.98 0.52
C ARG A 54 -11.17 5.82 1.05
N VAL A 55 -10.05 6.19 1.64
CA VAL A 55 -9.13 5.21 2.20
C VAL A 55 -9.58 4.84 3.62
N ALA A 56 -9.46 3.56 3.93
CA ALA A 56 -9.85 3.08 5.25
C ALA A 56 -8.85 3.58 6.29
N GLY A 57 -7.58 3.50 5.92
CA GLY A 57 -6.52 3.94 6.81
C GLY A 57 -5.26 4.29 6.02
N CYS A 58 -4.93 5.58 6.05
CA CYS A 58 -3.76 6.07 5.34
C CYS A 58 -2.70 6.43 6.37
N SER A 59 -1.48 5.95 6.13
CA SER A 59 -0.37 6.21 7.03
C SER A 59 0.84 6.70 6.22
N VAL A 60 1.60 7.59 6.84
CA VAL A 60 2.78 8.14 6.20
C VAL A 60 3.98 7.97 7.14
N HIS A 61 4.99 7.29 6.63
CA HIS A 61 6.20 7.04 7.40
C HIS A 61 7.40 7.70 6.71
N LYS A 62 8.44 7.96 7.49
CA LYS A 62 9.64 8.57 6.96
C LYS A 62 10.36 7.57 6.06
N GLY A 63 9.97 7.58 4.80
CA GLY A 63 10.57 6.69 3.82
C GLY A 63 9.50 6.02 2.96
N TYR A 64 8.29 5.99 3.50
CA TYR A 64 7.17 5.38 2.79
C TYR A 64 5.83 5.78 3.42
N ALA A 65 4.76 5.31 2.80
CA ALA A 65 3.42 5.61 3.29
C ALA A 65 2.47 4.49 2.89
N PHE A 66 1.52 4.21 3.76
CA PHE A 66 0.55 3.17 3.51
C PHE A 66 -0.85 3.77 3.26
N VAL A 67 -1.64 3.03 2.51
CA VAL A 67 -2.99 3.48 2.19
C VAL A 67 -3.92 2.27 2.12
N GLN A 68 -4.73 2.12 3.16
CA GLN A 68 -5.67 1.01 3.23
C GLN A 68 -7.02 1.43 2.66
N TYR A 69 -7.65 0.48 1.97
CA TYR A 69 -8.94 0.75 1.36
C TYR A 69 -9.97 -0.31 1.78
N SER A 70 -11.22 -0.06 1.44
CA SER A 70 -12.30 -0.99 1.77
C SER A 70 -12.54 -1.94 0.60
N ASN A 71 -12.34 -1.42 -0.60
CA ASN A 71 -12.54 -2.22 -1.80
C ASN A 71 -11.18 -2.56 -2.41
N GLU A 72 -11.04 -3.83 -2.76
CA GLU A 72 -9.80 -4.30 -3.36
C GLU A 72 -9.50 -3.55 -4.66
N ARG A 73 -10.54 -2.87 -5.16
CA ARG A 73 -10.41 -2.12 -6.39
C ARG A 73 -9.95 -0.68 -6.09
N HIS A 74 -10.56 -0.10 -5.07
CA HIS A 74 -10.22 1.25 -4.66
C HIS A 74 -8.70 1.37 -4.46
N ALA A 75 -8.09 0.22 -4.19
CA ALA A 75 -6.66 0.18 -3.98
C ALA A 75 -5.95 0.07 -5.33
N ARG A 76 -6.18 -1.05 -6.00
CA ARG A 76 -5.57 -1.28 -7.30
C ARG A 76 -5.55 0.01 -8.12
N ALA A 77 -6.68 0.71 -8.10
CA ALA A 77 -6.80 1.95 -8.83
C ALA A 77 -5.69 2.92 -8.38
N ALA A 78 -5.60 3.09 -7.08
CA ALA A 78 -4.59 3.97 -6.50
C ALA A 78 -3.22 3.34 -6.67
N VAL A 79 -3.20 2.02 -6.70
CA VAL A 79 -1.96 1.28 -6.85
C VAL A 79 -1.34 1.62 -8.21
N LEU A 80 -2.06 1.23 -9.25
CA LEU A 80 -1.60 1.49 -10.62
C LEU A 80 -1.70 2.99 -10.92
N GLY A 81 -2.80 3.57 -10.45
CA GLY A 81 -3.03 4.99 -10.66
C GLY A 81 -1.82 5.82 -10.21
N GLU A 82 -1.21 5.36 -9.13
CA GLU A 82 -0.05 6.05 -8.59
C GLU A 82 1.24 5.36 -9.03
N ASN A 83 1.29 4.05 -8.78
CA ASN A 83 2.46 3.27 -9.16
C ASN A 83 2.97 3.73 -10.52
N GLY A 84 4.20 4.22 -10.52
CA GLY A 84 4.82 4.69 -11.74
C GLY A 84 5.10 6.20 -11.67
N ARG A 85 4.34 6.86 -10.80
CA ARG A 85 4.49 8.30 -10.62
C ARG A 85 5.84 8.61 -9.97
N VAL A 86 6.32 9.81 -10.23
CA VAL A 86 7.59 10.26 -9.69
C VAL A 86 7.36 11.47 -8.78
N LEU A 87 8.13 11.51 -7.71
CA LEU A 87 8.02 12.62 -6.76
C LEU A 87 9.39 12.87 -6.12
N ALA A 88 9.97 14.01 -6.45
CA ALA A 88 11.27 14.38 -5.92
C ALA A 88 12.37 13.76 -6.78
N GLY A 89 11.95 13.27 -7.94
CA GLY A 89 12.88 12.64 -8.87
C GLY A 89 13.00 11.14 -8.61
N GLN A 90 11.97 10.60 -7.97
CA GLN A 90 11.95 9.18 -7.65
C GLN A 90 10.59 8.58 -8.00
N THR A 91 10.64 7.49 -8.75
CA THR A 91 9.42 6.81 -9.15
C THR A 91 8.76 6.13 -7.96
N LEU A 92 7.72 6.77 -7.45
CA LEU A 92 6.99 6.24 -6.30
C LEU A 92 6.72 4.75 -6.53
N ASP A 93 7.34 3.93 -5.69
CA ASP A 93 7.16 2.49 -5.79
C ASP A 93 5.98 2.07 -4.91
N ILE A 94 4.85 1.85 -5.57
CA ILE A 94 3.64 1.44 -4.87
C ILE A 94 3.30 0.00 -5.27
N ASN A 95 2.59 -0.67 -4.36
CA ASN A 95 2.20 -2.04 -4.60
C ASN A 95 0.96 -2.37 -3.76
N MET A 96 0.26 -3.42 -4.16
CA MET A 96 -0.94 -3.84 -3.47
C MET A 96 -0.59 -4.59 -2.18
N ALA A 97 0.23 -3.93 -1.36
CA ALA A 97 0.64 -4.53 -0.10
C ALA A 97 1.27 -5.89 -0.36
N GLY A 98 0.41 -6.91 -0.34
CA GLY A 98 0.88 -8.27 -0.58
C GLY A 98 1.44 -8.89 0.70
N GLU A 99 2.60 -8.39 1.10
CA GLU A 99 3.26 -8.89 2.29
C GLU A 99 2.64 -8.25 3.54
N PRO A 100 2.09 -9.12 4.43
CA PRO A 100 1.47 -8.66 5.66
C PRO A 100 2.52 -8.23 6.67
N LYS A 101 2.09 -8.14 7.92
CA LYS A 101 2.98 -7.75 9.00
C LYS A 101 2.57 -8.45 10.29
N PRO A 102 3.53 -8.53 11.24
CA PRO A 102 3.28 -9.17 12.52
C PRO A 102 2.41 -8.29 13.42
N ASP A 103 1.10 -8.45 13.26
CA ASP A 103 0.15 -7.67 14.04
C ASP A 103 -1.27 -8.19 13.79
N ARG A 104 -1.99 -8.40 14.87
CA ARG A 104 -3.35 -8.90 14.78
C ARG A 104 -4.33 -7.83 15.25
N SER A 105 -5.46 -7.76 14.54
CA SER A 105 -6.48 -6.78 14.87
C SER A 105 -7.82 -7.21 14.27
N GLY A 106 -8.89 -6.91 15.00
CA GLY A 106 -10.23 -7.26 14.55
C GLY A 106 -11.07 -7.79 15.71
N PRO A 107 -11.81 -8.90 15.42
CA PRO A 107 -12.66 -9.51 16.42
C PRO A 107 -11.83 -10.29 17.45
N SER A 108 -11.44 -9.58 18.50
CA SER A 108 -10.64 -10.18 19.55
C SER A 108 -10.85 -9.42 20.86
N SER A 109 -11.76 -9.94 21.68
CA SER A 109 -12.06 -9.32 22.95
C SER A 109 -12.23 -10.40 24.03
N GLY A 110 -11.74 -10.09 25.22
CA GLY A 110 -11.84 -11.02 26.33
C GLY A 110 -10.47 -11.61 26.67
N GLY A 1 24.65 -38.67 -8.93
CA GLY A 1 24.49 -37.63 -7.94
C GLY A 1 23.15 -37.77 -7.20
N SER A 2 22.73 -36.67 -6.60
CA SER A 2 21.48 -36.66 -5.85
C SER A 2 20.86 -35.25 -5.89
N SER A 3 19.55 -35.24 -5.99
CA SER A 3 18.82 -33.97 -6.03
C SER A 3 19.22 -33.18 -7.29
N GLY A 4 18.38 -32.20 -7.62
CA GLY A 4 18.64 -31.37 -8.78
C GLY A 4 17.33 -30.81 -9.34
N SER A 5 16.84 -31.47 -10.39
CA SER A 5 15.62 -31.05 -11.03
C SER A 5 15.74 -29.60 -11.51
N SER A 6 14.76 -29.20 -12.31
CA SER A 6 14.76 -27.84 -12.85
C SER A 6 13.42 -27.18 -12.57
N GLY A 7 13.47 -25.85 -12.44
CA GLY A 7 12.26 -25.08 -12.17
C GLY A 7 11.67 -24.52 -13.46
N MET A 8 10.43 -24.92 -13.73
CA MET A 8 9.75 -24.45 -14.93
C MET A 8 8.27 -24.19 -14.65
N SER A 9 7.92 -22.92 -14.53
CA SER A 9 6.55 -22.53 -14.26
C SER A 9 5.93 -21.92 -15.51
N LEU A 10 5.34 -22.79 -16.33
CA LEU A 10 4.71 -22.35 -17.56
C LEU A 10 3.31 -21.82 -17.24
N LYS A 11 2.76 -21.06 -18.19
CA LYS A 11 1.44 -20.49 -18.03
C LYS A 11 0.49 -21.57 -17.50
N LEU A 12 -0.23 -21.19 -16.45
CA LEU A 12 -1.18 -22.12 -15.83
C LEU A 12 -2.35 -21.33 -15.26
N GLN A 13 -3.42 -22.04 -14.94
CA GLN A 13 -4.60 -21.42 -14.38
C GLN A 13 -4.26 -20.67 -13.10
N ALA A 14 -4.57 -19.38 -13.09
CA ALA A 14 -4.29 -18.55 -11.93
C ALA A 14 -4.90 -19.20 -10.68
N SER A 15 -4.06 -19.33 -9.66
CA SER A 15 -4.51 -19.94 -8.42
C SER A 15 -4.48 -18.90 -7.30
N ASN A 16 -5.56 -18.13 -7.21
CA ASN A 16 -5.67 -17.09 -6.21
C ASN A 16 -5.58 -17.73 -4.82
N VAL A 17 -4.41 -17.62 -4.20
CA VAL A 17 -4.19 -18.18 -2.89
C VAL A 17 -3.51 -17.15 -2.00
N THR A 18 -4.08 -16.95 -0.82
CA THR A 18 -3.54 -15.99 0.13
C THR A 18 -3.65 -16.53 1.55
N ASN A 19 -2.50 -16.65 2.20
CA ASN A 19 -2.44 -17.15 3.55
C ASN A 19 -1.48 -16.30 4.37
N LYS A 20 -2.04 -15.51 5.28
CA LYS A 20 -1.24 -14.65 6.13
C LYS A 20 -1.78 -14.69 7.56
N ASN A 21 -0.89 -14.44 8.50
CA ASN A 21 -1.26 -14.45 9.91
C ASN A 21 -2.61 -13.74 10.08
N ASP A 22 -2.61 -12.46 9.74
CA ASP A 22 -3.81 -11.65 9.86
C ASP A 22 -4.04 -10.89 8.55
N PRO A 23 -5.01 -11.39 7.74
CA PRO A 23 -5.33 -10.76 6.47
C PRO A 23 -6.11 -9.47 6.68
N LYS A 24 -6.40 -9.19 7.94
CA LYS A 24 -7.14 -7.99 8.28
C LYS A 24 -6.39 -6.76 7.80
N SER A 25 -7.03 -6.00 6.94
CA SER A 25 -6.43 -4.79 6.39
C SER A 25 -5.64 -5.13 5.12
N ILE A 26 -5.25 -6.40 5.03
CA ILE A 26 -4.49 -6.86 3.87
C ILE A 26 -5.41 -6.94 2.66
N ASN A 27 -6.70 -7.07 2.94
CA ASN A 27 -7.69 -7.16 1.88
C ASN A 27 -7.43 -6.07 0.84
N SER A 28 -7.52 -4.83 1.28
CA SER A 28 -7.29 -3.70 0.40
C SER A 28 -6.30 -2.72 1.06
N ARG A 29 -5.05 -2.83 0.64
CA ARG A 29 -4.00 -1.97 1.17
C ARG A 29 -3.00 -1.61 0.07
N VAL A 30 -2.35 -0.48 0.26
CA VAL A 30 -1.36 -0.01 -0.70
C VAL A 30 -0.08 0.39 0.04
N PHE A 31 1.04 0.10 -0.60
CA PHE A 31 2.33 0.42 -0.01
C PHE A 31 3.08 1.45 -0.85
N ILE A 32 3.04 2.69 -0.39
CA ILE A 32 3.69 3.78 -1.09
C ILE A 32 5.16 3.86 -0.64
N GLY A 33 6.04 3.42 -1.53
CA GLY A 33 7.46 3.44 -1.24
C GLY A 33 8.16 4.59 -1.96
N ASN A 34 9.49 4.57 -1.90
CA ASN A 34 10.27 5.61 -2.55
C ASN A 34 9.59 6.96 -2.35
N LEU A 35 9.02 7.14 -1.16
CA LEU A 35 8.33 8.38 -0.84
C LEU A 35 9.24 9.24 0.04
N ASN A 36 9.75 10.31 -0.56
CA ASN A 36 10.62 11.22 0.16
C ASN A 36 10.08 11.45 1.57
N THR A 37 8.76 11.35 1.69
CA THR A 37 8.10 11.54 2.96
C THR A 37 8.71 12.74 3.70
N ALA A 38 9.27 13.65 2.92
CA ALA A 38 9.89 14.83 3.49
C ALA A 38 9.01 16.06 3.20
N LEU A 39 8.40 16.04 2.02
CA LEU A 39 7.53 17.13 1.62
C LEU A 39 6.09 16.62 1.55
N VAL A 40 5.96 15.38 1.11
CA VAL A 40 4.64 14.76 0.99
C VAL A 40 4.10 14.44 2.38
N LYS A 41 2.98 15.05 2.71
CA LYS A 41 2.36 14.83 4.01
C LYS A 41 1.26 13.77 3.87
N LYS A 42 0.60 13.51 4.99
CA LYS A 42 -0.47 12.51 5.01
C LYS A 42 -1.76 13.16 4.48
N SER A 43 -1.98 14.39 4.90
CA SER A 43 -3.17 15.12 4.48
C SER A 43 -3.15 15.31 2.97
N ASP A 44 -1.94 15.41 2.42
CA ASP A 44 -1.77 15.60 0.99
C ASP A 44 -1.92 14.25 0.28
N VAL A 45 -0.99 13.36 0.57
CA VAL A 45 -1.00 12.03 -0.03
C VAL A 45 -2.42 11.46 0.05
N GLU A 46 -3.16 11.94 1.04
CA GLU A 46 -4.52 11.48 1.24
C GLU A 46 -5.41 11.95 0.09
N THR A 47 -5.40 13.26 -0.13
CA THR A 47 -6.20 13.84 -1.20
C THR A 47 -5.67 13.42 -2.56
N ILE A 48 -4.47 12.84 -2.55
CA ILE A 48 -3.84 12.38 -3.77
C ILE A 48 -4.46 11.05 -4.19
N PHE A 49 -4.52 10.12 -3.24
CA PHE A 49 -5.08 8.81 -3.50
C PHE A 49 -6.60 8.80 -3.25
N SER A 50 -6.99 9.59 -2.26
CA SER A 50 -8.40 9.69 -1.90
C SER A 50 -9.26 9.73 -3.17
N LYS A 51 -8.67 10.25 -4.23
CA LYS A 51 -9.36 10.35 -5.50
C LYS A 51 -9.91 8.98 -5.89
N TYR A 52 -9.03 7.98 -5.78
CA TYR A 52 -9.41 6.62 -6.12
C TYR A 52 -10.55 6.12 -5.22
N GLY A 53 -10.79 6.88 -4.17
CA GLY A 53 -11.84 6.53 -3.22
C GLY A 53 -11.36 6.66 -1.78
N ARG A 54 -12.22 7.19 -0.94
CA ARG A 54 -11.89 7.37 0.47
C ARG A 54 -11.13 6.15 1.00
N VAL A 55 -9.99 6.42 1.60
CA VAL A 55 -9.17 5.36 2.16
C VAL A 55 -9.65 5.03 3.57
N ALA A 56 -9.66 3.73 3.87
CA ALA A 56 -10.10 3.27 5.17
C ALA A 56 -9.09 3.71 6.23
N GLY A 57 -7.82 3.55 5.89
CA GLY A 57 -6.76 3.92 6.80
C GLY A 57 -5.57 4.51 6.03
N CYS A 58 -5.07 5.63 6.55
CA CYS A 58 -3.94 6.29 5.93
C CYS A 58 -2.78 6.33 6.93
N SER A 59 -1.59 6.08 6.41
CA SER A 59 -0.40 6.08 7.26
C SER A 59 0.80 6.57 6.45
N VAL A 60 1.53 7.50 7.05
CA VAL A 60 2.70 8.06 6.41
C VAL A 60 3.93 7.80 7.28
N HIS A 61 4.92 7.15 6.68
CA HIS A 61 6.15 6.84 7.39
C HIS A 61 7.33 7.54 6.72
N LYS A 62 8.42 7.66 7.46
CA LYS A 62 9.62 8.30 6.95
C LYS A 62 10.31 7.37 5.97
N GLY A 63 10.00 7.57 4.69
CA GLY A 63 10.59 6.75 3.64
C GLY A 63 9.50 6.07 2.80
N TYR A 64 8.32 5.95 3.40
CA TYR A 64 7.20 5.33 2.72
C TYR A 64 5.88 5.68 3.40
N ALA A 65 4.79 5.27 2.77
CA ALA A 65 3.47 5.54 3.30
C ALA A 65 2.50 4.44 2.85
N PHE A 66 1.49 4.20 3.67
CA PHE A 66 0.50 3.19 3.37
C PHE A 66 -0.88 3.81 3.18
N VAL A 67 -1.73 3.08 2.48
CA VAL A 67 -3.08 3.54 2.22
C VAL A 67 -4.04 2.35 2.18
N GLN A 68 -4.91 2.30 3.17
CA GLN A 68 -5.88 1.22 3.27
C GLN A 68 -7.21 1.64 2.64
N TYR A 69 -7.85 0.69 1.97
CA TYR A 69 -9.12 0.94 1.32
C TYR A 69 -10.18 -0.06 1.78
N SER A 70 -11.41 0.20 1.37
CA SER A 70 -12.52 -0.67 1.73
C SER A 70 -12.64 -1.81 0.71
N ASN A 71 -12.47 -1.44 -0.55
CA ASN A 71 -12.57 -2.41 -1.64
C ASN A 71 -11.17 -2.71 -2.16
N GLU A 72 -11.02 -3.91 -2.71
CA GLU A 72 -9.74 -4.33 -3.27
C GLU A 72 -9.48 -3.64 -4.60
N ARG A 73 -10.53 -3.00 -5.11
CA ARG A 73 -10.42 -2.29 -6.38
C ARG A 73 -9.98 -0.85 -6.14
N HIS A 74 -10.56 -0.24 -5.12
CA HIS A 74 -10.24 1.14 -4.78
C HIS A 74 -8.72 1.28 -4.57
N ALA A 75 -8.11 0.15 -4.25
CA ALA A 75 -6.67 0.13 -4.04
C ALA A 75 -5.94 0.00 -5.37
N ARG A 76 -6.16 -1.15 -6.01
CA ARG A 76 -5.54 -1.41 -7.30
C ARG A 76 -5.52 -0.13 -8.15
N ALA A 77 -6.65 0.56 -8.13
CA ALA A 77 -6.77 1.79 -8.90
C ALA A 77 -5.69 2.78 -8.46
N ALA A 78 -5.60 2.97 -7.14
CA ALA A 78 -4.61 3.87 -6.58
C ALA A 78 -3.22 3.25 -6.72
N VAL A 79 -3.20 1.94 -6.78
CA VAL A 79 -1.94 1.22 -6.92
C VAL A 79 -1.30 1.58 -8.26
N LEU A 80 -1.97 1.20 -9.33
CA LEU A 80 -1.47 1.48 -10.66
C LEU A 80 -1.62 2.97 -10.95
N GLY A 81 -2.77 3.51 -10.60
CA GLY A 81 -3.05 4.91 -10.81
C GLY A 81 -1.89 5.78 -10.32
N GLU A 82 -1.28 5.34 -9.22
CA GLU A 82 -0.17 6.06 -8.65
C GLU A 82 1.16 5.41 -9.06
N ASN A 83 1.27 4.13 -8.78
CA ASN A 83 2.46 3.38 -9.11
C ASN A 83 2.99 3.86 -10.47
N GLY A 84 4.19 4.41 -10.44
CA GLY A 84 4.81 4.90 -11.66
C GLY A 84 5.01 6.42 -11.59
N ARG A 85 4.21 7.06 -10.75
CA ARG A 85 4.28 8.49 -10.58
C ARG A 85 5.61 8.89 -9.93
N VAL A 86 6.07 10.08 -10.25
CA VAL A 86 7.30 10.59 -9.69
C VAL A 86 7.01 11.79 -8.79
N LEU A 87 7.80 11.91 -7.73
CA LEU A 87 7.63 13.00 -6.78
C LEU A 87 8.99 13.34 -6.17
N ALA A 88 9.42 14.57 -6.41
CA ALA A 88 10.69 15.04 -5.88
C ALA A 88 11.81 14.64 -6.85
N GLY A 89 11.46 13.80 -7.82
CA GLY A 89 12.42 13.35 -8.81
C GLY A 89 12.52 11.82 -8.80
N GLN A 90 11.90 11.22 -7.80
CA GLN A 90 11.92 9.77 -7.67
C GLN A 90 10.56 9.18 -8.05
N THR A 91 10.61 8.00 -8.64
CA THR A 91 9.39 7.33 -9.05
C THR A 91 8.76 6.59 -7.86
N LEU A 92 7.62 7.10 -7.43
CA LEU A 92 6.90 6.52 -6.31
C LEU A 92 6.64 5.04 -6.61
N ASP A 93 7.25 4.19 -5.81
CA ASP A 93 7.09 2.75 -5.97
C ASP A 93 5.91 2.28 -5.13
N ILE A 94 4.78 2.09 -5.79
CA ILE A 94 3.58 1.63 -5.10
C ILE A 94 3.23 0.23 -5.58
N ASN A 95 2.65 -0.54 -4.68
CA ASN A 95 2.25 -1.90 -5.00
C ASN A 95 1.25 -2.40 -3.96
N MET A 96 0.60 -3.50 -4.28
CA MET A 96 -0.40 -4.08 -3.40
C MET A 96 0.27 -4.75 -2.20
N ALA A 97 -0.34 -4.56 -1.04
CA ALA A 97 0.19 -5.15 0.19
C ALA A 97 0.08 -6.67 0.10
N GLY A 98 -1.12 -7.13 -0.16
CA GLY A 98 -1.38 -8.56 -0.27
C GLY A 98 -1.16 -9.06 -1.71
N GLU A 99 0.10 -9.14 -2.09
CA GLU A 99 0.45 -9.59 -3.42
C GLU A 99 0.54 -11.12 -3.46
N PRO A 100 -0.28 -11.72 -4.37
CA PRO A 100 -0.30 -13.16 -4.51
C PRO A 100 0.94 -13.65 -5.26
N LYS A 101 0.84 -14.87 -5.76
CA LYS A 101 1.94 -15.47 -6.50
C LYS A 101 1.39 -16.52 -7.46
N PRO A 102 1.15 -16.07 -8.73
CA PRO A 102 0.63 -16.95 -9.75
C PRO A 102 1.72 -17.90 -10.26
N ASP A 103 2.09 -18.84 -9.41
CA ASP A 103 3.11 -19.81 -9.75
C ASP A 103 3.70 -20.40 -8.47
N ARG A 104 4.37 -21.53 -8.62
CA ARG A 104 5.00 -22.20 -7.49
C ARG A 104 6.50 -22.00 -7.52
N SER A 105 7.10 -22.41 -8.63
CA SER A 105 8.55 -22.27 -8.79
C SER A 105 9.26 -22.78 -7.55
N GLY A 106 9.43 -24.09 -7.48
CA GLY A 106 10.10 -24.70 -6.34
C GLY A 106 9.60 -26.14 -6.12
N PRO A 107 10.19 -26.80 -5.10
CA PRO A 107 9.81 -28.16 -4.77
C PRO A 107 8.45 -28.20 -4.06
N SER A 108 8.32 -27.33 -3.07
CA SER A 108 7.08 -27.26 -2.31
C SER A 108 6.79 -28.60 -1.65
N SER A 109 6.01 -28.55 -0.58
CA SER A 109 5.66 -29.75 0.15
C SER A 109 6.91 -30.47 0.62
N GLY A 110 7.39 -30.07 1.79
CA GLY A 110 8.59 -30.67 2.35
C GLY A 110 8.57 -32.19 2.20
N GLY A 1 -2.04 3.92 17.24
CA GLY A 1 -2.16 5.08 18.12
C GLY A 1 -2.33 6.37 17.33
N SER A 2 -3.55 6.90 17.38
CA SER A 2 -3.85 8.13 16.67
C SER A 2 -4.84 8.96 17.49
N SER A 3 -4.77 10.28 17.29
CA SER A 3 -5.65 11.19 18.00
C SER A 3 -5.63 12.56 17.31
N GLY A 4 -6.74 13.28 17.47
CA GLY A 4 -6.85 14.61 16.88
C GLY A 4 -6.11 15.65 17.71
N SER A 5 -5.01 16.14 17.16
CA SER A 5 -4.22 17.14 17.84
C SER A 5 -3.08 17.61 16.93
N SER A 6 -3.15 18.88 16.55
CA SER A 6 -2.14 19.46 15.68
C SER A 6 -0.86 19.73 16.49
N GLY A 7 0.26 19.53 15.82
CA GLY A 7 1.56 19.75 16.45
C GLY A 7 1.82 18.71 17.54
N MET A 8 2.57 17.68 17.16
CA MET A 8 2.90 16.61 18.09
C MET A 8 3.81 15.58 17.44
N SER A 9 4.62 14.94 18.27
CA SER A 9 5.54 13.92 17.78
C SER A 9 4.82 12.57 17.68
N LEU A 10 5.51 11.62 17.06
CA LEU A 10 4.95 10.29 16.89
C LEU A 10 6.06 9.25 17.03
N LYS A 11 7.11 9.46 16.26
CA LYS A 11 8.25 8.55 16.29
C LYS A 11 7.79 7.15 15.87
N LEU A 12 8.72 6.21 15.95
CA LEU A 12 8.43 4.83 15.59
C LEU A 12 9.46 3.91 16.23
N GLN A 13 8.97 2.99 17.04
CA GLN A 13 9.83 2.03 17.72
C GLN A 13 8.99 1.02 18.49
N ALA A 14 8.24 0.23 17.74
CA ALA A 14 7.39 -0.79 18.33
C ALA A 14 7.39 -2.03 17.43
N SER A 15 7.13 -3.17 18.06
CA SER A 15 7.10 -4.43 17.34
C SER A 15 6.61 -5.56 18.25
N ASN A 16 5.69 -6.35 17.73
CA ASN A 16 5.14 -7.45 18.50
C ASN A 16 4.81 -8.61 17.55
N VAL A 17 5.21 -9.80 17.95
CA VAL A 17 4.97 -10.99 17.15
C VAL A 17 4.02 -11.93 17.91
N THR A 18 2.74 -11.77 17.63
CA THR A 18 1.72 -12.59 18.27
C THR A 18 0.70 -13.08 17.25
N ASN A 19 -0.19 -13.95 17.71
CA ASN A 19 -1.22 -14.49 16.85
C ASN A 19 -2.40 -13.53 16.78
N LYS A 20 -2.39 -12.68 15.77
CA LYS A 20 -3.44 -11.70 15.58
C LYS A 20 -3.22 -10.94 14.28
N ASN A 21 -3.69 -11.54 13.20
CA ASN A 21 -3.54 -10.94 11.88
C ASN A 21 -4.92 -10.58 11.34
N ASP A 22 -5.12 -9.28 11.16
CA ASP A 22 -6.39 -8.78 10.65
C ASP A 22 -6.26 -8.49 9.15
N PRO A 23 -6.94 -9.34 8.33
CA PRO A 23 -6.91 -9.17 6.89
C PRO A 23 -7.76 -7.99 6.44
N LYS A 24 -8.40 -7.36 7.43
CA LYS A 24 -9.25 -6.22 7.15
C LYS A 24 -8.44 -5.15 6.40
N SER A 25 -7.14 -5.16 6.66
CA SER A 25 -6.27 -4.20 6.02
C SER A 25 -5.76 -4.77 4.69
N ILE A 26 -5.53 -6.07 4.68
CA ILE A 26 -5.05 -6.74 3.49
C ILE A 26 -6.12 -6.68 2.41
N ASN A 27 -7.37 -6.79 2.84
CA ASN A 27 -8.49 -6.74 1.92
C ASN A 27 -8.24 -5.66 0.86
N SER A 28 -7.88 -4.48 1.34
CA SER A 28 -7.61 -3.36 0.45
C SER A 28 -6.57 -2.42 1.09
N ARG A 29 -5.33 -2.59 0.66
CA ARG A 29 -4.25 -1.77 1.18
C ARG A 29 -3.21 -1.52 0.09
N VAL A 30 -2.47 -0.43 0.25
CA VAL A 30 -1.44 -0.06 -0.70
C VAL A 30 -0.18 0.36 0.05
N PHE A 31 0.97 0.00 -0.53
CA PHE A 31 2.24 0.33 0.08
C PHE A 31 3.04 1.28 -0.81
N ILE A 32 3.09 2.53 -0.37
CA ILE A 32 3.82 3.55 -1.12
C ILE A 32 5.27 3.60 -0.64
N GLY A 33 6.16 3.20 -1.53
CA GLY A 33 7.58 3.19 -1.21
C GLY A 33 8.31 4.32 -1.93
N ASN A 34 9.64 4.28 -1.85
CA ASN A 34 10.46 5.29 -2.50
C ASN A 34 9.83 6.66 -2.28
N LEU A 35 9.21 6.83 -1.12
CA LEU A 35 8.57 8.08 -0.78
C LEU A 35 9.51 8.93 0.06
N ASN A 36 9.80 10.13 -0.45
CA ASN A 36 10.70 11.03 0.25
C ASN A 36 10.16 11.28 1.66
N THR A 37 8.85 11.25 1.78
CA THR A 37 8.20 11.47 3.06
C THR A 37 8.83 12.66 3.78
N ALA A 38 9.42 13.54 2.99
CA ALA A 38 10.05 14.73 3.53
C ALA A 38 9.20 15.96 3.21
N LEU A 39 8.58 15.92 2.04
CA LEU A 39 7.74 17.02 1.60
C LEU A 39 6.28 16.55 1.57
N VAL A 40 6.09 15.31 1.14
CA VAL A 40 4.76 14.73 1.07
C VAL A 40 4.23 14.51 2.48
N LYS A 41 2.96 14.85 2.67
CA LYS A 41 2.33 14.69 3.96
C LYS A 41 1.28 13.57 3.87
N LYS A 42 0.60 13.35 4.99
CA LYS A 42 -0.41 12.32 5.04
C LYS A 42 -1.71 12.84 4.43
N SER A 43 -2.24 13.88 5.05
CA SER A 43 -3.47 14.49 4.57
C SER A 43 -3.35 14.81 3.07
N ASP A 44 -2.14 15.10 2.66
CA ASP A 44 -1.88 15.41 1.27
C ASP A 44 -2.04 14.15 0.41
N VAL A 45 -1.20 13.18 0.70
CA VAL A 45 -1.24 11.92 -0.03
C VAL A 45 -2.64 11.32 0.08
N GLU A 46 -3.29 11.59 1.21
CA GLU A 46 -4.63 11.09 1.45
C GLU A 46 -5.57 11.56 0.34
N THR A 47 -5.63 12.88 0.17
CA THR A 47 -6.48 13.47 -0.85
C THR A 47 -6.01 13.06 -2.24
N ILE A 48 -4.70 12.97 -2.39
CA ILE A 48 -4.10 12.59 -3.66
C ILE A 48 -4.60 11.20 -4.06
N PHE A 49 -4.72 10.34 -3.06
CA PHE A 49 -5.18 8.98 -3.28
C PHE A 49 -6.69 8.88 -3.08
N SER A 50 -7.24 9.88 -2.41
CA SER A 50 -8.67 9.91 -2.15
C SER A 50 -9.45 9.88 -3.47
N LYS A 51 -8.73 10.17 -4.54
CA LYS A 51 -9.34 10.19 -5.87
C LYS A 51 -9.73 8.76 -6.27
N TYR A 52 -8.97 7.81 -5.74
CA TYR A 52 -9.23 6.41 -6.03
C TYR A 52 -10.30 5.84 -5.09
N GLY A 53 -10.66 6.65 -4.11
CA GLY A 53 -11.66 6.25 -3.14
C GLY A 53 -11.21 6.55 -1.72
N ARG A 54 -12.16 6.98 -0.90
CA ARG A 54 -11.87 7.30 0.49
C ARG A 54 -11.03 6.20 1.12
N VAL A 55 -9.90 6.62 1.68
CA VAL A 55 -8.99 5.68 2.33
C VAL A 55 -9.48 5.41 3.76
N ALA A 56 -9.52 4.13 4.09
CA ALA A 56 -9.96 3.73 5.41
C ALA A 56 -8.94 4.19 6.45
N GLY A 57 -7.68 4.19 6.04
CA GLY A 57 -6.61 4.62 6.92
C GLY A 57 -5.30 4.75 6.14
N CYS A 58 -4.72 5.95 6.22
CA CYS A 58 -3.47 6.23 5.53
C CYS A 58 -2.41 6.58 6.59
N SER A 59 -1.20 6.14 6.32
CA SER A 59 -0.09 6.41 7.23
C SER A 59 1.17 6.73 6.44
N VAL A 60 1.80 7.84 6.81
CA VAL A 60 3.01 8.27 6.15
C VAL A 60 4.20 8.11 7.10
N HIS A 61 5.13 7.26 6.70
CA HIS A 61 6.31 7.00 7.50
C HIS A 61 7.56 7.40 6.73
N LYS A 62 8.43 8.13 7.41
CA LYS A 62 9.67 8.60 6.79
C LYS A 62 10.34 7.43 6.07
N GLY A 63 10.08 7.37 4.77
CA GLY A 63 10.65 6.31 3.95
C GLY A 63 9.57 5.69 3.05
N TYR A 64 8.34 5.74 3.52
CA TYR A 64 7.22 5.19 2.77
C TYR A 64 5.89 5.75 3.27
N ALA A 65 4.81 5.16 2.78
CA ALA A 65 3.48 5.60 3.17
C ALA A 65 2.47 4.52 2.80
N PHE A 66 1.48 4.35 3.68
CA PHE A 66 0.44 3.36 3.46
C PHE A 66 -0.91 4.02 3.22
N VAL A 67 -1.75 3.33 2.45
CA VAL A 67 -3.07 3.84 2.13
C VAL A 67 -4.07 2.69 2.14
N GLN A 68 -4.96 2.73 3.13
CA GLN A 68 -5.97 1.70 3.27
C GLN A 68 -7.28 2.14 2.61
N TYR A 69 -7.96 1.18 2.01
CA TYR A 69 -9.22 1.45 1.34
C TYR A 69 -10.32 0.51 1.82
N SER A 70 -11.53 0.77 1.36
CA SER A 70 -12.67 -0.05 1.74
C SER A 70 -12.99 -1.05 0.63
N ASN A 71 -12.71 -0.64 -0.59
CA ASN A 71 -12.94 -1.49 -1.74
C ASN A 71 -11.61 -1.99 -2.29
N GLU A 72 -11.59 -3.28 -2.62
CA GLU A 72 -10.40 -3.90 -3.15
C GLU A 72 -9.98 -3.22 -4.46
N ARG A 73 -10.98 -2.67 -5.14
CA ARG A 73 -10.73 -2.00 -6.40
C ARG A 73 -10.08 -0.63 -6.16
N HIS A 74 -10.53 0.02 -5.10
CA HIS A 74 -10.00 1.33 -4.75
C HIS A 74 -8.48 1.23 -4.59
N ALA A 75 -8.00 0.01 -4.40
CA ALA A 75 -6.59 -0.23 -4.23
C ALA A 75 -5.90 -0.20 -5.60
N ARG A 76 -6.12 -1.27 -6.35
CA ARG A 76 -5.54 -1.38 -7.68
C ARG A 76 -5.50 -0.01 -8.37
N ALA A 77 -6.67 0.61 -8.42
CA ALA A 77 -6.78 1.91 -9.04
C ALA A 77 -5.65 2.82 -8.54
N ALA A 78 -5.56 2.92 -7.23
CA ALA A 78 -4.54 3.74 -6.61
C ALA A 78 -3.16 3.11 -6.87
N VAL A 79 -3.13 1.79 -6.79
CA VAL A 79 -1.89 1.07 -7.02
C VAL A 79 -1.27 1.52 -8.33
N LEU A 80 -1.95 1.18 -9.43
CA LEU A 80 -1.46 1.54 -10.75
C LEU A 80 -1.59 3.06 -10.93
N GLY A 81 -2.74 3.57 -10.53
CA GLY A 81 -3.00 5.00 -10.64
C GLY A 81 -1.80 5.81 -10.15
N GLU A 82 -1.22 5.36 -9.05
CA GLU A 82 -0.07 6.03 -8.46
C GLU A 82 1.23 5.37 -8.94
N ASN A 83 1.32 4.08 -8.68
CA ASN A 83 2.50 3.32 -9.08
C ASN A 83 2.98 3.82 -10.44
N GLY A 84 4.21 4.29 -10.47
CA GLY A 84 4.80 4.80 -11.69
C GLY A 84 5.04 6.31 -11.62
N ARG A 85 4.28 6.95 -10.73
CA ARG A 85 4.41 8.38 -10.55
C ARG A 85 5.75 8.72 -9.92
N VAL A 86 6.17 9.96 -10.14
CA VAL A 86 7.45 10.43 -9.60
C VAL A 86 7.19 11.63 -8.69
N LEU A 87 7.99 11.70 -7.62
CA LEU A 87 7.87 12.78 -6.66
C LEU A 87 9.24 13.07 -6.05
N ALA A 88 9.73 14.27 -6.33
CA ALA A 88 11.03 14.70 -5.81
C ALA A 88 12.12 14.24 -6.78
N GLY A 89 11.72 13.40 -7.73
CA GLY A 89 12.65 12.89 -8.72
C GLY A 89 12.65 11.36 -8.73
N GLN A 90 12.10 10.79 -7.68
CA GLN A 90 12.03 9.34 -7.54
C GLN A 90 10.65 8.84 -7.97
N THR A 91 10.64 7.68 -8.60
CA THR A 91 9.40 7.08 -9.06
C THR A 91 8.71 6.34 -7.91
N LEU A 92 7.66 6.96 -7.39
CA LEU A 92 6.92 6.37 -6.30
C LEU A 92 6.64 4.90 -6.60
N ASP A 93 7.31 4.04 -5.85
CA ASP A 93 7.15 2.61 -6.03
C ASP A 93 6.03 2.11 -5.12
N ILE A 94 4.86 1.92 -5.72
CA ILE A 94 3.70 1.45 -4.98
C ILE A 94 3.34 0.04 -5.46
N ASN A 95 2.71 -0.71 -4.56
CA ASN A 95 2.31 -2.07 -4.88
C ASN A 95 1.23 -2.52 -3.88
N MET A 96 0.62 -3.65 -4.20
CA MET A 96 -0.42 -4.20 -3.34
C MET A 96 0.17 -4.76 -2.06
N ALA A 97 -0.60 -4.64 -0.98
CA ALA A 97 -0.17 -5.14 0.32
C ALA A 97 0.00 -6.66 0.25
N GLY A 98 -1.07 -7.31 -0.19
CA GLY A 98 -1.05 -8.77 -0.31
C GLY A 98 -0.69 -9.19 -1.73
N GLU A 99 0.59 -9.02 -2.06
CA GLU A 99 1.08 -9.39 -3.37
C GLU A 99 1.28 -10.90 -3.46
N PRO A 100 0.52 -11.54 -4.39
CA PRO A 100 0.62 -12.98 -4.58
C PRO A 100 1.90 -13.35 -5.33
N LYS A 101 1.90 -14.56 -5.87
CA LYS A 101 3.06 -15.04 -6.61
C LYS A 101 3.40 -14.05 -7.72
N PRO A 102 4.70 -14.05 -8.12
CA PRO A 102 5.17 -13.16 -9.17
C PRO A 102 4.70 -13.64 -10.55
N ASP A 103 3.48 -13.25 -10.90
CA ASP A 103 2.92 -13.63 -12.18
C ASP A 103 2.94 -12.42 -13.12
N ARG A 104 3.25 -12.71 -14.38
CA ARG A 104 3.31 -11.67 -15.39
C ARG A 104 2.00 -11.63 -16.19
N SER A 105 1.19 -10.62 -15.89
CA SER A 105 -0.08 -10.46 -16.57
C SER A 105 -0.50 -8.99 -16.54
N GLY A 106 -1.15 -8.57 -17.62
CA GLY A 106 -1.60 -7.19 -17.73
C GLY A 106 -1.09 -6.54 -19.02
N PRO A 107 -2.06 -6.07 -19.86
CA PRO A 107 -1.72 -5.43 -21.11
C PRO A 107 -1.18 -4.02 -20.88
N SER A 108 -0.09 -3.94 -20.13
CA SER A 108 0.52 -2.66 -19.81
C SER A 108 1.84 -2.52 -20.59
N SER A 109 1.94 -1.41 -21.32
CA SER A 109 3.13 -1.15 -22.09
C SER A 109 3.17 0.33 -22.51
N GLY A 110 2.13 0.73 -23.21
CA GLY A 110 2.02 2.10 -23.67
C GLY A 110 0.99 2.24 -24.80
N GLY A 1 -21.61 9.28 28.37
CA GLY A 1 -20.58 9.53 27.38
C GLY A 1 -19.22 9.76 28.04
N SER A 2 -18.20 9.88 27.21
CA SER A 2 -16.85 10.10 27.70
C SER A 2 -16.27 11.38 27.08
N SER A 3 -15.13 11.78 27.62
CA SER A 3 -14.46 12.98 27.12
C SER A 3 -12.98 12.69 26.87
N GLY A 4 -12.49 13.22 25.76
CA GLY A 4 -11.10 13.02 25.39
C GLY A 4 -10.27 14.28 25.67
N SER A 5 -9.99 14.49 26.95
CA SER A 5 -9.22 15.65 27.35
C SER A 5 -8.73 15.46 28.80
N SER A 6 -7.67 14.70 28.93
CA SER A 6 -7.09 14.44 30.24
C SER A 6 -5.59 14.74 30.22
N GLY A 7 -5.19 15.64 31.11
CA GLY A 7 -3.79 16.02 31.21
C GLY A 7 -3.04 15.10 32.17
N MET A 8 -2.06 15.67 32.85
CA MET A 8 -1.26 14.92 33.79
C MET A 8 -0.52 13.77 33.10
N SER A 9 0.79 13.90 33.04
CA SER A 9 1.62 12.88 32.42
C SER A 9 1.10 11.48 32.77
N LEU A 10 0.82 10.71 31.73
CA LEU A 10 0.31 9.36 31.92
C LEU A 10 0.64 8.52 30.69
N LYS A 11 1.01 7.28 30.93
CA LYS A 11 1.35 6.37 29.85
C LYS A 11 0.22 6.37 28.81
N LEU A 12 0.63 6.27 27.56
CA LEU A 12 -0.33 6.26 26.46
C LEU A 12 -0.15 4.99 25.64
N GLN A 13 -1.13 4.73 24.78
CA GLN A 13 -1.09 3.54 23.94
C GLN A 13 0.12 3.60 23.00
N ALA A 14 0.22 4.73 22.29
CA ALA A 14 1.31 4.92 21.36
C ALA A 14 1.19 3.91 20.21
N SER A 15 1.61 2.69 20.48
CA SER A 15 1.54 1.64 19.48
C SER A 15 1.44 0.27 20.17
N ASN A 16 0.83 -0.66 19.46
CA ASN A 16 0.67 -2.01 19.99
C ASN A 16 0.35 -2.97 18.84
N VAL A 17 0.67 -4.23 19.06
CA VAL A 17 0.41 -5.25 18.06
C VAL A 17 -0.67 -6.20 18.55
N THR A 18 -1.70 -6.36 17.74
CA THR A 18 -2.80 -7.24 18.08
C THR A 18 -2.56 -8.65 17.55
N ASN A 19 -2.76 -9.62 18.43
CA ASN A 19 -2.55 -11.01 18.07
C ASN A 19 -3.42 -11.35 16.85
N LYS A 20 -3.05 -12.42 16.16
CA LYS A 20 -3.79 -12.85 14.99
C LYS A 20 -3.81 -11.72 13.97
N ASN A 21 -3.02 -11.91 12.92
CA ASN A 21 -2.94 -10.92 11.85
C ASN A 21 -4.34 -10.58 11.37
N ASP A 22 -4.45 -9.42 10.73
CA ASP A 22 -5.73 -8.97 10.22
C ASP A 22 -5.65 -8.85 8.69
N PRO A 23 -6.26 -9.85 8.01
CA PRO A 23 -6.26 -9.87 6.56
C PRO A 23 -7.25 -8.85 5.99
N LYS A 24 -8.16 -8.42 6.86
CA LYS A 24 -9.16 -7.44 6.46
C LYS A 24 -8.46 -6.22 5.86
N SER A 25 -7.25 -5.98 6.31
CA SER A 25 -6.46 -4.86 5.82
C SER A 25 -5.69 -5.27 4.58
N ILE A 26 -5.29 -6.53 4.55
CA ILE A 26 -4.54 -7.06 3.42
C ILE A 26 -5.44 -7.10 2.19
N ASN A 27 -6.73 -7.28 2.44
CA ASN A 27 -7.70 -7.34 1.36
C ASN A 27 -7.45 -6.20 0.38
N SER A 28 -7.50 -4.99 0.91
CA SER A 28 -7.28 -3.80 0.10
C SER A 28 -6.32 -2.85 0.80
N ARG A 29 -5.05 -2.92 0.39
CA ARG A 29 -4.03 -2.07 0.98
C ARG A 29 -3.02 -1.65 -0.08
N VAL A 30 -2.36 -0.53 0.18
CA VAL A 30 -1.36 -0.02 -0.74
C VAL A 30 -0.11 0.38 0.03
N PHE A 31 1.04 0.13 -0.58
CA PHE A 31 2.30 0.45 0.04
C PHE A 31 3.07 1.49 -0.78
N ILE A 32 2.99 2.74 -0.32
CA ILE A 32 3.67 3.83 -1.00
C ILE A 32 5.13 3.88 -0.54
N GLY A 33 6.01 3.38 -1.40
CA GLY A 33 7.43 3.36 -1.09
C GLY A 33 8.16 4.46 -1.88
N ASN A 34 9.48 4.43 -1.76
CA ASN A 34 10.31 5.41 -2.44
C ASN A 34 9.65 6.79 -2.34
N LEU A 35 8.94 6.99 -1.25
CA LEU A 35 8.26 8.25 -1.01
C LEU A 35 9.16 9.17 -0.19
N ASN A 36 9.63 10.23 -0.83
CA ASN A 36 10.50 11.18 -0.17
C ASN A 36 9.96 11.47 1.23
N THR A 37 8.64 11.42 1.35
CA THR A 37 7.99 11.67 2.62
C THR A 37 8.58 12.93 3.29
N ALA A 38 9.16 13.78 2.46
CA ALA A 38 9.77 15.00 2.94
C ALA A 38 8.89 16.19 2.55
N LEU A 39 8.31 16.08 1.36
CA LEU A 39 7.45 17.13 0.85
C LEU A 39 6.00 16.66 0.89
N VAL A 40 5.82 15.39 0.54
CA VAL A 40 4.49 14.81 0.53
C VAL A 40 3.99 14.65 1.97
N LYS A 41 2.87 15.30 2.25
CA LYS A 41 2.28 15.24 3.58
C LYS A 41 1.21 14.16 3.61
N LYS A 42 0.58 14.02 4.77
CA LYS A 42 -0.46 13.03 4.95
C LYS A 42 -1.76 13.55 4.32
N SER A 43 -2.12 14.76 4.70
CA SER A 43 -3.32 15.39 4.19
C SER A 43 -3.28 15.46 2.68
N ASP A 44 -2.06 15.56 2.16
CA ASP A 44 -1.87 15.64 0.72
C ASP A 44 -1.97 14.24 0.12
N VAL A 45 -0.96 13.43 0.42
CA VAL A 45 -0.92 12.06 -0.08
C VAL A 45 -2.32 11.44 0.02
N GLU A 46 -3.07 11.93 1.00
CA GLU A 46 -4.43 11.44 1.22
C GLU A 46 -5.33 11.86 0.07
N THR A 47 -5.39 13.16 -0.15
CA THR A 47 -6.22 13.70 -1.22
C THR A 47 -5.69 13.27 -2.58
N ILE A 48 -4.47 12.73 -2.56
CA ILE A 48 -3.84 12.27 -3.78
C ILE A 48 -4.45 10.92 -4.19
N PHE A 49 -4.50 10.02 -3.23
CA PHE A 49 -5.04 8.69 -3.46
C PHE A 49 -6.55 8.66 -3.20
N SER A 50 -6.96 9.50 -2.26
CA SER A 50 -8.37 9.58 -1.90
C SER A 50 -9.23 9.68 -3.16
N LYS A 51 -8.61 10.18 -4.22
CA LYS A 51 -9.30 10.33 -5.49
C LYS A 51 -9.81 8.96 -5.96
N TYR A 52 -9.07 7.93 -5.57
CA TYR A 52 -9.43 6.58 -5.94
C TYR A 52 -10.51 6.02 -5.01
N GLY A 53 -10.82 6.80 -3.97
CA GLY A 53 -11.84 6.40 -3.02
C GLY A 53 -11.32 6.53 -1.58
N ARG A 54 -12.18 7.08 -0.73
CA ARG A 54 -11.82 7.26 0.67
C ARG A 54 -11.06 6.04 1.19
N VAL A 55 -9.87 6.31 1.72
CA VAL A 55 -9.04 5.24 2.26
C VAL A 55 -9.52 4.89 3.66
N ALA A 56 -9.63 3.59 3.91
CA ALA A 56 -10.07 3.11 5.20
C ALA A 56 -9.01 3.45 6.26
N GLY A 57 -7.76 3.36 5.85
CA GLY A 57 -6.66 3.67 6.75
C GLY A 57 -5.51 4.35 5.99
N CYS A 58 -4.90 5.33 6.65
CA CYS A 58 -3.80 6.06 6.06
C CYS A 58 -2.67 6.13 7.08
N SER A 59 -1.46 5.88 6.59
CA SER A 59 -0.28 5.90 7.45
C SER A 59 0.92 6.41 6.66
N VAL A 60 1.49 7.51 7.14
CA VAL A 60 2.64 8.10 6.49
C VAL A 60 3.90 7.78 7.30
N HIS A 61 4.88 7.21 6.61
CA HIS A 61 6.14 6.84 7.25
C HIS A 61 7.29 7.62 6.61
N LYS A 62 8.40 7.66 7.33
CA LYS A 62 9.57 8.37 6.84
C LYS A 62 10.26 7.53 5.77
N GLY A 63 9.92 7.82 4.52
CA GLY A 63 10.49 7.10 3.40
C GLY A 63 9.40 6.37 2.61
N TYR A 64 8.28 6.15 3.26
CA TYR A 64 7.16 5.46 2.64
C TYR A 64 5.84 5.83 3.32
N ALA A 65 4.76 5.31 2.75
CA ALA A 65 3.44 5.57 3.30
C ALA A 65 2.51 4.41 2.95
N PHE A 66 1.60 4.12 3.87
CA PHE A 66 0.65 3.04 3.67
C PHE A 66 -0.78 3.58 3.54
N VAL A 67 -1.55 2.94 2.68
CA VAL A 67 -2.93 3.34 2.46
C VAL A 67 -3.83 2.09 2.46
N GLN A 68 -4.98 2.24 3.08
CA GLN A 68 -5.93 1.15 3.15
C GLN A 68 -7.26 1.55 2.52
N TYR A 69 -7.90 0.59 1.88
CA TYR A 69 -9.18 0.84 1.23
C TYR A 69 -10.22 -0.20 1.67
N SER A 70 -11.47 0.07 1.29
CA SER A 70 -12.56 -0.82 1.63
C SER A 70 -12.73 -1.89 0.54
N ASN A 71 -12.56 -1.45 -0.70
CA ASN A 71 -12.69 -2.35 -1.83
C ASN A 71 -11.30 -2.65 -2.39
N GLU A 72 -11.18 -3.82 -3.00
CA GLU A 72 -9.92 -4.24 -3.58
C GLU A 72 -9.67 -3.47 -4.88
N ARG A 73 -10.71 -2.79 -5.36
CA ARG A 73 -10.61 -2.03 -6.58
C ARG A 73 -10.12 -0.60 -6.27
N HIS A 74 -10.68 -0.03 -5.22
CA HIS A 74 -10.31 1.31 -4.82
C HIS A 74 -8.79 1.39 -4.60
N ALA A 75 -8.21 0.23 -4.32
CA ALA A 75 -6.77 0.16 -4.10
C ALA A 75 -6.07 0.02 -5.45
N ARG A 76 -6.35 -1.10 -6.12
CA ARG A 76 -5.74 -1.37 -7.41
C ARG A 76 -5.66 -0.08 -8.24
N ALA A 77 -6.75 0.67 -8.21
CA ALA A 77 -6.82 1.92 -8.95
C ALA A 77 -5.72 2.86 -8.46
N ALA A 78 -5.64 3.00 -7.15
CA ALA A 78 -4.63 3.86 -6.55
C ALA A 78 -3.25 3.24 -6.74
N VAL A 79 -3.24 1.91 -6.79
CA VAL A 79 -1.99 1.17 -6.96
C VAL A 79 -1.34 1.61 -8.27
N LEU A 80 -1.97 1.22 -9.37
CA LEU A 80 -1.45 1.56 -10.68
C LEU A 80 -1.60 3.07 -10.91
N GLY A 81 -2.77 3.58 -10.54
CA GLY A 81 -3.05 4.99 -10.71
C GLY A 81 -1.87 5.85 -10.22
N GLU A 82 -1.25 5.37 -9.15
CA GLU A 82 -0.12 6.08 -8.57
C GLU A 82 1.20 5.41 -9.01
N ASN A 83 1.30 4.13 -8.70
CA ASN A 83 2.48 3.36 -9.05
C ASN A 83 2.98 3.80 -10.43
N GLY A 84 4.16 4.40 -10.44
CA GLY A 84 4.76 4.86 -11.67
C GLY A 84 4.99 6.37 -11.63
N ARG A 85 4.20 7.04 -10.80
CA ARG A 85 4.32 8.48 -10.66
C ARG A 85 5.64 8.86 -10.00
N VAL A 86 6.10 10.06 -10.30
CA VAL A 86 7.35 10.54 -9.75
C VAL A 86 7.09 11.81 -8.94
N LEU A 87 7.85 11.95 -7.87
CA LEU A 87 7.71 13.11 -6.99
C LEU A 87 9.07 13.43 -6.36
N ALA A 88 9.57 14.62 -6.70
CA ALA A 88 10.86 15.06 -6.19
C ALA A 88 11.98 14.51 -7.07
N GLY A 89 11.57 13.81 -8.11
CA GLY A 89 12.53 13.23 -9.04
C GLY A 89 12.70 11.73 -8.79
N GLN A 90 11.75 11.17 -8.06
CA GLN A 90 11.77 9.75 -7.74
C GLN A 90 10.43 9.10 -8.06
N THR A 91 10.50 7.99 -8.77
CA THR A 91 9.29 7.27 -9.15
C THR A 91 8.70 6.55 -7.94
N LEU A 92 7.58 7.07 -7.46
CA LEU A 92 6.91 6.48 -6.31
C LEU A 92 6.66 5.00 -6.58
N ASP A 93 7.28 4.17 -5.75
CA ASP A 93 7.13 2.73 -5.88
C ASP A 93 5.96 2.26 -5.03
N ILE A 94 4.84 2.05 -5.69
CA ILE A 94 3.63 1.60 -5.01
C ILE A 94 3.27 0.19 -5.49
N ASN A 95 2.71 -0.59 -4.57
CA ASN A 95 2.32 -1.95 -4.88
C ASN A 95 1.33 -2.44 -3.84
N MET A 96 0.68 -3.57 -4.15
CA MET A 96 -0.29 -4.14 -3.25
C MET A 96 0.39 -4.85 -2.08
N ALA A 97 -0.18 -4.64 -0.89
CA ALA A 97 0.36 -5.24 0.31
C ALA A 97 0.48 -6.75 0.11
N GLY A 98 -0.61 -7.35 -0.34
CA GLY A 98 -0.65 -8.77 -0.57
C GLY A 98 -0.70 -9.09 -2.07
N GLU A 99 0.47 -9.09 -2.68
CA GLU A 99 0.57 -9.36 -4.11
C GLU A 99 0.63 -10.87 -4.35
N PRO A 100 -0.30 -11.35 -5.22
CA PRO A 100 -0.36 -12.77 -5.54
C PRO A 100 0.77 -13.16 -6.49
N LYS A 101 0.59 -14.31 -7.12
CA LYS A 101 1.59 -14.80 -8.06
C LYS A 101 1.15 -14.49 -9.49
N PRO A 102 2.00 -13.68 -10.18
CA PRO A 102 1.70 -13.30 -11.55
C PRO A 102 1.96 -14.45 -12.52
N ASP A 103 1.02 -14.66 -13.42
CA ASP A 103 1.14 -15.72 -14.40
C ASP A 103 1.58 -15.13 -15.75
N ARG A 104 2.81 -15.44 -16.12
CA ARG A 104 3.36 -14.95 -17.37
C ARG A 104 4.51 -15.83 -17.83
N SER A 105 4.22 -16.69 -18.79
CA SER A 105 5.22 -17.60 -19.32
C SER A 105 5.37 -17.39 -20.83
N GLY A 106 4.26 -17.59 -21.53
CA GLY A 106 4.25 -17.43 -22.98
C GLY A 106 3.82 -16.01 -23.37
N PRO A 107 4.00 -15.70 -24.68
CA PRO A 107 3.62 -14.39 -25.20
C PRO A 107 2.11 -14.26 -25.33
N SER A 108 1.67 -13.07 -25.72
CA SER A 108 0.26 -12.81 -25.89
C SER A 108 -0.23 -13.41 -27.21
N SER A 109 -1.53 -13.65 -27.27
CA SER A 109 -2.13 -14.22 -28.47
C SER A 109 -2.84 -13.13 -29.26
N GLY A 110 -3.11 -13.44 -30.52
CA GLY A 110 -3.78 -12.49 -31.40
C GLY A 110 -4.30 -13.19 -32.66
N GLY A 1 -15.16 8.71 18.37
CA GLY A 1 -14.94 9.97 19.03
C GLY A 1 -14.95 11.13 18.03
N SER A 2 -15.59 12.21 18.43
CA SER A 2 -15.68 13.39 17.58
C SER A 2 -14.46 14.28 17.79
N SER A 3 -13.54 14.22 16.83
CA SER A 3 -12.33 15.01 16.91
C SER A 3 -12.16 15.83 15.63
N GLY A 4 -11.22 16.77 15.68
CA GLY A 4 -10.95 17.62 14.53
C GLY A 4 -9.76 18.52 14.79
N SER A 5 -9.93 19.80 14.46
CA SER A 5 -8.87 20.77 14.65
C SER A 5 -9.04 21.49 16.00
N SER A 6 -8.55 20.83 17.04
CA SER A 6 -8.64 21.38 18.38
C SER A 6 -7.61 20.71 19.30
N GLY A 7 -6.90 21.54 20.05
CA GLY A 7 -5.90 21.04 20.97
C GLY A 7 -4.53 21.66 20.68
N MET A 8 -3.56 21.28 21.49
CA MET A 8 -2.21 21.79 21.34
C MET A 8 -1.27 20.70 20.81
N SER A 9 -1.21 19.60 21.54
CA SER A 9 -0.36 18.49 21.16
C SER A 9 -1.13 17.17 21.28
N LEU A 10 -1.67 16.72 20.17
CA LEU A 10 -2.43 15.48 20.14
C LEU A 10 -1.71 14.47 19.25
N LYS A 11 -1.71 13.23 19.72
CA LYS A 11 -1.06 12.16 18.98
C LYS A 11 0.42 12.52 18.76
N LEU A 12 1.27 11.84 19.50
CA LEU A 12 2.71 12.08 19.39
C LEU A 12 3.38 10.85 18.78
N GLN A 13 4.62 11.04 18.34
CA GLN A 13 5.38 9.96 17.75
C GLN A 13 5.65 8.87 18.77
N ALA A 14 5.12 7.69 18.47
CA ALA A 14 5.30 6.55 19.36
C ALA A 14 5.26 5.25 18.53
N SER A 15 6.15 4.34 18.87
CA SER A 15 6.23 3.06 18.19
C SER A 15 5.00 2.22 18.51
N ASN A 16 4.41 1.66 17.46
CA ASN A 16 3.22 0.83 17.62
C ASN A 16 3.65 -0.62 17.81
N VAL A 17 2.65 -1.48 17.99
CA VAL A 17 2.91 -2.89 18.18
C VAL A 17 3.90 -3.39 17.13
N THR A 18 4.43 -4.57 17.36
CA THR A 18 5.38 -5.17 16.44
C THR A 18 4.68 -5.61 15.16
N ASN A 19 3.53 -6.24 15.33
CA ASN A 19 2.76 -6.72 14.20
C ASN A 19 1.54 -7.48 14.72
N LYS A 20 0.53 -7.57 13.84
CA LYS A 20 -0.69 -8.28 14.20
C LYS A 20 -1.25 -8.96 12.95
N ASN A 21 -1.91 -10.09 13.19
CA ASN A 21 -2.49 -10.86 12.10
C ASN A 21 -3.89 -10.31 11.78
N ASP A 22 -3.90 -9.29 10.93
CA ASP A 22 -5.15 -8.66 10.55
C ASP A 22 -5.18 -8.49 9.03
N PRO A 23 -5.96 -9.39 8.36
CA PRO A 23 -6.08 -9.34 6.92
C PRO A 23 -6.98 -8.18 6.48
N LYS A 24 -7.75 -7.67 7.44
CA LYS A 24 -8.66 -6.57 7.16
C LYS A 24 -7.89 -5.47 6.41
N SER A 25 -6.61 -5.37 6.71
CA SER A 25 -5.77 -4.38 6.06
C SER A 25 -5.26 -4.91 4.72
N ILE A 26 -4.95 -6.19 4.70
CA ILE A 26 -4.45 -6.84 3.50
C ILE A 26 -5.54 -6.79 2.43
N ASN A 27 -6.77 -6.97 2.86
CA ASN A 27 -7.90 -6.96 1.95
C ASN A 27 -7.71 -5.85 0.92
N SER A 28 -7.64 -4.62 1.44
CA SER A 28 -7.46 -3.46 0.58
C SER A 28 -6.44 -2.50 1.21
N ARG A 29 -5.21 -2.59 0.72
CA ARG A 29 -4.15 -1.74 1.23
C ARG A 29 -3.12 -1.46 0.12
N VAL A 30 -2.41 -0.36 0.28
CA VAL A 30 -1.40 0.03 -0.69
C VAL A 30 -0.13 0.46 0.05
N PHE A 31 1.01 0.11 -0.54
CA PHE A 31 2.28 0.46 0.05
C PHE A 31 3.04 1.47 -0.82
N ILE A 32 3.04 2.71 -0.36
CA ILE A 32 3.72 3.77 -1.09
C ILE A 32 5.19 3.85 -0.64
N GLY A 33 6.08 3.56 -1.58
CA GLY A 33 7.50 3.59 -1.29
C GLY A 33 8.17 4.79 -1.97
N ASN A 34 9.49 4.77 -1.94
CA ASN A 34 10.27 5.84 -2.55
C ASN A 34 9.59 7.18 -2.26
N LEU A 35 9.11 7.31 -1.02
CA LEU A 35 8.44 8.53 -0.60
C LEU A 35 9.36 9.33 0.33
N ASN A 36 9.71 10.53 -0.12
CA ASN A 36 10.59 11.39 0.65
C ASN A 36 10.01 11.56 2.06
N THR A 37 8.70 11.43 2.14
CA THR A 37 8.02 11.57 3.42
C THR A 37 8.58 12.75 4.20
N ALA A 38 9.14 13.70 3.45
CA ALA A 38 9.72 14.88 4.06
C ALA A 38 8.81 16.09 3.79
N LEU A 39 8.25 16.09 2.59
CA LEU A 39 7.36 17.17 2.19
C LEU A 39 5.93 16.63 2.06
N VAL A 40 5.84 15.39 1.62
CA VAL A 40 4.54 14.75 1.45
C VAL A 40 3.98 14.37 2.82
N LYS A 41 2.78 14.87 3.08
CA LYS A 41 2.12 14.59 4.35
C LYS A 41 1.11 13.46 4.16
N LYS A 42 0.42 13.14 5.24
CA LYS A 42 -0.57 12.08 5.21
C LYS A 42 -1.88 12.63 4.65
N SER A 43 -2.21 13.84 5.06
CA SER A 43 -3.43 14.49 4.62
C SER A 43 -3.33 14.81 3.13
N ASP A 44 -2.11 15.10 2.69
CA ASP A 44 -1.88 15.43 1.30
C ASP A 44 -1.98 14.16 0.45
N VAL A 45 -1.13 13.20 0.80
CA VAL A 45 -1.11 11.92 0.09
C VAL A 45 -2.52 11.32 0.10
N GLU A 46 -3.26 11.63 1.16
CA GLU A 46 -4.61 11.13 1.30
C GLU A 46 -5.48 11.60 0.14
N THR A 47 -5.55 12.92 -0.01
CA THR A 47 -6.35 13.51 -1.07
C THR A 47 -5.79 13.11 -2.44
N ILE A 48 -4.49 12.84 -2.46
CA ILE A 48 -3.83 12.44 -3.69
C ILE A 48 -4.40 11.10 -4.16
N PHE A 49 -4.50 10.18 -3.21
CA PHE A 49 -5.02 8.86 -3.51
C PHE A 49 -6.53 8.80 -3.30
N SER A 50 -7.05 9.85 -2.67
CA SER A 50 -8.47 9.94 -2.41
C SER A 50 -9.25 9.92 -3.72
N LYS A 51 -8.56 10.34 -4.78
CA LYS A 51 -9.18 10.37 -6.11
C LYS A 51 -9.66 8.97 -6.48
N TYR A 52 -9.03 7.98 -5.86
CA TYR A 52 -9.37 6.60 -6.12
C TYR A 52 -10.40 6.09 -5.11
N GLY A 53 -10.85 7.01 -4.26
CA GLY A 53 -11.84 6.66 -3.24
C GLY A 53 -11.30 6.96 -1.85
N ARG A 54 -12.23 7.08 -0.90
CA ARG A 54 -11.87 7.36 0.47
C ARG A 54 -11.01 6.23 1.04
N VAL A 55 -9.93 6.63 1.71
CA VAL A 55 -9.03 5.66 2.30
C VAL A 55 -9.46 5.37 3.73
N ALA A 56 -9.60 4.08 4.04
CA ALA A 56 -10.00 3.66 5.36
C ALA A 56 -8.98 4.15 6.38
N GLY A 57 -7.72 4.09 5.99
CA GLY A 57 -6.63 4.53 6.85
C GLY A 57 -5.32 4.64 6.07
N CYS A 58 -4.78 5.86 6.07
CA CYS A 58 -3.53 6.11 5.37
C CYS A 58 -2.47 6.49 6.40
N SER A 59 -1.29 5.90 6.25
CA SER A 59 -0.20 6.17 7.17
C SER A 59 1.02 6.68 6.38
N VAL A 60 1.80 7.52 7.04
CA VAL A 60 2.99 8.08 6.42
C VAL A 60 4.20 7.80 7.31
N HIS A 61 5.16 7.11 6.73
CA HIS A 61 6.38 6.76 7.45
C HIS A 61 7.59 7.40 6.76
N LYS A 62 8.54 7.82 7.57
CA LYS A 62 9.74 8.44 7.05
C LYS A 62 10.47 7.46 6.13
N GLY A 63 10.02 7.43 4.88
CA GLY A 63 10.61 6.53 3.90
C GLY A 63 9.53 5.92 3.00
N TYR A 64 8.32 5.89 3.52
CA TYR A 64 7.20 5.34 2.78
C TYR A 64 5.86 5.76 3.40
N ALA A 65 4.79 5.35 2.75
CA ALA A 65 3.45 5.68 3.22
C ALA A 65 2.48 4.57 2.83
N PHE A 66 1.48 4.37 3.68
CA PHE A 66 0.49 3.34 3.43
C PHE A 66 -0.89 3.96 3.20
N VAL A 67 -1.70 3.26 2.42
CA VAL A 67 -3.04 3.73 2.12
C VAL A 67 -4.02 2.55 2.16
N GLN A 68 -4.97 2.65 3.07
CA GLN A 68 -5.96 1.60 3.24
C GLN A 68 -7.29 2.02 2.61
N TYR A 69 -7.95 1.06 1.99
CA TYR A 69 -9.23 1.33 1.35
C TYR A 69 -10.31 0.36 1.85
N SER A 70 -11.53 0.61 1.43
CA SER A 70 -12.66 -0.23 1.82
C SER A 70 -12.83 -1.37 0.81
N ASN A 71 -12.61 -1.05 -0.45
CA ASN A 71 -12.74 -2.02 -1.51
C ASN A 71 -11.35 -2.42 -2.02
N GLU A 72 -11.24 -3.68 -2.42
CA GLU A 72 -9.97 -4.19 -2.92
C GLU A 72 -9.68 -3.60 -4.30
N ARG A 73 -10.69 -2.97 -4.88
CA ARG A 73 -10.55 -2.36 -6.19
C ARG A 73 -10.07 -0.92 -6.06
N HIS A 74 -10.60 -0.24 -5.04
CA HIS A 74 -10.24 1.14 -4.80
C HIS A 74 -8.74 1.26 -4.58
N ALA A 75 -8.13 0.11 -4.26
CA ALA A 75 -6.69 0.07 -4.02
C ALA A 75 -5.96 -0.05 -5.35
N ARG A 76 -6.19 -1.17 -6.02
CA ARG A 76 -5.56 -1.42 -7.30
C ARG A 76 -5.56 -0.14 -8.14
N ALA A 77 -6.67 0.57 -8.10
CA ALA A 77 -6.81 1.81 -8.85
C ALA A 77 -5.74 2.80 -8.40
N ALA A 78 -5.66 2.97 -7.08
CA ALA A 78 -4.68 3.87 -6.51
C ALA A 78 -3.28 3.28 -6.66
N VAL A 79 -3.24 1.96 -6.75
CA VAL A 79 -1.98 1.25 -6.90
C VAL A 79 -1.34 1.64 -8.23
N LEU A 80 -1.95 1.18 -9.31
CA LEU A 80 -1.45 1.47 -10.64
C LEU A 80 -1.66 2.95 -10.95
N GLY A 81 -2.81 3.45 -10.54
CA GLY A 81 -3.15 4.85 -10.76
C GLY A 81 -2.02 5.76 -10.26
N GLU A 82 -1.39 5.35 -9.18
CA GLU A 82 -0.30 6.12 -8.61
C GLU A 82 1.04 5.53 -9.04
N ASN A 83 1.21 4.25 -8.77
CA ASN A 83 2.44 3.56 -9.12
C ASN A 83 2.93 4.05 -10.49
N GLY A 84 4.05 4.75 -10.47
CA GLY A 84 4.62 5.29 -11.69
C GLY A 84 4.83 6.79 -11.59
N ARG A 85 4.01 7.42 -10.76
CA ARG A 85 4.09 8.86 -10.56
C ARG A 85 5.40 9.22 -9.85
N VAL A 86 5.87 10.42 -10.13
CA VAL A 86 7.10 10.90 -9.53
C VAL A 86 6.78 12.05 -8.57
N LEU A 87 7.54 12.10 -7.48
CA LEU A 87 7.35 13.14 -6.49
C LEU A 87 8.70 13.45 -5.82
N ALA A 88 9.14 14.70 -6.00
CA ALA A 88 10.40 15.13 -5.42
C ALA A 88 11.53 14.83 -6.41
N GLY A 89 11.21 14.00 -7.39
CA GLY A 89 12.20 13.62 -8.39
C GLY A 89 12.28 12.09 -8.52
N GLN A 90 11.74 11.42 -7.52
CA GLN A 90 11.75 9.96 -7.51
C GLN A 90 10.38 9.42 -7.94
N THR A 91 10.40 8.23 -8.51
CA THR A 91 9.18 7.59 -8.96
C THR A 91 8.51 6.84 -7.81
N LEU A 92 7.37 7.35 -7.39
CA LEU A 92 6.62 6.74 -6.31
C LEU A 92 6.42 5.25 -6.61
N ASP A 93 7.13 4.42 -5.84
CA ASP A 93 7.03 2.99 -6.01
C ASP A 93 5.92 2.44 -5.13
N ILE A 94 4.77 2.21 -5.73
CA ILE A 94 3.62 1.69 -5.01
C ILE A 94 3.35 0.25 -5.47
N ASN A 95 2.70 -0.50 -4.58
CA ASN A 95 2.37 -1.88 -4.88
C ASN A 95 1.29 -2.36 -3.92
N MET A 96 0.65 -3.46 -4.29
CA MET A 96 -0.39 -4.04 -3.47
C MET A 96 0.18 -4.66 -2.19
N ALA A 97 -0.56 -4.49 -1.11
CA ALA A 97 -0.14 -5.02 0.18
C ALA A 97 -0.07 -6.55 0.09
N GLY A 98 -1.18 -7.14 -0.32
CA GLY A 98 -1.25 -8.58 -0.45
C GLY A 98 -0.70 -9.04 -1.80
N GLU A 99 0.56 -8.67 -2.05
CA GLU A 99 1.22 -9.03 -3.28
C GLU A 99 2.42 -9.94 -3.00
N PRO A 100 2.48 -11.06 -3.77
CA PRO A 100 3.57 -12.02 -3.62
C PRO A 100 4.86 -11.48 -4.22
N LYS A 101 5.79 -12.40 -4.45
CA LYS A 101 7.08 -12.03 -5.02
C LYS A 101 6.87 -10.98 -6.11
N PRO A 102 7.40 -9.75 -5.84
CA PRO A 102 7.29 -8.66 -6.79
C PRO A 102 8.23 -8.85 -7.97
N ASP A 103 7.64 -8.94 -9.15
CA ASP A 103 8.41 -9.12 -10.36
C ASP A 103 7.64 -8.55 -11.55
N ARG A 104 8.24 -7.55 -12.19
CA ARG A 104 7.62 -6.91 -13.33
C ARG A 104 8.68 -6.47 -14.34
N SER A 105 8.28 -6.42 -15.59
CA SER A 105 9.19 -6.01 -16.65
C SER A 105 8.45 -5.15 -17.69
N GLY A 106 8.95 -3.94 -17.87
CA GLY A 106 8.34 -3.02 -18.82
C GLY A 106 9.29 -1.85 -19.12
N PRO A 107 8.87 -1.02 -20.10
CA PRO A 107 9.66 0.14 -20.49
C PRO A 107 9.57 1.25 -19.45
N SER A 108 10.73 1.70 -19.01
CA SER A 108 10.78 2.76 -18.00
C SER A 108 10.13 2.29 -16.70
N SER A 109 10.97 1.89 -15.76
CA SER A 109 10.48 1.42 -14.48
C SER A 109 11.62 1.42 -13.46
N GLY A 110 11.26 1.70 -12.21
CA GLY A 110 12.24 1.72 -11.14
C GLY A 110 12.42 3.15 -10.60
N GLY A 1 24.30 1.86 -11.71
CA GLY A 1 24.37 2.80 -12.81
C GLY A 1 23.01 2.93 -13.50
N SER A 2 22.65 4.18 -13.78
CA SER A 2 21.38 4.45 -14.44
C SER A 2 21.49 4.17 -15.94
N SER A 3 20.82 3.10 -16.36
CA SER A 3 20.85 2.71 -17.75
C SER A 3 19.45 2.27 -18.20
N GLY A 4 18.93 1.27 -17.50
CA GLY A 4 17.62 0.74 -17.80
C GLY A 4 17.34 -0.53 -17.02
N SER A 5 16.06 -0.75 -16.72
CA SER A 5 15.65 -1.93 -15.99
C SER A 5 14.22 -2.30 -16.35
N SER A 6 14.09 -3.17 -17.35
CA SER A 6 12.79 -3.61 -17.80
C SER A 6 12.05 -4.29 -16.65
N GLY A 7 10.73 -4.37 -16.81
CA GLY A 7 9.89 -4.99 -15.80
C GLY A 7 8.66 -5.64 -16.44
N MET A 8 8.29 -6.79 -15.89
CA MET A 8 7.14 -7.51 -16.39
C MET A 8 6.29 -8.05 -15.24
N SER A 9 5.00 -8.19 -15.51
CA SER A 9 4.07 -8.71 -14.51
C SER A 9 2.72 -8.99 -15.16
N LEU A 10 2.40 -10.28 -15.26
CA LEU A 10 1.15 -10.69 -15.85
C LEU A 10 0.75 -12.06 -15.28
N LYS A 11 0.17 -12.03 -14.10
CA LYS A 11 -0.27 -13.25 -13.44
C LYS A 11 -1.06 -12.90 -12.18
N LEU A 12 -1.76 -13.90 -11.66
CA LEU A 12 -2.56 -13.71 -10.47
C LEU A 12 -3.11 -15.06 -10.01
N GLN A 13 -3.19 -15.22 -8.69
CA GLN A 13 -3.68 -16.45 -8.11
C GLN A 13 -4.05 -16.24 -6.64
N ALA A 14 -5.28 -16.63 -6.31
CA ALA A 14 -5.77 -16.48 -4.95
C ALA A 14 -5.95 -17.86 -4.33
N SER A 15 -4.83 -18.48 -3.99
CA SER A 15 -4.84 -19.80 -3.39
C SER A 15 -4.37 -19.73 -1.94
N ASN A 16 -3.15 -19.23 -1.77
CA ASN A 16 -2.58 -19.10 -0.44
C ASN A 16 -3.37 -18.05 0.34
N VAL A 17 -3.75 -18.42 1.55
CA VAL A 17 -4.50 -17.52 2.41
C VAL A 17 -3.74 -17.32 3.73
N THR A 18 -4.29 -16.47 4.57
CA THR A 18 -3.68 -16.18 5.86
C THR A 18 -4.73 -16.20 6.96
N ASN A 19 -4.27 -16.48 8.17
CA ASN A 19 -5.16 -16.53 9.32
C ASN A 19 -4.70 -15.50 10.36
N LYS A 20 -3.41 -15.55 10.67
CA LYS A 20 -2.84 -14.62 11.64
C LYS A 20 -2.98 -13.20 11.12
N ASN A 21 -2.67 -12.25 12.00
CA ASN A 21 -2.74 -10.85 11.63
C ASN A 21 -4.17 -10.52 11.16
N ASP A 22 -4.38 -9.24 10.91
CA ASP A 22 -5.69 -8.79 10.45
C ASP A 22 -5.64 -8.51 8.94
N PRO A 23 -6.28 -9.43 8.18
CA PRO A 23 -6.31 -9.29 6.72
C PRO A 23 -7.29 -8.19 6.29
N LYS A 24 -7.90 -7.58 7.29
CA LYS A 24 -8.85 -6.51 7.04
C LYS A 24 -8.16 -5.38 6.27
N SER A 25 -6.84 -5.36 6.38
CA SER A 25 -6.05 -4.34 5.72
C SER A 25 -5.42 -4.92 4.46
N ILE A 26 -5.02 -6.18 4.55
CA ILE A 26 -4.39 -6.86 3.44
C ILE A 26 -5.36 -6.87 2.25
N ASN A 27 -6.62 -7.10 2.56
CA ASN A 27 -7.65 -7.14 1.53
C ASN A 27 -7.40 -6.02 0.51
N SER A 28 -7.50 -4.79 1.01
CA SER A 28 -7.29 -3.63 0.15
C SER A 28 -6.31 -2.66 0.83
N ARG A 29 -5.06 -2.74 0.41
CA ARG A 29 -4.03 -1.88 0.97
C ARG A 29 -3.00 -1.53 -0.10
N VAL A 30 -2.31 -0.41 0.12
CA VAL A 30 -1.29 0.04 -0.82
C VAL A 30 -0.05 0.47 -0.03
N PHE A 31 1.10 0.13 -0.59
CA PHE A 31 2.37 0.47 0.05
C PHE A 31 3.13 1.49 -0.79
N ILE A 32 3.03 2.75 -0.38
CA ILE A 32 3.70 3.83 -1.07
C ILE A 32 5.16 3.89 -0.61
N GLY A 33 6.04 3.40 -1.47
CA GLY A 33 7.46 3.40 -1.17
C GLY A 33 8.19 4.50 -1.93
N ASN A 34 9.51 4.45 -1.86
CA ASN A 34 10.33 5.44 -2.54
C ASN A 34 9.73 6.83 -2.33
N LEU A 35 9.16 7.02 -1.14
CA LEU A 35 8.55 8.29 -0.80
C LEU A 35 9.50 9.08 0.10
N ASN A 36 9.81 10.29 -0.34
CA ASN A 36 10.71 11.15 0.41
C ASN A 36 10.11 11.41 1.80
N THR A 37 8.79 11.41 1.85
CA THR A 37 8.08 11.64 3.10
C THR A 37 8.70 12.83 3.85
N ALA A 38 9.36 13.69 3.08
CA ALA A 38 9.99 14.86 3.66
C ALA A 38 9.20 16.11 3.27
N LEU A 39 8.65 16.06 2.06
CA LEU A 39 7.86 17.18 1.56
C LEU A 39 6.40 16.76 1.45
N VAL A 40 6.21 15.48 1.16
CA VAL A 40 4.87 14.95 1.04
C VAL A 40 4.28 14.70 2.43
N LYS A 41 3.03 15.13 2.60
CA LYS A 41 2.35 14.96 3.86
C LYS A 41 1.28 13.88 3.73
N LYS A 42 0.56 13.66 4.82
CA LYS A 42 -0.50 12.66 4.83
C LYS A 42 -1.76 13.25 4.19
N SER A 43 -2.30 14.26 4.84
CA SER A 43 -3.50 14.92 4.35
C SER A 43 -3.35 15.21 2.86
N ASP A 44 -2.11 15.35 2.43
CA ASP A 44 -1.82 15.64 1.03
C ASP A 44 -1.97 14.34 0.21
N VAL A 45 -1.02 13.45 0.42
CA VAL A 45 -1.03 12.18 -0.29
C VAL A 45 -2.45 11.60 -0.27
N GLU A 46 -3.07 11.65 0.90
CA GLU A 46 -4.42 11.15 1.06
C GLU A 46 -5.35 11.80 0.03
N THR A 47 -5.18 13.11 -0.13
CA THR A 47 -6.00 13.85 -1.07
C THR A 47 -5.62 13.51 -2.51
N ILE A 48 -4.47 12.86 -2.63
CA ILE A 48 -3.98 12.46 -3.95
C ILE A 48 -4.58 11.11 -4.32
N PHE A 49 -4.59 10.21 -3.35
CA PHE A 49 -5.13 8.87 -3.56
C PHE A 49 -6.64 8.85 -3.32
N SER A 50 -7.08 9.74 -2.43
CA SER A 50 -8.49 9.83 -2.10
C SER A 50 -9.33 9.79 -3.38
N LYS A 51 -8.72 10.22 -4.47
CA LYS A 51 -9.39 10.24 -5.76
C LYS A 51 -9.89 8.84 -6.09
N TYR A 52 -9.01 7.86 -5.85
CA TYR A 52 -9.35 6.47 -6.11
C TYR A 52 -10.48 5.99 -5.20
N GLY A 53 -10.65 6.71 -4.10
CA GLY A 53 -11.69 6.37 -3.15
C GLY A 53 -11.20 6.57 -1.71
N ARG A 54 -12.10 7.02 -0.87
CA ARG A 54 -11.77 7.25 0.53
C ARG A 54 -10.93 6.10 1.08
N VAL A 55 -9.88 6.46 1.79
CA VAL A 55 -8.98 5.47 2.37
C VAL A 55 -9.47 5.10 3.77
N ALA A 56 -9.61 3.80 3.99
CA ALA A 56 -10.07 3.31 5.29
C ALA A 56 -9.02 3.62 6.35
N GLY A 57 -7.77 3.55 5.94
CA GLY A 57 -6.67 3.83 6.85
C GLY A 57 -5.49 4.48 6.11
N CYS A 58 -4.81 5.37 6.81
CA CYS A 58 -3.67 6.06 6.24
C CYS A 58 -2.53 6.05 7.25
N SER A 59 -1.34 5.77 6.74
CA SER A 59 -0.16 5.72 7.59
C SER A 59 1.07 6.20 6.82
N VAL A 60 1.54 7.39 7.19
CA VAL A 60 2.69 7.96 6.54
C VAL A 60 3.94 7.68 7.38
N HIS A 61 4.93 7.07 6.73
CA HIS A 61 6.17 6.74 7.41
C HIS A 61 7.33 7.47 6.73
N LYS A 62 8.44 7.55 7.46
CA LYS A 62 9.62 8.22 6.94
C LYS A 62 10.32 7.31 5.93
N GLY A 63 9.96 7.51 4.67
CA GLY A 63 10.55 6.71 3.61
C GLY A 63 9.46 6.01 2.77
N TYR A 64 8.26 6.00 3.34
CA TYR A 64 7.14 5.38 2.66
C TYR A 64 5.81 5.79 3.31
N ALA A 65 4.73 5.35 2.69
CA ALA A 65 3.40 5.66 3.20
C ALA A 65 2.44 4.52 2.85
N PHE A 66 1.51 4.28 3.75
CA PHE A 66 0.53 3.22 3.56
C PHE A 66 -0.88 3.80 3.40
N VAL A 67 -1.65 3.17 2.53
CA VAL A 67 -3.01 3.62 2.28
C VAL A 67 -3.94 2.40 2.26
N GLN A 68 -4.95 2.46 3.12
CA GLN A 68 -5.92 1.39 3.22
C GLN A 68 -7.26 1.80 2.60
N TYR A 69 -7.91 0.83 1.97
CA TYR A 69 -9.19 1.09 1.34
C TYR A 69 -10.24 0.08 1.80
N SER A 70 -11.49 0.37 1.45
CA SER A 70 -12.59 -0.51 1.82
C SER A 70 -12.69 -1.66 0.83
N ASN A 71 -12.56 -1.32 -0.45
CA ASN A 71 -12.64 -2.31 -1.51
C ASN A 71 -11.24 -2.57 -2.06
N GLU A 72 -11.06 -3.76 -2.61
CA GLU A 72 -9.78 -4.14 -3.18
C GLU A 72 -9.57 -3.44 -4.52
N ARG A 73 -10.66 -2.88 -5.04
CA ARG A 73 -10.61 -2.18 -6.30
C ARG A 73 -10.14 -0.74 -6.11
N HIS A 74 -10.66 -0.12 -5.05
CA HIS A 74 -10.30 1.25 -4.75
C HIS A 74 -8.80 1.34 -4.49
N ALA A 75 -8.19 0.18 -4.27
CA ALA A 75 -6.77 0.11 -4.01
C ALA A 75 -6.02 -0.01 -5.33
N ARG A 76 -6.28 -1.11 -6.03
CA ARG A 76 -5.64 -1.36 -7.31
C ARG A 76 -5.59 -0.07 -8.13
N ALA A 77 -6.71 0.64 -8.13
CA ALA A 77 -6.81 1.89 -8.86
C ALA A 77 -5.74 2.87 -8.36
N ALA A 78 -5.63 2.93 -7.05
CA ALA A 78 -4.66 3.82 -6.42
C ALA A 78 -3.26 3.22 -6.56
N VAL A 79 -3.23 1.91 -6.74
CA VAL A 79 -1.96 1.21 -6.90
C VAL A 79 -1.31 1.60 -8.22
N LEU A 80 -1.96 1.21 -9.31
CA LEU A 80 -1.45 1.52 -10.64
C LEU A 80 -1.55 3.03 -10.87
N GLY A 81 -2.74 3.56 -10.60
CA GLY A 81 -2.98 4.99 -10.78
C GLY A 81 -1.78 5.81 -10.30
N GLU A 82 -1.24 5.39 -9.16
CA GLU A 82 -0.10 6.09 -8.58
C GLU A 82 1.20 5.39 -9.00
N ASN A 83 1.30 4.12 -8.64
CA ASN A 83 2.48 3.34 -8.98
C ASN A 83 3.04 3.82 -10.32
N GLY A 84 4.28 4.27 -10.27
CA GLY A 84 4.95 4.76 -11.46
C GLY A 84 5.14 6.28 -11.40
N ARG A 85 4.42 6.89 -10.48
CA ARG A 85 4.51 8.33 -10.31
C ARG A 85 5.88 8.73 -9.76
N VAL A 86 6.24 9.99 -9.98
CA VAL A 86 7.51 10.49 -9.53
C VAL A 86 7.28 11.67 -8.57
N LEU A 87 8.09 11.73 -7.53
CA LEU A 87 7.98 12.79 -6.55
C LEU A 87 9.37 13.07 -5.96
N ALA A 88 9.84 14.29 -6.19
CA ALA A 88 11.14 14.70 -5.69
C ALA A 88 12.23 14.22 -6.65
N GLY A 89 11.80 13.45 -7.64
CA GLY A 89 12.72 12.92 -8.63
C GLY A 89 12.70 11.39 -8.63
N GLN A 90 12.21 10.83 -7.54
CA GLN A 90 12.13 9.39 -7.39
C GLN A 90 10.76 8.89 -7.86
N THR A 91 10.76 7.71 -8.47
CA THR A 91 9.54 7.11 -8.95
C THR A 91 8.82 6.37 -7.82
N LEU A 92 7.83 7.04 -7.26
CA LEU A 92 7.06 6.46 -6.17
C LEU A 92 6.78 4.98 -6.48
N ASP A 93 7.38 4.11 -5.68
CA ASP A 93 7.20 2.68 -5.86
C ASP A 93 6.01 2.21 -5.03
N ILE A 94 4.89 2.04 -5.70
CA ILE A 94 3.67 1.59 -5.04
C ILE A 94 3.33 0.19 -5.51
N ASN A 95 2.69 -0.57 -4.62
CA ASN A 95 2.31 -1.93 -4.93
C ASN A 95 1.25 -2.40 -3.91
N MET A 96 0.65 -3.54 -4.22
CA MET A 96 -0.37 -4.10 -3.36
C MET A 96 0.26 -4.79 -2.14
N ALA A 97 -0.35 -4.56 -0.99
CA ALA A 97 0.14 -5.14 0.24
C ALA A 97 0.24 -6.65 0.08
N GLY A 98 -0.91 -7.28 -0.09
CA GLY A 98 -0.98 -8.71 -0.26
C GLY A 98 -0.50 -9.13 -1.66
N GLU A 99 0.79 -9.46 -1.73
CA GLU A 99 1.37 -9.86 -3.00
C GLU A 99 2.28 -11.07 -2.80
N PRO A 100 2.11 -12.08 -3.69
CA PRO A 100 2.91 -13.29 -3.62
C PRO A 100 4.34 -13.04 -4.11
N LYS A 101 5.01 -14.14 -4.43
CA LYS A 101 6.38 -14.05 -4.92
C LYS A 101 6.47 -14.76 -6.27
N PRO A 102 7.32 -14.18 -7.17
CA PRO A 102 7.52 -14.75 -8.49
C PRO A 102 8.39 -16.00 -8.43
N ASP A 103 7.99 -16.99 -9.23
CA ASP A 103 8.71 -18.25 -9.27
C ASP A 103 8.85 -18.70 -10.73
N ARG A 104 7.70 -18.94 -11.35
CA ARG A 104 7.68 -19.37 -12.73
C ARG A 104 6.67 -18.54 -13.53
N SER A 105 7.20 -17.53 -14.21
CA SER A 105 6.36 -16.65 -15.01
C SER A 105 5.78 -17.42 -16.20
N GLY A 106 6.68 -18.03 -16.96
CA GLY A 106 6.27 -18.80 -18.13
C GLY A 106 7.34 -18.76 -19.22
N PRO A 107 7.06 -19.50 -20.32
CA PRO A 107 8.00 -19.56 -21.44
C PRO A 107 7.94 -18.28 -22.26
N SER A 108 8.51 -17.23 -21.68
CA SER A 108 8.55 -15.93 -22.34
C SER A 108 9.99 -15.49 -22.56
N SER A 109 10.54 -15.91 -23.70
CA SER A 109 11.90 -15.55 -24.04
C SER A 109 12.86 -16.11 -22.98
N GLY A 110 14.08 -16.38 -23.41
CA GLY A 110 15.09 -16.90 -22.52
C GLY A 110 16.46 -16.26 -22.79
N GLY A 1 -19.45 -35.63 4.91
CA GLY A 1 -20.24 -36.10 6.02
C GLY A 1 -21.73 -35.91 5.77
N SER A 2 -22.52 -36.20 6.80
CA SER A 2 -23.96 -36.07 6.69
C SER A 2 -24.47 -35.08 7.75
N SER A 3 -25.71 -34.65 7.57
CA SER A 3 -26.31 -33.70 8.49
C SER A 3 -26.08 -34.16 9.93
N GLY A 4 -25.17 -33.48 10.61
CA GLY A 4 -24.85 -33.80 11.99
C GLY A 4 -25.06 -32.59 12.90
N SER A 5 -23.95 -31.93 13.22
CA SER A 5 -23.99 -30.76 14.08
C SER A 5 -22.88 -29.79 13.69
N SER A 6 -23.25 -28.77 12.94
CA SER A 6 -22.29 -27.77 12.51
C SER A 6 -23.03 -26.51 12.06
N GLY A 7 -22.65 -25.39 12.68
CA GLY A 7 -23.26 -24.11 12.35
C GLY A 7 -22.21 -23.02 12.26
N MET A 8 -22.21 -22.15 13.26
CA MET A 8 -21.25 -21.04 13.30
C MET A 8 -20.08 -21.37 14.21
N SER A 9 -18.97 -20.69 13.96
CA SER A 9 -17.76 -20.90 14.75
C SER A 9 -17.13 -19.55 15.10
N LEU A 10 -16.61 -19.47 16.32
CA LEU A 10 -15.98 -18.25 16.78
C LEU A 10 -17.03 -17.14 16.91
N LYS A 11 -16.76 -16.21 17.80
CA LYS A 11 -17.66 -15.10 18.03
C LYS A 11 -17.36 -13.98 17.02
N LEU A 12 -18.36 -13.14 16.79
CA LEU A 12 -18.21 -12.03 15.87
C LEU A 12 -18.05 -10.73 16.66
N GLN A 13 -17.20 -9.86 16.14
CA GLN A 13 -16.95 -8.58 16.79
C GLN A 13 -16.37 -8.79 18.19
N ALA A 14 -15.04 -8.78 18.26
CA ALA A 14 -14.36 -8.97 19.52
C ALA A 14 -13.41 -7.79 19.76
N SER A 15 -12.87 -7.74 20.97
CA SER A 15 -11.95 -6.68 21.34
C SER A 15 -10.73 -7.28 22.04
N ASN A 16 -9.81 -7.78 21.22
CA ASN A 16 -8.59 -8.38 21.74
C ASN A 16 -7.45 -7.36 21.65
N VAL A 17 -6.41 -7.62 22.42
CA VAL A 17 -5.25 -6.74 22.44
C VAL A 17 -3.98 -7.57 22.22
N THR A 18 -3.96 -8.27 21.09
CA THR A 18 -2.81 -9.09 20.75
C THR A 18 -2.39 -8.85 19.30
N ASN A 19 -3.37 -8.95 18.41
CA ASN A 19 -3.10 -8.75 17.00
C ASN A 19 -2.13 -9.82 16.50
N LYS A 20 -2.70 -10.92 16.03
CA LYS A 20 -1.90 -12.02 15.52
C LYS A 20 -1.79 -11.91 14.00
N ASN A 21 -2.95 -11.86 13.36
CA ASN A 21 -2.99 -11.76 11.91
C ASN A 21 -4.43 -11.45 11.47
N ASP A 22 -4.60 -10.24 10.94
CA ASP A 22 -5.90 -9.82 10.47
C ASP A 22 -5.78 -9.27 9.05
N PRO A 23 -6.24 -10.09 8.08
CA PRO A 23 -6.18 -9.70 6.67
C PRO A 23 -7.26 -8.66 6.35
N LYS A 24 -8.04 -8.33 7.38
CA LYS A 24 -9.12 -7.36 7.21
C LYS A 24 -8.57 -6.12 6.52
N SER A 25 -7.34 -5.76 6.88
CA SER A 25 -6.70 -4.60 6.30
C SER A 25 -6.06 -4.97 4.96
N ILE A 26 -5.72 -6.24 4.84
CA ILE A 26 -5.10 -6.74 3.62
C ILE A 26 -6.13 -6.72 2.49
N ASN A 27 -7.39 -6.77 2.88
CA ASN A 27 -8.48 -6.77 1.91
C ASN A 27 -8.19 -5.72 0.83
N SER A 28 -7.73 -4.57 1.29
CA SER A 28 -7.41 -3.48 0.37
C SER A 28 -6.40 -2.53 1.02
N ARG A 29 -5.15 -2.66 0.60
CA ARG A 29 -4.09 -1.82 1.13
C ARG A 29 -3.07 -1.50 0.04
N VAL A 30 -2.36 -0.40 0.24
CA VAL A 30 -1.36 0.03 -0.72
C VAL A 30 -0.10 0.45 0.03
N PHE A 31 1.05 0.14 -0.57
CA PHE A 31 2.32 0.48 0.03
C PHE A 31 3.12 1.44 -0.87
N ILE A 32 3.11 2.70 -0.46
CA ILE A 32 3.83 3.72 -1.22
C ILE A 32 5.27 3.80 -0.73
N GLY A 33 6.18 3.42 -1.61
CA GLY A 33 7.59 3.44 -1.29
C GLY A 33 8.32 4.57 -2.05
N ASN A 34 9.63 4.49 -2.03
CA ASN A 34 10.45 5.49 -2.70
C ASN A 34 9.84 6.88 -2.49
N LEU A 35 9.27 7.06 -1.31
CA LEU A 35 8.65 8.33 -0.97
C LEU A 35 9.59 9.13 -0.08
N ASN A 36 9.85 10.37 -0.51
CA ASN A 36 10.73 11.25 0.23
C ASN A 36 10.16 11.47 1.63
N THR A 37 8.84 11.45 1.71
CA THR A 37 8.16 11.65 2.98
C THR A 37 8.76 12.84 3.72
N ALA A 38 9.39 13.73 2.96
CA ALA A 38 10.01 14.91 3.53
C ALA A 38 9.17 16.14 3.18
N LEU A 39 8.57 16.10 2.00
CA LEU A 39 7.74 17.19 1.54
C LEU A 39 6.28 16.73 1.47
N VAL A 40 6.11 15.49 1.04
CA VAL A 40 4.79 14.92 0.92
C VAL A 40 4.23 14.63 2.31
N LYS A 41 3.02 15.12 2.55
CA LYS A 41 2.36 14.93 3.83
C LYS A 41 1.27 13.87 3.68
N LYS A 42 0.58 13.63 4.78
CA LYS A 42 -0.50 12.65 4.79
C LYS A 42 -1.76 13.28 4.21
N SER A 43 -2.12 14.43 4.75
CA SER A 43 -3.29 15.15 4.29
C SER A 43 -3.22 15.38 2.78
N ASP A 44 -1.99 15.30 2.26
CA ASP A 44 -1.77 15.49 0.84
C ASP A 44 -1.87 14.15 0.13
N VAL A 45 -0.99 13.23 0.51
CA VAL A 45 -0.97 11.91 -0.08
C VAL A 45 -2.35 11.27 0.07
N GLU A 46 -3.06 11.72 1.09
CA GLU A 46 -4.39 11.19 1.36
C GLU A 46 -5.35 11.58 0.24
N THR A 47 -5.52 12.89 0.06
CA THR A 47 -6.40 13.39 -0.97
C THR A 47 -5.93 12.94 -2.35
N ILE A 48 -4.62 12.77 -2.47
CA ILE A 48 -4.02 12.34 -3.73
C ILE A 48 -4.59 10.96 -4.10
N PHE A 49 -4.59 10.07 -3.12
CA PHE A 49 -5.11 8.73 -3.33
C PHE A 49 -6.60 8.65 -3.02
N SER A 50 -7.09 9.71 -2.40
CA SER A 50 -8.49 9.77 -2.03
C SER A 50 -9.37 9.72 -3.28
N LYS A 51 -8.82 10.26 -4.37
CA LYS A 51 -9.54 10.29 -5.63
C LYS A 51 -9.92 8.87 -6.03
N TYR A 52 -9.13 7.92 -5.54
CA TYR A 52 -9.36 6.53 -5.83
C TYR A 52 -10.36 5.91 -4.83
N GLY A 53 -10.93 6.78 -4.02
CA GLY A 53 -11.89 6.34 -3.02
C GLY A 53 -11.41 6.66 -1.61
N ARG A 54 -12.37 6.77 -0.70
CA ARG A 54 -12.05 7.08 0.68
C ARG A 54 -11.20 5.97 1.30
N VAL A 55 -10.09 6.38 1.88
CA VAL A 55 -9.18 5.43 2.51
C VAL A 55 -9.71 5.05 3.89
N ALA A 56 -9.52 3.79 4.23
CA ALA A 56 -9.98 3.28 5.52
C ALA A 56 -8.95 3.63 6.59
N GLY A 57 -7.74 3.95 6.13
CA GLY A 57 -6.66 4.31 7.04
C GLY A 57 -5.36 4.53 6.28
N CYS A 58 -4.87 5.76 6.34
CA CYS A 58 -3.63 6.12 5.67
C CYS A 58 -2.56 6.36 6.73
N SER A 59 -1.41 5.72 6.51
CA SER A 59 -0.30 5.86 7.43
C SER A 59 0.95 6.34 6.69
N VAL A 60 1.48 7.45 7.16
CA VAL A 60 2.67 8.03 6.55
C VAL A 60 3.90 7.63 7.37
N HIS A 61 4.86 7.04 6.67
CA HIS A 61 6.09 6.60 7.33
C HIS A 61 7.28 7.35 6.71
N LYS A 62 8.40 7.32 7.44
CA LYS A 62 9.60 7.99 6.98
C LYS A 62 10.26 7.13 5.89
N GLY A 63 9.95 7.48 4.65
CA GLY A 63 10.51 6.76 3.51
C GLY A 63 9.41 6.09 2.69
N TYR A 64 8.24 5.96 3.33
CA TYR A 64 7.11 5.33 2.67
C TYR A 64 5.79 5.77 3.32
N ALA A 65 4.70 5.29 2.76
CA ALA A 65 3.38 5.62 3.28
C ALA A 65 2.39 4.53 2.83
N PHE A 66 1.45 4.24 3.73
CA PHE A 66 0.44 3.24 3.44
C PHE A 66 -0.93 3.89 3.23
N VAL A 67 -1.78 3.17 2.51
CA VAL A 67 -3.12 3.66 2.22
C VAL A 67 -4.09 2.49 2.19
N GLN A 68 -5.03 2.50 3.13
CA GLN A 68 -6.02 1.45 3.21
C GLN A 68 -7.34 1.90 2.57
N TYR A 69 -7.99 0.96 1.91
CA TYR A 69 -9.26 1.24 1.25
C TYR A 69 -10.35 0.27 1.71
N SER A 70 -11.57 0.56 1.27
CA SER A 70 -12.70 -0.27 1.62
C SER A 70 -12.84 -1.41 0.62
N ASN A 71 -12.62 -1.09 -0.64
CA ASN A 71 -12.73 -2.08 -1.70
C ASN A 71 -11.32 -2.42 -2.20
N GLU A 72 -11.10 -3.71 -2.43
CA GLU A 72 -9.81 -4.18 -2.91
C GLU A 72 -9.50 -3.57 -4.28
N ARG A 73 -10.53 -2.99 -4.87
CA ARG A 73 -10.38 -2.37 -6.18
C ARG A 73 -9.93 -0.92 -6.03
N HIS A 74 -10.62 -0.20 -5.16
CA HIS A 74 -10.30 1.19 -4.91
C HIS A 74 -8.78 1.36 -4.80
N ALA A 75 -8.14 0.29 -4.33
CA ALA A 75 -6.70 0.30 -4.16
C ALA A 75 -6.03 0.08 -5.52
N ARG A 76 -6.40 -1.02 -6.15
CA ARG A 76 -5.84 -1.36 -7.46
C ARG A 76 -5.79 -0.11 -8.35
N ALA A 77 -6.69 0.82 -8.08
CA ALA A 77 -6.76 2.05 -8.84
C ALA A 77 -5.64 2.99 -8.39
N ALA A 78 -5.51 3.11 -7.07
CA ALA A 78 -4.48 3.96 -6.50
C ALA A 78 -3.12 3.30 -6.66
N VAL A 79 -3.15 1.98 -6.81
CA VAL A 79 -1.92 1.22 -6.98
C VAL A 79 -1.27 1.59 -8.31
N LEU A 80 -1.94 1.21 -9.39
CA LEU A 80 -1.43 1.51 -10.73
C LEU A 80 -1.50 3.02 -10.97
N GLY A 81 -2.67 3.58 -10.70
CA GLY A 81 -2.89 5.01 -10.88
C GLY A 81 -1.68 5.81 -10.38
N GLU A 82 -1.15 5.36 -9.25
CA GLU A 82 0.00 6.03 -8.66
C GLU A 82 1.29 5.34 -9.08
N ASN A 83 1.36 4.05 -8.78
CA ASN A 83 2.54 3.26 -9.13
C ASN A 83 3.09 3.75 -10.47
N GLY A 84 4.30 4.29 -10.41
CA GLY A 84 4.96 4.79 -11.60
C GLY A 84 5.14 6.30 -11.53
N ARG A 85 4.42 6.92 -10.60
CA ARG A 85 4.51 8.35 -10.41
C ARG A 85 5.88 8.74 -9.86
N VAL A 86 6.24 9.99 -10.08
CA VAL A 86 7.52 10.50 -9.62
C VAL A 86 7.29 11.71 -8.71
N LEU A 87 8.09 11.78 -7.66
CA LEU A 87 7.98 12.87 -6.71
C LEU A 87 9.36 13.15 -6.10
N ALA A 88 9.85 14.36 -6.36
CA ALA A 88 11.15 14.76 -5.85
C ALA A 88 12.24 14.26 -6.80
N GLY A 89 11.82 13.47 -7.78
CA GLY A 89 12.75 12.93 -8.75
C GLY A 89 12.72 11.40 -8.73
N GLN A 90 12.20 10.87 -7.63
CA GLN A 90 12.12 9.42 -7.47
C GLN A 90 10.75 8.92 -7.92
N THR A 91 10.76 7.75 -8.55
CA THR A 91 9.52 7.16 -9.04
C THR A 91 8.81 6.40 -7.91
N LEU A 92 7.81 7.07 -7.34
CA LEU A 92 7.05 6.48 -6.26
C LEU A 92 6.77 5.02 -6.58
N ASP A 93 7.42 4.13 -5.82
CA ASP A 93 7.25 2.71 -6.00
C ASP A 93 6.10 2.22 -5.12
N ILE A 94 4.94 2.04 -5.75
CA ILE A 94 3.77 1.57 -5.03
C ILE A 94 3.43 0.15 -5.48
N ASN A 95 2.82 -0.59 -4.57
CA ASN A 95 2.43 -1.96 -4.86
C ASN A 95 1.40 -2.42 -3.84
N MET A 96 0.68 -3.47 -4.20
CA MET A 96 -0.35 -4.02 -3.33
C MET A 96 0.29 -4.73 -2.13
N ALA A 97 -0.33 -4.54 -0.98
CA ALA A 97 0.15 -5.16 0.25
C ALA A 97 0.36 -6.65 0.01
N GLY A 98 -0.75 -7.33 -0.29
CA GLY A 98 -0.71 -8.76 -0.54
C GLY A 98 -0.20 -9.05 -1.95
N GLU A 99 1.11 -9.22 -2.05
CA GLU A 99 1.73 -9.51 -3.34
C GLU A 99 2.28 -10.94 -3.35
N PRO A 100 1.85 -11.71 -4.39
CA PRO A 100 2.29 -13.08 -4.54
C PRO A 100 3.74 -13.15 -5.04
N LYS A 101 4.10 -14.31 -5.54
CA LYS A 101 5.45 -14.52 -6.06
C LYS A 101 5.85 -13.31 -6.90
N PRO A 102 6.71 -12.44 -6.30
CA PRO A 102 7.18 -11.25 -6.98
C PRO A 102 8.23 -11.60 -8.04
N ASP A 103 8.08 -10.99 -9.20
CA ASP A 103 9.00 -11.23 -10.30
C ASP A 103 9.05 -10.00 -11.21
N ARG A 104 10.23 -9.72 -11.72
CA ARG A 104 10.42 -8.58 -12.60
C ARG A 104 11.89 -8.47 -13.04
N SER A 105 12.07 -8.01 -14.26
CA SER A 105 13.41 -7.86 -14.80
C SER A 105 14.01 -6.51 -14.38
N GLY A 106 15.33 -6.46 -14.40
CA GLY A 106 16.03 -5.24 -14.02
C GLY A 106 16.54 -4.49 -15.25
N PRO A 107 16.69 -3.15 -15.07
CA PRO A 107 17.18 -2.31 -16.16
C PRO A 107 18.68 -2.49 -16.39
N SER A 108 19.38 -2.73 -15.28
CA SER A 108 20.82 -2.92 -15.34
C SER A 108 21.49 -1.69 -15.95
N SER A 109 22.09 -0.89 -15.07
CA SER A 109 22.78 0.31 -15.51
C SER A 109 21.86 1.14 -16.42
N GLY A 110 21.10 2.03 -15.79
CA GLY A 110 20.18 2.88 -16.54
C GLY A 110 18.74 2.56 -16.17
N GLY A 1 -42.76 -34.11 9.88
CA GLY A 1 -41.51 -33.41 9.62
C GLY A 1 -41.71 -31.90 9.65
N SER A 2 -40.73 -31.21 10.24
CA SER A 2 -40.78 -29.77 10.35
C SER A 2 -39.45 -29.24 10.87
N SER A 3 -39.28 -27.93 10.73
CA SER A 3 -38.05 -27.28 11.18
C SER A 3 -38.24 -25.76 11.18
N GLY A 4 -37.47 -25.11 12.04
CA GLY A 4 -37.53 -23.67 12.15
C GLY A 4 -36.27 -23.01 11.58
N SER A 5 -35.71 -22.10 12.36
CA SER A 5 -34.51 -21.40 11.94
C SER A 5 -34.11 -20.37 13.00
N SER A 6 -32.87 -20.50 13.46
CA SER A 6 -32.35 -19.60 14.47
C SER A 6 -31.37 -18.61 13.84
N GLY A 7 -31.50 -17.36 14.24
CA GLY A 7 -30.64 -16.31 13.73
C GLY A 7 -29.63 -15.86 14.78
N MET A 8 -28.60 -16.68 14.95
CA MET A 8 -27.55 -16.37 15.92
C MET A 8 -26.21 -16.14 15.22
N SER A 9 -25.49 -15.13 15.70
CA SER A 9 -24.21 -14.79 15.13
C SER A 9 -23.34 -14.09 16.18
N LEU A 10 -22.04 -14.29 16.07
CA LEU A 10 -21.10 -13.69 17.00
C LEU A 10 -20.98 -12.19 16.69
N LYS A 11 -20.37 -11.48 17.62
CA LYS A 11 -20.18 -10.05 17.46
C LYS A 11 -19.02 -9.59 18.35
N LEU A 12 -18.22 -8.69 17.81
CA LEU A 12 -17.09 -8.16 18.54
C LEU A 12 -17.52 -7.80 19.97
N GLN A 13 -16.65 -8.11 20.91
CA GLN A 13 -16.93 -7.82 22.30
C GLN A 13 -15.69 -7.25 22.99
N ALA A 14 -15.61 -5.92 23.00
CA ALA A 14 -14.49 -5.24 23.61
C ALA A 14 -13.20 -5.61 22.86
N SER A 15 -12.16 -4.82 23.10
CA SER A 15 -10.88 -5.05 22.46
C SER A 15 -10.29 -6.38 22.95
N ASN A 16 -10.32 -7.36 22.07
CA ASN A 16 -9.79 -8.67 22.40
C ASN A 16 -8.71 -9.05 21.39
N VAL A 17 -7.50 -9.22 21.90
CA VAL A 17 -6.37 -9.58 21.05
C VAL A 17 -6.46 -11.07 20.69
N THR A 18 -7.17 -11.33 19.60
CA THR A 18 -7.35 -12.70 19.14
C THR A 18 -6.70 -12.88 17.76
N ASN A 19 -5.88 -13.92 17.66
CA ASN A 19 -5.20 -14.21 16.41
C ASN A 19 -4.32 -13.02 16.03
N LYS A 20 -3.02 -13.27 16.04
CA LYS A 20 -2.06 -12.23 15.69
C LYS A 20 -2.30 -11.77 14.26
N ASN A 21 -2.05 -12.68 13.33
CA ASN A 21 -2.23 -12.38 11.92
C ASN A 21 -3.64 -11.81 11.70
N ASP A 22 -3.69 -10.50 11.53
CA ASP A 22 -4.96 -9.82 11.31
C ASP A 22 -5.06 -9.40 9.84
N PRO A 23 -5.87 -10.17 9.08
CA PRO A 23 -6.07 -9.88 7.67
C PRO A 23 -6.98 -8.67 7.48
N LYS A 24 -7.45 -8.14 8.59
CA LYS A 24 -8.33 -6.98 8.56
C LYS A 24 -7.55 -5.77 8.07
N SER A 25 -7.30 -5.76 6.76
CA SER A 25 -6.56 -4.67 6.15
C SER A 25 -6.00 -5.11 4.80
N ILE A 26 -5.55 -6.35 4.76
CA ILE A 26 -4.99 -6.91 3.54
C ILE A 26 -6.04 -6.85 2.43
N ASN A 27 -7.30 -6.88 2.84
CA ASN A 27 -8.40 -6.83 1.90
C ASN A 27 -8.07 -5.83 0.78
N SER A 28 -7.66 -4.65 1.20
CA SER A 28 -7.31 -3.60 0.27
C SER A 28 -6.32 -2.62 0.90
N ARG A 29 -5.05 -2.81 0.57
CA ARG A 29 -4.00 -1.97 1.10
C ARG A 29 -2.97 -1.65 0.02
N VAL A 30 -2.29 -0.53 0.19
CA VAL A 30 -1.28 -0.11 -0.76
C VAL A 30 -0.01 0.33 0.00
N PHE A 31 1.12 -0.04 -0.56
CA PHE A 31 2.40 0.30 0.06
C PHE A 31 3.14 1.36 -0.78
N ILE A 32 3.10 2.58 -0.30
CA ILE A 32 3.75 3.68 -0.98
C ILE A 32 5.21 3.76 -0.52
N GLY A 33 6.10 3.38 -1.42
CA GLY A 33 7.52 3.41 -1.13
C GLY A 33 8.22 4.55 -1.87
N ASN A 34 9.54 4.56 -1.76
CA ASN A 34 10.34 5.60 -2.40
C ASN A 34 9.62 6.94 -2.27
N LEU A 35 9.19 7.24 -1.06
CA LEU A 35 8.48 8.48 -0.79
C LEU A 35 9.34 9.35 0.14
N ASN A 36 9.84 10.43 -0.41
CA ASN A 36 10.68 11.35 0.35
C ASN A 36 10.10 11.50 1.76
N THR A 37 8.77 11.37 1.84
CA THR A 37 8.09 11.48 3.12
C THR A 37 8.67 12.64 3.93
N ALA A 38 9.24 13.60 3.22
CA ALA A 38 9.83 14.76 3.85
C ALA A 38 8.93 15.98 3.62
N LEU A 39 8.36 16.03 2.43
CA LEU A 39 7.49 17.14 2.07
C LEU A 39 6.05 16.63 1.98
N VAL A 40 5.91 15.42 1.45
CA VAL A 40 4.59 14.81 1.31
C VAL A 40 4.05 14.44 2.68
N LYS A 41 2.87 14.95 2.97
CA LYS A 41 2.23 14.68 4.25
C LYS A 41 1.16 13.60 4.06
N LYS A 42 0.47 13.30 5.16
CA LYS A 42 -0.57 12.29 5.13
C LYS A 42 -1.86 12.92 4.58
N SER A 43 -2.10 14.16 4.97
CA SER A 43 -3.28 14.87 4.54
C SER A 43 -3.24 15.06 3.02
N ASP A 44 -2.05 15.36 2.53
CA ASP A 44 -1.87 15.57 1.10
C ASP A 44 -2.02 14.23 0.36
N VAL A 45 -1.09 13.33 0.64
CA VAL A 45 -1.12 12.02 0.01
C VAL A 45 -2.54 11.46 0.09
N GLU A 46 -3.25 11.86 1.12
CA GLU A 46 -4.62 11.41 1.32
C GLU A 46 -5.51 11.90 0.18
N THR A 47 -5.52 13.22 0.01
CA THR A 47 -6.32 13.83 -1.03
C THR A 47 -5.82 13.41 -2.42
N ILE A 48 -4.59 12.90 -2.43
CA ILE A 48 -3.97 12.47 -3.67
C ILE A 48 -4.59 11.14 -4.10
N PHE A 49 -4.58 10.18 -3.18
CA PHE A 49 -5.15 8.88 -3.45
C PHE A 49 -6.67 8.88 -3.25
N SER A 50 -7.10 9.68 -2.29
CA SER A 50 -8.52 9.79 -1.99
C SER A 50 -9.34 9.77 -3.28
N LYS A 51 -8.73 10.28 -4.34
CA LYS A 51 -9.38 10.32 -5.63
C LYS A 51 -9.88 8.93 -5.99
N TYR A 52 -8.99 7.96 -5.85
CA TYR A 52 -9.33 6.57 -6.17
C TYR A 52 -10.47 6.07 -5.28
N GLY A 53 -10.69 6.80 -4.19
CA GLY A 53 -11.75 6.45 -3.26
C GLY A 53 -11.29 6.65 -1.81
N ARG A 54 -12.26 7.00 -0.96
CA ARG A 54 -11.96 7.24 0.44
C ARG A 54 -11.13 6.08 1.01
N VAL A 55 -9.99 6.45 1.57
CA VAL A 55 -9.10 5.46 2.15
C VAL A 55 -9.52 5.17 3.59
N ALA A 56 -9.62 3.88 3.91
CA ALA A 56 -10.02 3.46 5.24
C ALA A 56 -9.04 4.05 6.26
N GLY A 57 -7.76 3.95 5.93
CA GLY A 57 -6.72 4.45 6.81
C GLY A 57 -5.42 4.67 6.04
N CYS A 58 -4.91 5.90 6.12
CA CYS A 58 -3.68 6.25 5.43
C CYS A 58 -2.61 6.53 6.49
N SER A 59 -1.42 6.01 6.24
CA SER A 59 -0.31 6.19 7.16
C SER A 59 0.93 6.66 6.40
N VAL A 60 1.60 7.66 6.97
CA VAL A 60 2.80 8.19 6.36
C VAL A 60 4.02 7.86 7.22
N HIS A 61 4.98 7.20 6.60
CA HIS A 61 6.20 6.81 7.30
C HIS A 61 7.40 7.50 6.67
N LYS A 62 8.46 7.62 7.45
CA LYS A 62 9.68 8.26 6.98
C LYS A 62 10.39 7.32 6.00
N GLY A 63 10.04 7.47 4.73
CA GLY A 63 10.64 6.64 3.69
C GLY A 63 9.56 5.94 2.87
N TYR A 64 8.36 5.92 3.41
CA TYR A 64 7.25 5.28 2.74
C TYR A 64 5.91 5.68 3.39
N ALA A 65 4.84 5.28 2.74
CA ALA A 65 3.51 5.59 3.24
C ALA A 65 2.56 4.43 2.89
N PHE A 66 1.52 4.29 3.71
CA PHE A 66 0.54 3.24 3.50
C PHE A 66 -0.86 3.83 3.31
N VAL A 67 -1.63 3.17 2.45
CA VAL A 67 -2.99 3.62 2.17
C VAL A 67 -3.92 2.41 2.16
N GLN A 68 -4.94 2.50 3.00
CA GLN A 68 -5.92 1.42 3.11
C GLN A 68 -7.25 1.84 2.47
N TYR A 69 -7.91 0.87 1.87
CA TYR A 69 -9.18 1.12 1.21
C TYR A 69 -10.25 0.13 1.70
N SER A 70 -11.48 0.38 1.26
CA SER A 70 -12.59 -0.47 1.64
C SER A 70 -12.83 -1.53 0.57
N ASN A 71 -12.57 -1.14 -0.67
CA ASN A 71 -12.75 -2.04 -1.80
C ASN A 71 -11.38 -2.49 -2.32
N GLU A 72 -11.30 -3.75 -2.68
CA GLU A 72 -10.06 -4.31 -3.20
C GLU A 72 -9.68 -3.64 -4.51
N ARG A 73 -10.65 -2.95 -5.10
CA ARG A 73 -10.44 -2.26 -6.36
C ARG A 73 -9.96 -0.83 -6.09
N HIS A 74 -10.61 -0.19 -5.14
CA HIS A 74 -10.27 1.18 -4.79
C HIS A 74 -8.76 1.29 -4.59
N ALA A 75 -8.15 0.16 -4.27
CA ALA A 75 -6.71 0.12 -4.06
C ALA A 75 -6.01 -0.03 -5.40
N ARG A 76 -6.26 -1.15 -6.05
CA ARG A 76 -5.66 -1.43 -7.34
C ARG A 76 -5.60 -0.15 -8.19
N ALA A 77 -6.68 0.60 -8.12
CA ALA A 77 -6.76 1.85 -8.87
C ALA A 77 -5.66 2.79 -8.40
N ALA A 78 -5.59 2.96 -7.09
CA ALA A 78 -4.60 3.84 -6.50
C ALA A 78 -3.21 3.21 -6.66
N VAL A 79 -3.21 1.88 -6.77
CA VAL A 79 -1.96 1.16 -6.92
C VAL A 79 -1.30 1.56 -8.24
N LEU A 80 -1.96 1.20 -9.33
CA LEU A 80 -1.45 1.52 -10.65
C LEU A 80 -1.59 3.02 -10.90
N GLY A 81 -2.74 3.54 -10.53
CA GLY A 81 -3.02 4.95 -10.72
C GLY A 81 -1.85 5.80 -10.21
N GLU A 82 -1.24 5.33 -9.14
CA GLU A 82 -0.10 6.03 -8.55
C GLU A 82 1.21 5.37 -8.96
N ASN A 83 1.30 4.08 -8.69
CA ASN A 83 2.49 3.32 -9.02
C ASN A 83 3.02 3.79 -10.39
N GLY A 84 4.23 4.32 -10.36
CA GLY A 84 4.86 4.80 -11.58
C GLY A 84 5.08 6.31 -11.51
N ARG A 85 4.29 6.96 -10.67
CA ARG A 85 4.39 8.41 -10.51
C ARG A 85 5.72 8.78 -9.84
N VAL A 86 6.14 10.01 -10.06
CA VAL A 86 7.37 10.50 -9.50
C VAL A 86 7.08 11.65 -8.53
N LEU A 87 7.89 11.73 -7.48
CA LEU A 87 7.72 12.78 -6.49
C LEU A 87 9.08 13.13 -5.90
N ALA A 88 9.50 14.37 -6.13
CA ALA A 88 10.78 14.83 -5.64
C ALA A 88 11.88 14.47 -6.63
N GLY A 89 11.52 13.61 -7.58
CA GLY A 89 12.47 13.19 -8.59
C GLY A 89 12.57 11.65 -8.63
N GLN A 90 11.97 11.03 -7.62
CA GLN A 90 11.99 9.58 -7.54
C GLN A 90 10.62 9.01 -7.91
N THR A 91 10.65 7.84 -8.54
CA THR A 91 9.41 7.18 -8.96
C THR A 91 8.78 6.45 -7.78
N LEU A 92 7.66 6.99 -7.32
CA LEU A 92 6.94 6.40 -6.20
C LEU A 92 6.69 4.92 -6.49
N ASP A 93 7.30 4.08 -5.65
CA ASP A 93 7.15 2.65 -5.81
C ASP A 93 5.94 2.17 -4.98
N ILE A 94 4.84 1.97 -5.68
CA ILE A 94 3.62 1.52 -5.03
C ILE A 94 3.27 0.11 -5.52
N ASN A 95 2.68 -0.66 -4.62
CA ASN A 95 2.29 -2.03 -4.96
C ASN A 95 1.27 -2.52 -3.94
N MET A 96 0.60 -3.61 -4.30
CA MET A 96 -0.40 -4.20 -3.42
C MET A 96 0.25 -4.83 -2.20
N ALA A 97 -0.38 -4.59 -1.05
CA ALA A 97 0.13 -5.13 0.20
C ALA A 97 -0.11 -6.65 0.23
N GLY A 98 0.97 -7.37 0.50
CA GLY A 98 0.90 -8.82 0.56
C GLY A 98 1.61 -9.45 -0.64
N GLU A 99 2.88 -9.12 -0.78
CA GLU A 99 3.68 -9.64 -1.87
C GLU A 99 4.44 -10.90 -1.43
N PRO A 100 4.30 -11.98 -2.23
CA PRO A 100 4.96 -13.24 -1.94
C PRO A 100 6.45 -13.16 -2.24
N LYS A 101 7.06 -14.33 -2.35
CA LYS A 101 8.48 -14.41 -2.64
C LYS A 101 8.71 -14.23 -4.15
N PRO A 102 9.58 -13.25 -4.48
CA PRO A 102 9.88 -12.96 -5.88
C PRO A 102 10.80 -14.03 -6.46
N ASP A 103 11.80 -14.42 -5.67
CA ASP A 103 12.75 -15.42 -6.09
C ASP A 103 13.69 -14.82 -7.14
N ARG A 104 13.10 -14.42 -8.25
CA ARG A 104 13.87 -13.83 -9.33
C ARG A 104 13.62 -12.31 -9.39
N SER A 105 14.61 -11.57 -8.91
CA SER A 105 14.52 -10.12 -8.90
C SER A 105 15.87 -9.51 -9.25
N GLY A 106 15.98 -9.03 -10.49
CA GLY A 106 17.21 -8.41 -10.95
C GLY A 106 17.27 -6.94 -10.55
N PRO A 107 18.31 -6.24 -11.08
CA PRO A 107 18.50 -4.84 -10.79
C PRO A 107 17.49 -3.97 -11.55
N SER A 108 16.29 -3.90 -10.99
CA SER A 108 15.23 -3.12 -11.60
C SER A 108 15.05 -1.80 -10.85
N SER A 109 15.42 -0.72 -11.52
CA SER A 109 15.30 0.61 -10.94
C SER A 109 15.30 1.68 -12.04
N GLY A 110 16.38 1.68 -12.81
CA GLY A 110 16.51 2.63 -13.89
C GLY A 110 17.75 2.32 -14.75
#